data_4HHZ
#
_entry.id   4HHZ
#
_cell.length_a   103.020
_cell.length_b   107.260
_cell.length_c   142.210
_cell.angle_alpha   90.00
_cell.angle_beta   90.00
_cell.angle_gamma   90.00
#
_symmetry.space_group_name_H-M   'P 21 21 21'
#
loop_
_entity.id
_entity.type
_entity.pdbx_description
1 polymer 'Poly [ADP-ribose] polymerase 1'
2 non-polymer N-{(2S)-1-[4-(4-fluorophenyl)-3,6-dihydropyridin-1(2H)-yl]-1-oxopropan-2-yl}-2-[(9aR)-7-oxo-2,3,7,8,9,9a-hexahydro-1H-benzo[de][1,7]naphthyridin-1-yl]acetamide
3 non-polymer 'SULFATE ION'
4 water water
#
_entity_poly.entity_id   1
_entity_poly.type   'polypeptide(L)'
_entity_poly.pdbx_seq_one_letter_code
;GPLGSKSKLPKPVQDLIKMIFDVESMKKAMVEYEIDLQKMPLGKLSKRQIQAAYSILSEVQQAVSQGSSDSQILDLSNRF
YTLIPHDFGMKKPPLLNNADSVQAKAEMLDNLLDIEVAYSLLRGGSDDSSKDPIDVNYEKLKTDIKVVDRDSEEAEIIRK
YVKNTHATTHNAYDLEVIDIFKIEREGECQRYKPFKQLHNRRLLWHGSRTTNFAGILSQGLRIAPPEAPVTGYMFGKGIY
FADMVSKSANYCHTSQGDPIGLILLGEVALGNMYELKHASHISKLPKGKHSVKGLGKTTPDPSANISLDGVDVPLGTGIS
SGVNDTSLLYNEYIVYDIAQVNLKYLLKLKFNFKT
;
_entity_poly.pdbx_strand_id   A,B,C,D
#
loop_
_chem_comp.id
_chem_comp.type
_chem_comp.name
_chem_comp.formula
15S non-polymer N-{(2S)-1-[4-(4-fluorophenyl)-3,6-dihydropyridin-1(2H)-yl]-1-oxopropan-2-yl}-2-[(9aR)-7-oxo-2,3,7,8,9,9a-hexahydro-1H-benzo[de][1,7]naphthyridin-1-yl]acetamide 'C27 H29 F N4 O3'
SO4 non-polymer 'SULFATE ION' 'O4 S -2'
#
# COMPACT_ATOMS: atom_id res chain seq x y z
N LYS A 6 -18.89 17.28 -12.07
CA LYS A 6 -17.98 17.00 -10.95
C LYS A 6 -18.69 16.83 -9.61
N SER A 7 -17.99 17.23 -8.54
CA SER A 7 -18.51 17.11 -7.18
C SER A 7 -18.67 18.48 -6.52
N LYS A 8 -19.82 18.67 -5.88
CA LYS A 8 -20.14 19.94 -5.25
C LYS A 8 -19.95 19.92 -3.74
N LEU A 9 -19.61 18.76 -3.19
CA LEU A 9 -19.41 18.63 -1.74
C LEU A 9 -18.26 19.52 -1.28
N PRO A 10 -18.39 20.14 -0.11
CA PRO A 10 -17.33 21.05 0.35
C PRO A 10 -16.01 20.31 0.43
N LYS A 11 -14.91 21.05 0.36
CA LYS A 11 -13.61 20.42 0.27
C LYS A 11 -13.33 19.44 1.40
N PRO A 12 -13.51 19.87 2.67
CA PRO A 12 -13.19 18.94 3.76
C PRO A 12 -13.94 17.62 3.66
N VAL A 13 -15.15 17.64 3.12
CA VAL A 13 -15.90 16.40 3.00
C VAL A 13 -15.23 15.49 2.00
N GLN A 14 -14.66 16.09 0.95
CA GLN A 14 -14.06 15.31 -0.11
C GLN A 14 -12.87 14.59 0.47
N ASP A 15 -12.11 15.33 1.27
CA ASP A 15 -11.01 14.75 2.03
C ASP A 15 -11.48 13.58 2.88
N LEU A 16 -12.45 13.84 3.75
CA LEU A 16 -12.98 12.82 4.63
C LEU A 16 -13.27 11.55 3.86
N ILE A 17 -13.97 11.70 2.74
CA ILE A 17 -14.32 10.55 1.93
C ILE A 17 -13.07 9.81 1.50
N LYS A 18 -12.06 10.57 1.07
CA LYS A 18 -10.84 9.99 0.57
C LYS A 18 -10.22 9.23 1.73
N MET A 19 -10.14 9.94 2.84
CA MET A 19 -9.54 9.43 4.05
C MET A 19 -10.11 8.07 4.39
N ILE A 20 -11.44 7.95 4.37
CA ILE A 20 -12.04 6.75 4.90
C ILE A 20 -12.17 5.65 3.86
N PHE A 21 -11.97 6.00 2.60
CA PHE A 21 -11.96 4.96 1.57
C PHE A 21 -10.57 4.67 1.04
N ASP A 22 -9.55 4.98 1.84
CA ASP A 22 -8.16 4.79 1.44
C ASP A 22 -7.75 3.35 1.43
N VAL A 23 -7.70 2.74 0.23
CA VAL A 23 -7.30 1.34 0.08
C VAL A 23 -5.89 1.03 0.59
N GLU A 24 -4.97 1.96 0.39
CA GLU A 24 -3.61 1.77 0.86
C GLU A 24 -3.60 1.70 2.39
N SER A 25 -4.35 2.57 3.04
CA SER A 25 -4.48 2.53 4.50
C SER A 25 -4.97 1.15 4.94
N MET A 26 -5.88 0.56 4.18
CA MET A 26 -6.44 -0.73 4.54
C MET A 26 -5.34 -1.74 4.56
N LYS A 27 -4.64 -1.85 3.44
CA LYS A 27 -3.50 -2.76 3.31
C LYS A 27 -2.41 -2.49 4.35
N LYS A 28 -2.09 -1.21 4.62
CA LYS A 28 -1.07 -0.90 5.65
C LYS A 28 -1.47 -1.45 7.02
N ALA A 29 -2.76 -1.43 7.29
CA ALA A 29 -3.30 -1.92 8.55
C ALA A 29 -3.13 -3.42 8.63
N MET A 30 -3.39 -4.10 7.52
CA MET A 30 -3.23 -5.54 7.48
C MET A 30 -1.76 -5.90 7.56
N VAL A 31 -0.93 -5.07 6.95
CA VAL A 31 0.48 -5.33 7.04
C VAL A 31 0.88 -5.22 8.50
N GLU A 32 0.34 -4.22 9.20
CA GLU A 32 0.64 -4.05 10.62
C GLU A 32 0.14 -5.22 11.47
N TYR A 33 -0.90 -5.91 11.01
CA TYR A 33 -1.44 -7.05 11.77
C TYR A 33 -0.62 -8.31 11.50
N GLU A 34 0.34 -8.17 10.61
CA GLU A 34 1.21 -9.25 10.18
C GLU A 34 0.43 -10.25 9.35
N ILE A 35 -0.64 -9.79 8.73
CA ILE A 35 -1.39 -10.71 7.89
C ILE A 35 -0.70 -11.00 6.57
N ASP A 36 -0.70 -12.27 6.18
CA ASP A 36 -0.12 -12.66 4.92
C ASP A 36 -1.01 -12.11 3.85
N LEU A 37 -0.62 -10.97 3.29
CA LEU A 37 -1.35 -10.32 2.21
C LEU A 37 -1.24 -11.09 0.90
N GLN A 38 -0.28 -12.00 0.82
CA GLN A 38 -0.19 -12.86 -0.33
C GLN A 38 -1.20 -13.98 -0.22
N LYS A 39 -1.25 -14.63 0.95
CA LYS A 39 -2.18 -15.74 1.17
C LYS A 39 -3.64 -15.26 1.26
N MET A 40 -3.83 -14.09 1.85
CA MET A 40 -5.15 -13.51 2.00
C MET A 40 -5.13 -12.03 1.62
N PRO A 41 -5.21 -11.74 0.32
CA PRO A 41 -5.25 -10.33 -0.10
C PRO A 41 -6.47 -9.60 0.47
N LEU A 42 -6.46 -8.28 0.41
CA LEU A 42 -7.62 -7.46 0.75
C LEU A 42 -8.86 -7.94 0.02
N GLY A 43 -8.71 -8.38 -1.22
CA GLY A 43 -9.87 -8.71 -2.02
C GLY A 43 -10.52 -9.99 -1.58
N LYS A 44 -9.76 -10.88 -0.95
CA LYS A 44 -10.27 -12.21 -0.60
C LYS A 44 -11.06 -12.18 0.70
N LEU A 45 -10.91 -11.08 1.45
CA LEU A 45 -11.55 -10.86 2.74
C LEU A 45 -13.01 -11.24 2.81
N SER A 46 -13.31 -12.16 3.70
CA SER A 46 -14.61 -12.75 3.72
C SER A 46 -15.22 -12.55 5.11
N LYS A 47 -16.37 -11.93 5.16
CA LYS A 47 -17.19 -11.84 6.37
C LYS A 47 -17.46 -13.21 7.00
N ARG A 48 -17.63 -14.22 6.14
CA ARG A 48 -17.80 -15.59 6.57
C ARG A 48 -16.49 -16.14 7.16
N GLN A 49 -15.38 -15.83 6.49
CA GLN A 49 -14.09 -16.26 6.99
C GLN A 49 -13.85 -15.61 8.37
N ILE A 50 -14.13 -14.31 8.47
CA ILE A 50 -13.85 -13.57 9.69
C ILE A 50 -14.72 -14.14 10.80
N GLN A 51 -15.93 -14.54 10.42
CA GLN A 51 -16.86 -15.09 11.39
C GLN A 51 -16.26 -16.40 11.92
N ALA A 52 -15.79 -17.25 11.03
CA ALA A 52 -15.20 -18.54 11.44
C ALA A 52 -14.06 -18.36 12.43
N ALA A 53 -13.19 -17.39 12.16
CA ALA A 53 -12.13 -16.99 13.07
C ALA A 53 -12.62 -16.60 14.49
N TYR A 54 -13.69 -15.82 14.56
CA TYR A 54 -14.27 -15.37 15.81
C TYR A 54 -14.67 -16.60 16.61
N SER A 55 -15.36 -17.52 15.95
CA SER A 55 -15.80 -18.74 16.59
C SER A 55 -14.64 -19.54 17.16
N ILE A 56 -13.51 -19.54 16.46
CA ILE A 56 -12.32 -20.26 16.92
C ILE A 56 -11.70 -19.53 18.10
N LEU A 57 -11.68 -18.19 18.05
CA LEU A 57 -11.20 -17.42 19.18
C LEU A 57 -12.03 -17.75 20.42
N SER A 58 -13.33 -18.02 20.24
CA SER A 58 -14.19 -18.35 21.36
C SER A 58 -13.90 -19.75 21.90
N GLU A 59 -13.69 -20.71 21.01
CA GLU A 59 -13.33 -22.05 21.45
C GLU A 59 -11.95 -22.07 22.08
N VAL A 60 -11.03 -21.29 21.54
CA VAL A 60 -9.72 -21.16 22.18
C VAL A 60 -9.90 -20.67 23.59
N GLN A 61 -10.65 -19.57 23.75
CA GLN A 61 -10.78 -18.95 25.05
C GLN A 61 -11.50 -19.89 26.04
N GLN A 62 -12.51 -20.61 25.55
CA GLN A 62 -13.17 -21.63 26.34
C GLN A 62 -12.22 -22.76 26.72
N ALA A 63 -11.32 -23.11 25.81
CA ALA A 63 -10.38 -24.17 26.07
C ALA A 63 -9.48 -23.75 27.22
N VAL A 64 -8.94 -22.55 27.14
CA VAL A 64 -8.08 -22.04 28.20
C VAL A 64 -8.80 -22.06 29.56
N SER A 65 -10.09 -21.73 29.55
CA SER A 65 -10.90 -21.70 30.75
C SER A 65 -11.26 -23.09 31.21
N GLN A 66 -11.65 -23.93 30.26
CA GLN A 66 -12.17 -25.28 30.53
C GLN A 66 -11.21 -26.09 31.39
N GLY A 67 -9.92 -25.95 31.15
CA GLY A 67 -8.95 -26.79 31.81
C GLY A 67 -8.33 -27.75 30.82
N SER A 68 -8.82 -27.70 29.58
CA SER A 68 -8.14 -28.32 28.46
C SER A 68 -6.76 -27.68 28.38
N SER A 69 -5.77 -28.31 27.76
CA SER A 69 -5.59 -29.73 27.52
C SER A 69 -4.17 -29.67 26.99
N ASP A 70 -3.86 -28.52 26.39
CA ASP A 70 -2.66 -28.30 25.59
C ASP A 70 -2.62 -29.23 24.39
N SER A 71 -1.97 -28.79 23.33
CA SER A 71 -2.05 -29.47 22.04
C SER A 71 -3.51 -29.57 21.55
N GLN A 72 -4.47 -29.43 22.46
CA GLN A 72 -5.85 -29.20 22.06
C GLN A 72 -6.05 -27.69 21.94
N ILE A 73 -5.48 -26.95 22.89
CA ILE A 73 -5.36 -25.50 22.78
C ILE A 73 -4.57 -25.17 21.53
N LEU A 74 -3.48 -25.90 21.30
CA LEU A 74 -2.63 -25.67 20.12
C LEU A 74 -3.38 -25.98 18.84
N ASP A 75 -4.24 -26.98 18.88
CA ASP A 75 -5.02 -27.34 17.71
C ASP A 75 -5.84 -26.14 17.27
N LEU A 76 -6.69 -25.71 18.19
CA LEU A 76 -7.53 -24.55 18.00
C LEU A 76 -6.66 -23.37 17.55
N SER A 77 -5.60 -23.11 18.31
CA SER A 77 -4.73 -21.98 18.04
C SER A 77 -4.16 -21.99 16.62
N ASN A 78 -3.90 -23.18 16.10
CA ASN A 78 -3.44 -23.30 14.73
C ASN A 78 -4.58 -23.10 13.75
N ARG A 79 -5.73 -23.65 14.09
CA ARG A 79 -6.91 -23.51 13.27
C ARG A 79 -7.18 -22.03 12.96
N PHE A 80 -7.06 -21.18 13.99
CA PHE A 80 -7.23 -19.74 13.78
C PHE A 80 -6.27 -19.19 12.72
N TYR A 81 -4.96 -19.40 12.90
CA TYR A 81 -3.99 -18.93 11.92
C TYR A 81 -4.20 -19.54 10.53
N THR A 82 -4.86 -20.69 10.48
CA THR A 82 -5.20 -21.30 9.21
C THR A 82 -6.22 -20.42 8.53
N LEU A 83 -7.16 -19.91 9.32
CA LEU A 83 -8.25 -19.12 8.79
C LEU A 83 -7.77 -17.73 8.42
N ILE A 84 -6.93 -17.14 9.26
CA ILE A 84 -6.36 -15.83 8.97
C ILE A 84 -4.83 -15.94 8.99
N PRO A 85 -4.26 -16.27 7.83
CA PRO A 85 -2.83 -16.54 7.66
C PRO A 85 -1.99 -15.35 8.08
N HIS A 86 -0.93 -15.59 8.83
CA HIS A 86 -0.01 -14.52 9.20
C HIS A 86 1.36 -14.81 8.61
N ASP A 87 2.25 -13.83 8.74
CA ASP A 87 3.53 -13.84 8.08
C ASP A 87 4.46 -13.10 9.02
N PHE A 88 5.21 -13.84 9.83
CA PHE A 88 5.89 -13.23 10.97
C PHE A 88 7.42 -13.01 10.86
N GLY A 89 8.03 -13.41 9.74
CA GLY A 89 9.47 -13.32 9.63
C GLY A 89 10.14 -14.22 10.66
N MET A 90 11.05 -13.65 11.46
CA MET A 90 11.85 -14.44 12.42
C MET A 90 11.00 -15.15 13.45
N LYS A 91 10.09 -14.38 14.04
CA LYS A 91 9.24 -14.86 15.12
C LYS A 91 8.27 -15.94 14.63
N LYS A 92 8.02 -16.92 15.48
CA LYS A 92 6.90 -17.83 15.26
C LYS A 92 5.63 -17.11 15.73
N PRO A 93 4.48 -17.41 15.11
CA PRO A 93 3.23 -16.75 15.50
C PRO A 93 2.78 -17.20 16.90
N PRO A 94 2.47 -16.23 17.77
CA PRO A 94 2.19 -16.42 19.19
C PRO A 94 1.13 -17.49 19.49
N LEU A 95 1.45 -18.39 20.41
CA LEU A 95 0.44 -19.33 20.88
C LEU A 95 -0.73 -18.56 21.49
N LEU A 96 -1.94 -18.82 21.01
CA LEU A 96 -3.13 -18.27 21.63
C LEU A 96 -3.56 -19.15 22.77
N ASN A 97 -2.96 -18.97 23.94
CA ASN A 97 -3.32 -19.78 25.10
C ASN A 97 -3.54 -18.94 26.37
N ASN A 98 -3.84 -17.66 26.18
CA ASN A 98 -4.05 -16.76 27.30
C ASN A 98 -4.88 -15.55 26.86
N ALA A 99 -5.67 -15.02 27.79
CA ALA A 99 -6.61 -13.96 27.50
C ALA A 99 -6.04 -12.75 26.76
N ASP A 100 -4.78 -12.41 26.97
CA ASP A 100 -4.23 -11.26 26.27
C ASP A 100 -4.03 -11.58 24.81
N SER A 101 -3.62 -12.80 24.53
CA SER A 101 -3.41 -13.24 23.17
C SER A 101 -4.72 -13.26 22.39
N VAL A 102 -5.76 -13.91 22.94
CA VAL A 102 -7.01 -14.06 22.21
C VAL A 102 -7.80 -12.76 22.06
N GLN A 103 -7.67 -11.85 23.03
CA GLN A 103 -8.38 -10.59 22.93
C GLN A 103 -7.64 -9.62 22.00
N ALA A 104 -6.35 -9.85 21.77
CA ALA A 104 -5.64 -9.11 20.71
C ALA A 104 -6.07 -9.53 19.27
N LYS A 105 -6.25 -10.84 19.05
CA LYS A 105 -6.71 -11.31 17.78
C LYS A 105 -8.16 -10.89 17.58
N ALA A 106 -8.89 -10.78 18.68
CA ALA A 106 -10.29 -10.36 18.62
C ALA A 106 -10.46 -8.90 18.14
N GLU A 107 -9.63 -8.00 18.66
CA GLU A 107 -9.66 -6.61 18.26
C GLU A 107 -9.29 -6.48 16.80
N MET A 108 -8.24 -7.19 16.42
CA MET A 108 -7.82 -7.22 15.03
C MET A 108 -8.97 -7.68 14.14
N LEU A 109 -9.65 -8.74 14.54
CA LEU A 109 -10.78 -9.20 13.76
C LEU A 109 -11.89 -8.16 13.67
N ASP A 110 -12.10 -7.39 14.73
CA ASP A 110 -13.06 -6.31 14.68
C ASP A 110 -12.62 -5.36 13.58
N ASN A 111 -11.35 -5.01 13.58
CA ASN A 111 -10.83 -4.04 12.64
C ASN A 111 -10.90 -4.58 11.22
N LEU A 112 -10.59 -5.88 11.07
CA LEU A 112 -10.67 -6.51 9.76
C LEU A 112 -12.09 -6.51 9.23
N LEU A 113 -13.02 -6.96 10.07
CA LEU A 113 -14.43 -7.00 9.75
C LEU A 113 -14.93 -5.66 9.21
N ASP A 114 -14.45 -4.57 9.78
CA ASP A 114 -14.90 -3.26 9.35
C ASP A 114 -14.19 -2.81 8.07
N ILE A 115 -13.02 -3.39 7.82
CA ILE A 115 -12.26 -3.15 6.61
C ILE A 115 -12.96 -3.88 5.47
N GLU A 116 -13.43 -5.09 5.73
CA GLU A 116 -14.16 -5.90 4.77
C GLU A 116 -15.41 -5.14 4.31
N VAL A 117 -16.06 -4.47 5.25
CA VAL A 117 -17.23 -3.68 4.92
C VAL A 117 -16.86 -2.54 3.98
N ALA A 118 -15.79 -1.84 4.34
CA ALA A 118 -15.35 -0.67 3.60
C ALA A 118 -15.06 -1.02 2.17
N TYR A 119 -14.34 -2.11 2.00
CA TYR A 119 -13.81 -2.47 0.71
C TYR A 119 -14.97 -2.94 -0.14
N SER A 120 -15.86 -3.71 0.45
CA SER A 120 -17.02 -4.23 -0.26
C SER A 120 -17.99 -3.12 -0.68
N LEU A 121 -17.99 -2.01 0.04
CA LEU A 121 -18.73 -0.82 -0.34
C LEU A 121 -18.09 -0.25 -1.58
N LEU A 122 -16.77 -0.23 -1.57
CA LEU A 122 -15.99 0.42 -2.61
C LEU A 122 -15.91 -0.41 -3.87
N ARG A 123 -16.26 -1.70 -3.78
CA ARG A 123 -16.19 -2.56 -4.93
C ARG A 123 -17.54 -2.64 -5.63
N GLY A 124 -18.61 -2.81 -4.85
CA GLY A 124 -19.95 -2.93 -5.36
C GLY A 124 -20.47 -1.62 -5.92
N GLY A 125 -21.74 -1.61 -6.35
CA GLY A 125 -22.36 -0.42 -6.91
C GLY A 125 -22.14 -0.35 -8.41
N SER A 126 -22.76 0.65 -9.06
CA SER A 126 -22.66 0.77 -10.51
C SER A 126 -21.24 1.06 -10.99
N ASP A 127 -20.72 0.21 -11.87
CA ASP A 127 -19.42 0.47 -12.48
C ASP A 127 -19.56 1.42 -13.68
N ASP A 128 -20.80 1.74 -14.03
CA ASP A 128 -21.06 2.93 -14.83
C ASP A 128 -20.68 4.09 -13.93
N SER A 129 -20.14 5.15 -14.49
CA SER A 129 -19.73 6.25 -13.65
C SER A 129 -20.16 7.60 -14.20
N SER A 130 -21.46 7.85 -14.08
CA SER A 130 -22.01 9.15 -14.43
C SER A 130 -21.39 10.28 -13.59
N LYS A 131 -21.30 10.03 -12.28
CA LYS A 131 -20.90 11.09 -11.34
C LYS A 131 -19.45 11.00 -10.84
N ASP A 132 -18.98 12.08 -10.21
CA ASP A 132 -17.65 12.14 -9.63
C ASP A 132 -17.50 10.97 -8.66
N PRO A 133 -16.44 10.16 -8.82
CA PRO A 133 -16.37 8.91 -8.04
C PRO A 133 -16.37 9.21 -6.55
N ILE A 134 -15.97 10.43 -6.17
CA ILE A 134 -16.12 10.88 -4.80
C ILE A 134 -17.58 10.76 -4.43
N ASP A 135 -18.43 11.44 -5.19
CA ASP A 135 -19.86 11.48 -4.87
C ASP A 135 -20.46 10.09 -4.86
N VAL A 136 -19.84 9.16 -5.58
CA VAL A 136 -20.34 7.79 -5.61
C VAL A 136 -20.08 7.11 -4.28
N ASN A 137 -18.88 7.32 -3.73
CA ASN A 137 -18.50 6.71 -2.46
C ASN A 137 -19.26 7.36 -1.32
N TYR A 138 -19.26 8.69 -1.32
CA TYR A 138 -20.08 9.48 -0.41
C TYR A 138 -21.47 8.89 -0.28
N GLU A 139 -22.15 8.70 -1.40
CA GLU A 139 -23.50 8.13 -1.39
C GLU A 139 -23.50 6.78 -0.71
N LYS A 140 -22.49 5.97 -1.00
CA LYS A 140 -22.38 4.62 -0.45
C LYS A 140 -22.29 4.65 1.07
N LEU A 141 -21.94 5.80 1.63
CA LEU A 141 -21.90 5.93 3.08
C LEU A 141 -23.28 6.12 3.69
N LYS A 142 -24.28 6.43 2.84
CA LYS A 142 -25.69 6.60 3.23
C LYS A 142 -25.87 7.55 4.41
N THR A 143 -25.11 8.63 4.39
CA THR A 143 -25.00 9.50 5.52
C THR A 143 -24.90 10.93 5.02
N ASP A 144 -25.80 11.78 5.45
CA ASP A 144 -25.69 13.16 5.05
C ASP A 144 -24.55 13.74 5.83
N ILE A 145 -23.54 14.25 5.12
CA ILE A 145 -22.40 14.85 5.81
C ILE A 145 -22.25 16.31 5.40
N LYS A 146 -22.45 17.19 6.37
CA LYS A 146 -22.32 18.61 6.14
C LYS A 146 -21.19 19.16 7.00
N VAL A 147 -20.50 20.19 6.50
CA VAL A 147 -19.46 20.85 7.28
C VAL A 147 -20.07 21.89 8.18
N VAL A 148 -19.62 21.88 9.43
CA VAL A 148 -20.00 22.86 10.41
C VAL A 148 -19.06 24.06 10.33
N ASP A 149 -19.63 25.22 10.04
CA ASP A 149 -18.87 26.47 9.92
C ASP A 149 -17.98 26.65 11.14
N ARG A 150 -16.72 26.98 10.90
CA ARG A 150 -15.77 27.15 11.99
C ARG A 150 -16.21 28.22 13.00
N ASP A 151 -16.78 29.31 12.51
CA ASP A 151 -17.09 30.47 13.35
C ASP A 151 -18.48 30.39 14.01
N SER A 152 -19.08 29.21 13.99
CA SER A 152 -20.39 29.02 14.58
C SER A 152 -20.20 28.69 16.04
N GLU A 153 -21.16 29.05 16.86
CA GLU A 153 -21.12 28.76 18.28
C GLU A 153 -21.17 27.25 18.47
N GLU A 154 -21.92 26.58 17.59
CA GLU A 154 -21.90 25.13 17.43
C GLU A 154 -20.45 24.68 17.52
N ALA A 155 -19.67 25.06 16.50
CA ALA A 155 -18.24 24.82 16.47
C ALA A 155 -17.50 25.29 17.74
N GLU A 156 -17.96 26.37 18.34
CA GLU A 156 -17.29 26.91 19.51
C GLU A 156 -17.43 25.97 20.70
N ILE A 157 -18.61 25.37 20.83
CA ILE A 157 -18.87 24.45 21.92
C ILE A 157 -18.01 23.19 21.76
N ILE A 158 -17.95 22.68 20.54
CA ILE A 158 -17.19 21.46 20.29
C ILE A 158 -15.71 21.63 20.65
N ARG A 159 -15.10 22.74 20.23
CA ARG A 159 -13.68 22.99 20.51
C ARG A 159 -13.43 23.08 22.01
N LYS A 160 -14.36 23.71 22.72
CA LYS A 160 -14.25 23.85 24.16
C LYS A 160 -14.32 22.46 24.79
N TYR A 161 -15.20 21.63 24.25
CA TYR A 161 -15.37 20.25 24.71
C TYR A 161 -14.06 19.51 24.46
N VAL A 162 -13.51 19.68 23.27
CA VAL A 162 -12.24 19.04 22.94
C VAL A 162 -11.12 19.52 23.86
N LYS A 163 -11.13 20.80 24.19
CA LYS A 163 -10.04 21.44 24.91
C LYS A 163 -10.12 21.23 26.42
N ASN A 164 -11.33 21.29 26.97
CA ASN A 164 -11.49 21.16 28.41
C ASN A 164 -11.27 19.74 28.88
N THR A 165 -11.75 18.79 28.08
CA THR A 165 -11.80 17.39 28.50
C THR A 165 -10.59 16.57 28.05
N HIS A 166 -9.44 17.19 27.99
CA HIS A 166 -8.25 16.42 27.66
C HIS A 166 -7.60 16.01 28.96
N ALA A 167 -7.34 14.73 29.11
CA ALA A 167 -6.82 14.22 30.38
C ALA A 167 -5.33 14.48 30.63
N THR A 168 -5.07 14.88 31.87
CA THR A 168 -3.75 14.93 32.49
C THR A 168 -2.83 13.75 32.14
N THR A 169 -3.33 12.52 32.33
CA THR A 169 -2.54 11.32 32.09
C THR A 169 -2.27 11.05 30.60
N HIS A 170 -3.03 11.69 29.73
CA HIS A 170 -2.92 11.40 28.32
C HIS A 170 -2.07 12.46 27.61
N ASN A 171 -0.95 12.80 28.25
CA ASN A 171 -0.09 13.90 27.82
C ASN A 171 0.95 13.53 26.76
N ALA A 172 0.59 12.63 25.86
CA ALA A 172 1.48 12.23 24.80
C ALA A 172 1.30 13.13 23.57
N TYR A 173 0.20 13.89 23.56
CA TYR A 173 -0.17 14.68 22.37
C TYR A 173 -1.12 15.82 22.66
N ASP A 174 -1.26 16.69 21.67
CA ASP A 174 -2.24 17.75 21.71
C ASP A 174 -3.30 17.46 20.69
N LEU A 175 -4.49 18.01 20.93
CA LEU A 175 -5.55 17.90 19.95
C LEU A 175 -5.79 19.27 19.34
N GLU A 176 -6.19 19.28 18.08
CA GLU A 176 -6.44 20.51 17.35
C GLU A 176 -7.49 20.18 16.28
N VAL A 177 -8.66 20.77 16.40
CA VAL A 177 -9.74 20.41 15.51
C VAL A 177 -9.51 20.91 14.10
N ILE A 178 -9.42 20.00 13.16
CA ILE A 178 -9.27 20.44 11.79
C ILE A 178 -10.66 20.78 11.27
N ASP A 179 -11.57 19.84 11.35
CA ASP A 179 -12.88 20.03 10.74
C ASP A 179 -13.96 19.36 11.56
N ILE A 180 -15.07 20.06 11.75
CA ILE A 180 -16.21 19.52 12.46
C ILE A 180 -17.32 19.21 11.49
N PHE A 181 -17.70 17.93 11.35
CA PHE A 181 -18.81 17.57 10.47
C PHE A 181 -20.09 17.25 11.23
N LYS A 182 -21.23 17.48 10.61
CA LYS A 182 -22.50 17.17 11.22
C LYS A 182 -23.02 16.02 10.36
N ILE A 183 -23.27 14.88 10.97
CA ILE A 183 -23.72 13.71 10.20
C ILE A 183 -25.10 13.23 10.60
N GLU A 184 -25.74 12.53 9.67
CA GLU A 184 -27.08 12.06 9.87
C GLU A 184 -27.13 10.80 9.07
N ARG A 185 -26.98 9.66 9.73
CA ARG A 185 -27.00 8.41 9.01
C ARG A 185 -28.43 8.15 8.61
N GLU A 186 -28.68 7.79 7.36
CA GLU A 186 -30.08 7.53 7.09
C GLU A 186 -30.57 6.32 7.86
N GLY A 187 -31.76 6.47 8.43
CA GLY A 187 -32.42 5.41 9.16
C GLY A 187 -32.22 5.57 10.65
N GLU A 188 -31.33 6.45 11.06
CA GLU A 188 -30.96 6.48 12.47
C GLU A 188 -31.99 7.19 13.31
N CYS A 189 -32.43 8.35 12.83
CA CYS A 189 -33.43 9.13 13.52
C CYS A 189 -34.61 8.25 13.91
N GLN A 190 -35.16 7.56 12.92
CA GLN A 190 -36.30 6.69 13.15
C GLN A 190 -35.94 5.71 14.26
N ARG A 191 -34.82 5.03 14.04
CA ARG A 191 -34.33 4.00 14.92
C ARG A 191 -34.12 4.53 16.32
N TYR A 192 -33.84 5.82 16.44
CA TYR A 192 -33.51 6.40 17.73
C TYR A 192 -34.72 6.95 18.42
N LYS A 193 -35.79 7.19 17.65
CA LYS A 193 -37.02 7.82 18.16
C LYS A 193 -37.45 7.35 19.56
N PRO A 194 -37.74 6.03 19.73
CA PRO A 194 -38.22 5.55 21.04
C PRO A 194 -37.34 6.00 22.20
N PHE A 195 -36.04 5.85 22.00
CA PHE A 195 -35.08 6.14 23.05
C PHE A 195 -34.96 7.62 23.35
N LYS A 196 -35.37 8.46 22.42
CA LYS A 196 -35.39 9.89 22.71
C LYS A 196 -36.23 10.14 23.96
N GLN A 197 -37.18 9.25 24.22
CA GLN A 197 -38.05 9.38 25.37
C GLN A 197 -37.32 9.11 26.69
N LEU A 198 -36.14 8.51 26.60
CA LEU A 198 -35.35 8.21 27.79
C LEU A 198 -34.79 9.51 28.27
N HIS A 199 -34.62 9.64 29.58
CA HIS A 199 -34.02 10.85 30.05
C HIS A 199 -32.52 10.77 29.83
N ASN A 200 -31.83 11.83 30.17
CA ASN A 200 -30.40 11.75 30.37
C ASN A 200 -29.61 11.40 29.11
N ARG A 201 -29.73 12.24 28.09
CA ARG A 201 -28.95 12.08 26.89
C ARG A 201 -27.68 12.95 26.90
N ARG A 202 -26.51 12.31 26.76
CA ARG A 202 -25.25 13.04 26.77
C ARG A 202 -24.67 12.98 25.40
N LEU A 203 -23.87 13.98 25.07
CA LEU A 203 -23.10 14.02 23.85
C LEU A 203 -21.73 13.50 24.24
N LEU A 204 -21.43 12.29 23.76
CA LEU A 204 -20.25 11.58 24.20
C LEU A 204 -19.28 11.30 23.06
N TRP A 205 -18.01 11.10 23.39
CA TRP A 205 -17.01 10.75 22.39
C TRP A 205 -16.97 9.26 22.17
N HIS A 206 -16.97 8.83 20.92
CA HIS A 206 -16.51 7.47 20.59
C HIS A 206 -15.38 7.54 19.54
N GLY A 207 -14.17 7.17 19.96
CA GLY A 207 -13.04 7.16 19.03
C GLY A 207 -12.79 5.81 18.39
N SER A 208 -12.37 5.80 17.13
CA SER A 208 -12.07 4.56 16.42
C SER A 208 -10.93 4.81 15.44
N ARG A 209 -10.40 3.76 14.84
CA ARG A 209 -9.35 3.99 13.89
C ARG A 209 -9.99 4.20 12.51
N THR A 210 -9.41 5.11 11.73
CA THR A 210 -9.96 5.56 10.45
C THR A 210 -10.45 4.45 9.52
N THR A 211 -9.76 3.32 9.55
CA THR A 211 -10.12 2.17 8.74
C THR A 211 -11.51 1.63 9.11
N ASN A 212 -12.05 2.08 10.24
CA ASN A 212 -13.37 1.64 10.71
C ASN A 212 -14.51 2.54 10.30
N PHE A 213 -14.18 3.75 9.88
CA PHE A 213 -15.21 4.75 9.68
C PHE A 213 -16.17 4.55 8.53
N ALA A 214 -15.85 3.69 7.57
CA ALA A 214 -16.83 3.36 6.53
C ALA A 214 -17.92 2.51 7.13
N GLY A 215 -17.54 1.47 7.86
CA GLY A 215 -18.51 0.59 8.49
C GLY A 215 -19.32 1.31 9.53
N ILE A 216 -18.68 2.22 10.26
CA ILE A 216 -19.38 2.97 11.27
C ILE A 216 -20.41 3.89 10.64
N LEU A 217 -20.01 4.70 9.66
CA LEU A 217 -20.98 5.57 8.98
C LEU A 217 -22.07 4.75 8.32
N SER A 218 -21.67 3.78 7.50
CA SER A 218 -22.67 3.03 6.75
C SER A 218 -23.60 2.17 7.62
N GLN A 219 -23.12 1.73 8.79
CA GLN A 219 -23.89 0.81 9.60
C GLN A 219 -24.03 1.17 11.10
N GLY A 220 -23.38 2.23 11.54
CA GLY A 220 -23.55 2.70 12.91
C GLY A 220 -22.67 1.94 13.86
N LEU A 221 -22.56 2.42 15.09
CA LEU A 221 -21.77 1.73 16.10
C LEU A 221 -22.45 0.42 16.39
N ARG A 222 -21.67 -0.64 16.44
CA ARG A 222 -22.27 -1.96 16.57
C ARG A 222 -21.71 -2.68 17.76
N ILE A 223 -22.42 -3.73 18.15
CA ILE A 223 -22.03 -4.55 19.26
C ILE A 223 -21.39 -5.81 18.69
N ALA A 224 -20.36 -6.32 19.34
CA ALA A 224 -19.76 -7.57 18.91
C ALA A 224 -20.80 -8.68 18.85
N PRO A 225 -20.72 -9.53 17.80
CA PRO A 225 -21.60 -10.68 17.67
C PRO A 225 -21.34 -11.69 18.77
N PRO A 226 -22.29 -12.59 19.04
CA PRO A 226 -22.10 -13.63 20.06
C PRO A 226 -21.03 -14.67 19.68
N GLU A 227 -20.68 -14.79 18.39
CA GLU A 227 -19.56 -15.64 17.99
C GLU A 227 -18.25 -15.07 18.49
N ALA A 228 -18.20 -13.76 18.65
CA ALA A 228 -17.00 -13.12 19.17
C ALA A 228 -16.79 -13.54 20.62
N PRO A 229 -15.52 -13.80 20.99
CA PRO A 229 -15.12 -14.14 22.36
C PRO A 229 -15.58 -13.12 23.39
N VAL A 230 -15.78 -13.56 24.63
CA VAL A 230 -16.07 -12.63 25.71
C VAL A 230 -14.95 -11.61 25.81
N THR A 231 -15.28 -10.32 25.74
CA THR A 231 -14.25 -9.27 25.78
C THR A 231 -13.63 -9.06 27.15
N GLY A 232 -12.39 -8.58 27.15
CA GLY A 232 -11.71 -8.28 28.38
C GLY A 232 -12.06 -6.89 28.82
N TYR A 233 -12.97 -6.24 28.08
CA TYR A 233 -13.44 -4.93 28.50
C TYR A 233 -14.38 -5.08 29.70
N MET A 234 -14.47 -4.02 30.50
CA MET A 234 -15.02 -4.11 31.84
C MET A 234 -16.50 -4.42 31.90
N PHE A 235 -17.24 -4.08 30.86
CA PHE A 235 -18.69 -4.17 30.97
C PHE A 235 -19.36 -4.89 29.82
N GLY A 236 -18.69 -5.87 29.26
CA GLY A 236 -19.34 -6.75 28.34
C GLY A 236 -19.31 -6.16 26.94
N LYS A 237 -19.97 -6.89 26.05
CA LYS A 237 -20.19 -6.46 24.67
C LYS A 237 -21.29 -5.41 24.57
N GLY A 238 -20.91 -4.13 24.61
CA GLY A 238 -21.81 -3.05 24.30
C GLY A 238 -21.11 -1.96 23.49
N ILE A 239 -21.79 -0.85 23.24
CA ILE A 239 -21.12 0.32 22.69
C ILE A 239 -20.59 1.22 23.81
N TYR A 240 -19.36 1.67 23.68
CA TYR A 240 -18.68 2.38 24.75
C TYR A 240 -18.43 3.83 24.35
N PHE A 241 -18.61 4.75 25.29
CA PHE A 241 -18.32 6.14 25.03
C PHE A 241 -17.61 6.76 26.20
N ALA A 242 -16.98 7.90 25.99
CA ALA A 242 -16.31 8.60 27.06
C ALA A 242 -16.76 10.06 27.10
N ASP A 243 -16.53 10.73 28.21
CA ASP A 243 -16.84 12.15 28.29
C ASP A 243 -15.54 12.93 28.35
N MET A 244 -14.45 12.23 28.09
CA MET A 244 -13.14 12.87 28.03
C MET A 244 -12.50 12.47 26.72
N VAL A 245 -12.29 13.48 25.88
CA VAL A 245 -11.94 13.28 24.48
C VAL A 245 -10.69 12.39 24.35
N SER A 246 -9.76 12.58 25.27
CA SER A 246 -8.52 11.83 25.32
C SER A 246 -8.75 10.34 25.39
N LYS A 247 -9.65 9.92 26.27
CA LYS A 247 -9.86 8.50 26.50
C LYS A 247 -10.30 7.90 25.21
N SER A 248 -11.14 8.64 24.49
CA SER A 248 -11.69 8.12 23.26
C SER A 248 -10.67 8.20 22.14
N ALA A 249 -9.96 9.33 22.09
CA ALA A 249 -9.02 9.61 21.02
C ALA A 249 -7.86 8.62 20.96
N ASN A 250 -7.46 8.10 22.11
CA ASN A 250 -6.50 7.01 22.18
C ASN A 250 -6.86 5.85 21.25
N TYR A 251 -8.14 5.65 21.00
CA TYR A 251 -8.57 4.52 20.18
C TYR A 251 -8.61 4.87 18.71
N CYS A 252 -8.12 6.06 18.36
CA CYS A 252 -7.93 6.37 16.95
C CYS A 252 -6.65 5.67 16.44
N HIS A 253 -5.76 5.34 17.37
CA HIS A 253 -4.45 4.79 17.03
C HIS A 253 -3.73 5.61 15.95
N THR A 254 -3.64 6.91 16.19
CA THR A 254 -2.84 7.79 15.37
C THR A 254 -1.41 7.72 15.85
N SER A 255 -0.47 8.04 14.97
CA SER A 255 0.93 7.97 15.32
C SER A 255 1.63 9.21 14.81
N GLN A 256 2.92 9.32 15.12
CA GLN A 256 3.66 10.54 14.77
C GLN A 256 3.73 10.70 13.25
N GLY A 257 3.60 9.59 12.52
CA GLY A 257 3.60 9.65 11.08
C GLY A 257 2.24 9.45 10.44
N ASP A 258 1.23 9.33 11.27
CA ASP A 258 -0.12 9.21 10.78
C ASP A 258 -0.97 9.87 11.84
N PRO A 259 -1.00 11.21 11.84
CA PRO A 259 -1.44 12.00 12.99
C PRO A 259 -2.85 12.55 12.85
N ILE A 260 -3.60 12.08 11.86
CA ILE A 260 -4.95 12.58 11.68
C ILE A 260 -5.97 11.52 12.04
N GLY A 261 -6.63 11.75 13.17
CA GLY A 261 -7.61 10.83 13.71
C GLY A 261 -9.03 11.27 13.44
N LEU A 262 -9.95 10.31 13.49
CA LEU A 262 -11.36 10.60 13.39
C LEU A 262 -12.03 10.27 14.73
N ILE A 263 -12.89 11.16 15.18
CA ILE A 263 -13.60 10.89 16.40
C ILE A 263 -15.06 11.27 16.26
N LEU A 264 -15.92 10.53 16.95
CA LEU A 264 -17.35 10.72 16.85
C LEU A 264 -17.92 11.40 18.08
N LEU A 265 -18.89 12.26 17.86
CA LEU A 265 -19.71 12.79 18.94
C LEU A 265 -21.09 12.20 18.76
N GLY A 266 -21.50 11.39 19.75
CA GLY A 266 -22.76 10.70 19.66
C GLY A 266 -23.66 11.07 20.80
N GLU A 267 -24.92 11.30 20.47
CA GLU A 267 -25.92 11.51 21.49
C GLU A 267 -26.38 10.13 21.91
N VAL A 268 -26.18 9.80 23.18
CA VAL A 268 -26.64 8.51 23.62
C VAL A 268 -27.71 8.60 24.73
N ALA A 269 -28.77 7.82 24.55
CA ALA A 269 -29.89 7.81 25.49
C ALA A 269 -29.47 7.02 26.71
N LEU A 270 -28.78 7.66 27.63
CA LEU A 270 -28.27 6.90 28.75
C LEU A 270 -29.37 6.43 29.68
N GLY A 271 -30.42 7.23 29.79
CA GLY A 271 -31.52 6.89 30.69
C GLY A 271 -31.05 6.81 32.13
N ASN A 272 -31.55 5.82 32.85
CA ASN A 272 -31.17 5.60 34.24
C ASN A 272 -29.90 4.71 34.32
N MET A 273 -28.80 5.32 34.76
CA MET A 273 -27.50 4.67 34.64
C MET A 273 -27.16 3.71 35.77
N TYR A 274 -26.82 2.48 35.43
CA TYR A 274 -26.23 1.53 36.37
C TYR A 274 -24.79 1.95 36.70
N GLU A 275 -24.56 2.62 37.82
CA GLU A 275 -23.21 3.12 38.09
C GLU A 275 -22.28 2.10 38.74
N LEU A 276 -21.13 1.87 38.12
CA LEU A 276 -20.18 0.85 38.58
C LEU A 276 -18.77 1.37 38.57
N LYS A 277 -17.89 0.70 39.28
CA LYS A 277 -16.51 1.19 39.37
C LYS A 277 -15.49 0.06 39.24
N HIS A 278 -16.00 -1.16 39.13
CA HIS A 278 -15.17 -2.33 38.86
C HIS A 278 -15.87 -3.18 37.84
N ALA A 279 -15.08 -3.95 37.12
CA ALA A 279 -15.57 -4.81 36.07
C ALA A 279 -16.70 -5.67 36.57
N SER A 280 -17.62 -6.00 35.71
CA SER A 280 -18.81 -6.67 36.16
C SER A 280 -19.62 -7.09 34.97
N HIS A 281 -19.84 -8.40 34.86
CA HIS A 281 -20.77 -8.91 33.86
C HIS A 281 -22.18 -8.66 34.31
N ILE A 282 -22.93 -7.99 33.45
CA ILE A 282 -24.36 -7.88 33.59
C ILE A 282 -24.93 -8.25 32.24
N SER A 283 -24.96 -7.26 31.33
CA SER A 283 -25.47 -7.42 29.95
C SER A 283 -26.97 -7.71 29.93
N LYS A 284 -27.44 -8.37 30.98
CA LYS A 284 -28.82 -8.23 31.46
C LYS A 284 -28.82 -7.05 32.43
N LEU A 285 -29.19 -5.87 31.93
CA LEU A 285 -29.24 -4.67 32.75
C LEU A 285 -30.35 -4.85 33.81
N PRO A 286 -30.13 -4.35 35.03
CA PRO A 286 -31.25 -4.40 35.99
C PRO A 286 -32.48 -3.69 35.47
N LYS A 287 -33.66 -4.16 35.85
CA LYS A 287 -34.91 -3.56 35.39
C LYS A 287 -34.96 -2.07 35.74
N GLY A 288 -35.26 -1.24 34.75
CA GLY A 288 -35.33 0.19 34.97
C GLY A 288 -34.02 0.91 34.68
N LYS A 289 -32.96 0.14 34.40
CA LYS A 289 -31.65 0.68 34.05
C LYS A 289 -31.44 0.57 32.54
N HIS A 290 -30.76 1.55 31.93
CA HIS A 290 -30.66 1.53 30.48
C HIS A 290 -29.24 1.56 29.91
N SER A 291 -28.28 1.71 30.81
CA SER A 291 -26.88 1.93 30.44
C SER A 291 -26.01 1.78 31.68
N VAL A 292 -24.74 1.52 31.45
CA VAL A 292 -23.77 1.48 32.54
C VAL A 292 -22.89 2.71 32.46
N LYS A 293 -22.61 3.32 33.61
CA LYS A 293 -21.58 4.31 33.74
C LYS A 293 -20.49 3.76 34.62
N GLY A 294 -19.29 3.66 34.06
CA GLY A 294 -18.16 3.16 34.82
C GLY A 294 -17.61 4.43 35.37
N LEU A 295 -17.33 4.45 36.67
CA LEU A 295 -17.00 5.69 37.36
C LEU A 295 -15.52 5.91 37.48
N GLY A 296 -15.03 7.03 36.98
CA GLY A 296 -13.63 7.33 37.11
C GLY A 296 -13.29 8.18 38.31
N LYS A 297 -12.01 8.27 38.61
CA LYS A 297 -11.55 9.18 39.63
C LYS A 297 -11.72 10.63 39.16
N THR A 298 -11.68 10.84 37.86
CA THR A 298 -11.75 12.17 37.28
C THR A 298 -13.00 12.32 36.43
N THR A 299 -13.68 13.46 36.55
CA THR A 299 -14.87 13.74 35.76
C THR A 299 -14.96 15.23 35.43
N PRO A 300 -15.52 15.58 34.25
CA PRO A 300 -15.68 16.99 33.89
C PRO A 300 -16.47 17.71 34.97
N ASP A 301 -16.20 18.99 35.16
CA ASP A 301 -16.92 19.80 36.13
C ASP A 301 -18.40 19.73 35.87
N PRO A 302 -19.16 19.12 36.81
CA PRO A 302 -20.62 19.12 36.70
C PRO A 302 -21.16 20.54 36.43
N SER A 303 -20.83 21.49 37.31
CA SER A 303 -21.15 22.90 37.12
C SER A 303 -20.96 23.45 35.70
N ALA A 304 -20.08 22.82 34.92
CA ALA A 304 -19.80 23.34 33.59
C ALA A 304 -20.59 22.61 32.52
N ASN A 305 -21.45 21.70 32.92
CA ASN A 305 -22.23 20.99 31.93
C ASN A 305 -23.18 21.97 31.25
N ILE A 306 -23.34 21.80 29.95
CA ILE A 306 -24.16 22.67 29.11
C ILE A 306 -25.34 21.81 28.68
N SER A 307 -26.45 22.41 28.29
CA SER A 307 -27.51 21.59 27.72
C SER A 307 -27.89 22.11 26.38
N LEU A 308 -27.81 21.24 25.39
CA LEU A 308 -27.90 21.66 24.02
C LEU A 308 -28.95 20.83 23.35
N ASP A 309 -30.05 21.46 22.96
CA ASP A 309 -31.12 20.76 22.28
C ASP A 309 -31.52 19.57 23.12
N GLY A 310 -31.78 19.83 24.40
CA GLY A 310 -32.19 18.81 25.34
C GLY A 310 -31.17 17.73 25.63
N VAL A 311 -29.92 17.93 25.23
CA VAL A 311 -28.87 16.93 25.43
C VAL A 311 -27.76 17.55 26.25
N ASP A 312 -27.33 16.85 27.29
CA ASP A 312 -26.20 17.28 28.09
C ASP A 312 -24.87 17.16 27.35
N VAL A 313 -23.98 18.13 27.57
CA VAL A 313 -22.64 18.10 27.03
C VAL A 313 -21.71 18.41 28.16
N PRO A 314 -20.94 17.42 28.62
CA PRO A 314 -20.07 17.66 29.77
C PRO A 314 -18.74 18.30 29.35
N LEU A 315 -18.80 19.54 28.91
CA LEU A 315 -17.58 20.22 28.50
C LEU A 315 -16.81 20.80 29.66
N GLY A 316 -17.18 20.39 30.87
CA GLY A 316 -16.41 20.80 32.03
C GLY A 316 -14.99 20.29 31.93
N THR A 317 -14.04 21.13 32.31
CA THR A 317 -12.66 20.66 32.49
C THR A 317 -12.68 19.67 33.64
N GLY A 318 -12.04 18.51 33.45
CA GLY A 318 -12.07 17.42 34.41
C GLY A 318 -11.47 17.71 35.77
N ILE A 319 -12.12 17.18 36.81
CA ILE A 319 -11.66 17.37 38.18
C ILE A 319 -11.92 16.09 38.93
N SER A 320 -11.42 16.02 40.16
CA SER A 320 -11.65 14.88 41.02
C SER A 320 -13.14 14.62 41.17
N SER A 321 -13.49 13.35 41.29
CA SER A 321 -14.87 12.95 41.52
C SER A 321 -14.90 12.41 42.93
N GLY A 322 -16.09 12.08 43.41
CA GLY A 322 -16.18 11.47 44.73
C GLY A 322 -15.37 10.18 44.79
N VAL A 323 -15.53 9.36 43.76
CA VAL A 323 -15.03 8.00 43.77
C VAL A 323 -13.52 7.97 43.83
N ASN A 324 -12.96 7.01 44.57
CA ASN A 324 -11.50 6.83 44.55
C ASN A 324 -11.10 5.37 44.54
N ASP A 325 -12.07 4.51 44.84
CA ASP A 325 -11.86 3.06 44.86
C ASP A 325 -12.40 2.44 43.59
N THR A 326 -11.87 2.84 42.45
CA THR A 326 -12.40 2.45 41.16
C THR A 326 -11.25 1.96 40.29
N SER A 327 -11.53 1.04 39.36
CA SER A 327 -10.49 0.57 38.46
C SER A 327 -10.28 1.56 37.31
N LEU A 328 -10.98 2.68 37.39
CA LEU A 328 -11.18 3.58 36.27
C LEU A 328 -10.59 4.94 36.60
N LEU A 329 -9.81 5.47 35.68
CA LEU A 329 -9.28 6.81 35.85
C LEU A 329 -10.32 7.82 35.38
N TYR A 330 -11.09 7.45 34.36
CA TYR A 330 -12.09 8.32 33.75
C TYR A 330 -13.40 7.59 33.46
N ASN A 331 -14.50 8.34 33.50
CA ASN A 331 -15.82 7.75 33.28
C ASN A 331 -15.91 6.97 31.98
N GLU A 332 -16.90 6.10 31.90
CA GLU A 332 -17.06 5.19 30.78
C GLU A 332 -18.56 5.08 30.67
N TYR A 333 -19.10 4.96 29.47
CA TYR A 333 -20.53 4.85 29.33
C TYR A 333 -20.83 3.77 28.33
N ILE A 334 -21.84 2.96 28.60
CA ILE A 334 -22.08 1.78 27.78
C ILE A 334 -23.55 1.51 27.54
N VAL A 335 -23.93 1.24 26.30
CA VAL A 335 -25.29 0.80 26.00
C VAL A 335 -25.25 -0.53 25.30
N TYR A 336 -26.31 -1.30 25.50
CA TYR A 336 -26.36 -2.66 25.00
C TYR A 336 -27.40 -2.79 23.98
N ASP A 337 -27.79 -1.67 23.41
CA ASP A 337 -28.69 -1.68 22.27
C ASP A 337 -28.21 -0.64 21.26
N ILE A 338 -27.87 -1.08 20.07
CA ILE A 338 -27.35 -0.18 19.05
C ILE A 338 -28.26 1.01 18.71
N ALA A 339 -29.50 0.97 19.22
CA ALA A 339 -30.53 1.97 18.91
C ALA A 339 -30.54 3.17 19.89
N GLN A 340 -29.91 3.03 21.04
CA GLN A 340 -29.79 4.13 21.98
C GLN A 340 -28.73 5.13 21.54
N VAL A 341 -28.18 4.93 20.34
CA VAL A 341 -27.15 5.83 19.84
C VAL A 341 -27.60 6.60 18.62
N ASN A 342 -27.47 7.92 18.69
CA ASN A 342 -27.68 8.74 17.51
C ASN A 342 -26.43 9.58 17.28
N LEU A 343 -25.68 9.26 16.23
CA LEU A 343 -24.43 9.96 15.95
C LEU A 343 -24.71 11.36 15.49
N LYS A 344 -24.01 12.32 16.06
CA LYS A 344 -24.25 13.70 15.73
C LYS A 344 -23.10 14.28 14.90
N TYR A 345 -21.89 14.30 15.49
CA TYR A 345 -20.74 14.88 14.79
C TYR A 345 -19.61 13.88 14.57
N LEU A 346 -18.86 14.10 13.50
CA LEU A 346 -17.63 13.40 13.27
C LEU A 346 -16.59 14.49 13.26
N LEU A 347 -15.56 14.34 14.08
CA LEU A 347 -14.50 15.31 14.12
C LEU A 347 -13.23 14.80 13.46
N LYS A 348 -12.57 15.66 12.72
CA LYS A 348 -11.23 15.35 12.20
C LYS A 348 -10.22 16.03 13.11
N LEU A 349 -9.33 15.26 13.73
CA LEU A 349 -8.35 15.84 14.66
C LEU A 349 -6.91 15.71 14.19
N LYS A 350 -6.09 16.70 14.51
CA LYS A 350 -4.63 16.57 14.35
C LYS A 350 -4.07 16.35 15.73
N PHE A 351 -3.35 15.23 15.89
CA PHE A 351 -2.63 14.93 17.11
C PHE A 351 -1.22 15.45 16.91
N ASN A 352 -0.89 16.53 17.59
CA ASN A 352 0.48 17.04 17.55
C ASN A 352 1.24 16.34 18.64
N PHE A 353 2.13 15.42 18.25
CA PHE A 353 2.87 14.59 19.21
C PHE A 353 4.10 15.21 19.85
N LYS A 354 4.40 14.75 21.07
CA LYS A 354 5.58 15.21 21.80
C LYS A 354 6.79 14.30 21.58
N LYS B 6 18.87 -18.63 23.40
CA LYS B 6 18.80 -17.20 23.73
C LYS B 6 20.04 -16.44 23.31
N SER B 7 19.82 -15.37 22.54
CA SER B 7 20.91 -14.59 21.94
C SER B 7 21.93 -14.07 22.95
N LYS B 8 23.19 -14.16 22.57
CA LYS B 8 24.29 -13.62 23.37
C LYS B 8 24.66 -12.23 22.87
N LEU B 9 24.25 -11.93 21.64
CA LEU B 9 24.49 -10.61 21.05
C LEU B 9 24.03 -9.43 21.92
N PRO B 10 24.87 -8.39 22.02
CA PRO B 10 24.54 -7.16 22.74
C PRO B 10 23.17 -6.65 22.33
N LYS B 11 22.44 -5.96 23.20
CA LYS B 11 21.10 -5.54 22.83
C LYS B 11 21.05 -4.64 21.58
N PRO B 12 21.96 -3.66 21.46
CA PRO B 12 21.97 -2.84 20.23
C PRO B 12 22.10 -3.63 18.93
N VAL B 13 23.04 -4.57 18.89
CA VAL B 13 23.19 -5.44 17.75
C VAL B 13 21.92 -6.25 17.50
N GLN B 14 21.23 -6.64 18.57
CA GLN B 14 20.02 -7.43 18.36
C GLN B 14 18.95 -6.57 17.71
N ASP B 15 18.88 -5.32 18.15
CA ASP B 15 17.87 -4.42 17.64
C ASP B 15 18.11 -4.17 16.16
N LEU B 16 19.37 -3.94 15.81
CA LEU B 16 19.79 -3.79 14.41
C LEU B 16 19.38 -4.98 13.56
N ILE B 17 19.63 -6.20 14.03
CA ILE B 17 19.20 -7.40 13.29
C ILE B 17 17.69 -7.42 13.04
N LYS B 18 16.89 -7.13 14.08
CA LYS B 18 15.44 -7.09 13.94
C LYS B 18 15.02 -6.06 12.88
N MET B 19 15.70 -4.91 12.92
CA MET B 19 15.45 -3.81 12.02
C MET B 19 15.64 -4.19 10.57
N ILE B 20 16.73 -4.89 10.25
CA ILE B 20 17.03 -5.22 8.87
C ILE B 20 16.38 -6.51 8.34
N PHE B 21 15.74 -7.28 9.22
CA PHE B 21 14.97 -8.43 8.73
C PHE B 21 13.47 -8.23 8.98
N ASP B 22 13.11 -7.00 9.31
CA ASP B 22 11.75 -6.58 9.45
C ASP B 22 10.93 -6.86 8.18
N VAL B 23 10.31 -8.04 8.14
CA VAL B 23 9.38 -8.43 7.11
C VAL B 23 8.25 -7.40 6.98
N GLU B 24 7.83 -6.86 8.11
CA GLU B 24 6.73 -5.92 8.07
C GLU B 24 7.14 -4.67 7.28
N SER B 25 8.43 -4.33 7.35
CA SER B 25 8.91 -3.15 6.62
C SER B 25 8.90 -3.45 5.15
N MET B 26 9.27 -4.68 4.82
CA MET B 26 9.31 -5.10 3.43
C MET B 26 7.92 -4.98 2.85
N LYS B 27 6.99 -5.74 3.41
CA LYS B 27 5.60 -5.71 2.96
C LYS B 27 5.00 -4.30 2.86
N LYS B 28 5.36 -3.41 3.77
CA LYS B 28 4.87 -2.04 3.73
C LYS B 28 5.48 -1.22 2.60
N ALA B 29 6.76 -1.43 2.35
CA ALA B 29 7.44 -0.78 1.24
C ALA B 29 6.70 -1.14 -0.03
N MET B 30 6.38 -2.41 -0.10
CA MET B 30 5.78 -2.98 -1.28
C MET B 30 4.36 -2.46 -1.47
N VAL B 31 3.64 -2.26 -0.36
CA VAL B 31 2.31 -1.67 -0.45
C VAL B 31 2.42 -0.24 -0.93
N GLU B 32 3.47 0.45 -0.51
CA GLU B 32 3.66 1.82 -0.93
C GLU B 32 3.98 1.92 -2.43
N TYR B 33 4.75 0.96 -2.94
CA TYR B 33 5.04 0.88 -4.38
C TYR B 33 3.84 0.36 -5.15
N GLU B 34 2.77 0.02 -4.43
CA GLU B 34 1.57 -0.51 -5.06
C GLU B 34 1.86 -1.76 -5.87
N ILE B 35 2.79 -2.57 -5.39
CA ILE B 35 3.01 -3.88 -5.94
C ILE B 35 1.90 -4.79 -5.49
N ASP B 36 1.44 -5.65 -6.39
CA ASP B 36 0.48 -6.68 -6.03
C ASP B 36 1.19 -7.75 -5.20
N LEU B 37 0.96 -7.74 -3.88
CA LEU B 37 1.58 -8.72 -3.00
C LEU B 37 1.18 -10.15 -3.37
N GLN B 38 -0.04 -10.30 -3.88
CA GLN B 38 -0.50 -11.63 -4.25
C GLN B 38 0.23 -12.14 -5.50
N LYS B 39 0.11 -11.40 -6.60
CA LYS B 39 0.74 -11.80 -7.86
C LYS B 39 2.25 -11.88 -7.75
N MET B 40 2.83 -11.10 -6.84
CA MET B 40 4.29 -11.11 -6.65
C MET B 40 4.71 -11.14 -5.17
N PRO B 41 4.78 -12.34 -4.61
CA PRO B 41 5.11 -12.56 -3.20
C PRO B 41 6.61 -12.56 -2.95
N LEU B 42 7.01 -12.06 -1.79
CA LEU B 42 8.42 -12.03 -1.41
C LEU B 42 9.23 -13.28 -1.78
N GLY B 43 8.61 -14.44 -1.68
CA GLY B 43 9.27 -15.68 -2.06
C GLY B 43 9.60 -15.78 -3.54
N LYS B 44 8.68 -15.30 -4.38
CA LYS B 44 8.80 -15.47 -5.82
C LYS B 44 9.61 -14.35 -6.47
N LEU B 45 9.91 -13.31 -5.70
CA LEU B 45 10.74 -12.22 -6.19
C LEU B 45 12.04 -12.75 -6.79
N SER B 46 12.04 -12.96 -8.10
CA SER B 46 13.23 -13.54 -8.73
C SER B 46 14.24 -12.43 -9.00
N LYS B 47 15.46 -12.84 -9.33
CA LYS B 47 16.49 -11.89 -9.78
C LYS B 47 16.38 -11.76 -11.29
N ARG B 48 15.89 -12.82 -11.93
CA ARG B 48 15.87 -12.90 -13.39
C ARG B 48 14.90 -11.90 -14.00
N GLN B 49 13.65 -11.96 -13.57
CA GLN B 49 12.64 -11.06 -14.11
C GLN B 49 12.93 -9.61 -13.69
N ILE B 50 13.64 -9.45 -12.59
CA ILE B 50 13.93 -8.09 -12.14
C ILE B 50 14.91 -7.40 -13.09
N GLN B 51 15.97 -8.12 -13.47
CA GLN B 51 16.86 -7.66 -14.53
C GLN B 51 16.08 -7.38 -15.81
N ALA B 52 15.16 -8.28 -16.14
CA ALA B 52 14.42 -8.14 -17.39
C ALA B 52 13.58 -6.87 -17.34
N ALA B 53 13.03 -6.58 -16.17
CA ALA B 53 12.21 -5.40 -15.99
C ALA B 53 13.10 -4.18 -16.13
N TYR B 54 14.33 -4.32 -15.65
CA TYR B 54 15.31 -3.25 -15.77
C TYR B 54 15.52 -2.94 -17.26
N SER B 55 15.80 -3.98 -18.04
CA SER B 55 15.90 -3.88 -19.50
C SER B 55 14.78 -3.08 -20.13
N ILE B 56 13.56 -3.41 -19.75
CA ILE B 56 12.39 -2.80 -20.34
C ILE B 56 12.36 -1.35 -19.95
N LEU B 57 12.72 -1.07 -18.72
CA LEU B 57 12.69 0.29 -18.22
C LEU B 57 13.64 1.21 -18.99
N SER B 58 14.77 0.64 -19.40
CA SER B 58 15.72 1.32 -20.29
C SER B 58 15.04 1.74 -21.58
N GLU B 59 14.45 0.76 -22.27
CA GLU B 59 13.72 0.97 -23.53
C GLU B 59 12.64 2.02 -23.40
N VAL B 60 11.81 1.88 -22.36
CA VAL B 60 10.83 2.88 -22.01
C VAL B 60 11.49 4.26 -21.84
N GLN B 61 12.67 4.28 -21.22
CA GLN B 61 13.40 5.53 -20.99
C GLN B 61 13.84 6.16 -22.32
N GLN B 62 14.16 5.32 -23.30
CA GLN B 62 14.59 5.81 -24.60
C GLN B 62 13.44 6.43 -25.37
N ALA B 63 12.28 5.78 -25.25
CA ALA B 63 11.06 6.21 -25.90
C ALA B 63 10.70 7.67 -25.62
N VAL B 64 10.82 8.11 -24.36
CA VAL B 64 10.42 9.46 -23.96
C VAL B 64 11.08 10.58 -24.78
N SER B 65 12.36 10.42 -25.08
CA SER B 65 13.11 11.43 -25.82
C SER B 65 12.99 11.16 -27.31
N GLN B 66 13.25 9.90 -27.68
CA GLN B 66 13.22 9.42 -29.06
C GLN B 66 11.88 9.66 -29.80
N GLY B 67 10.84 10.06 -29.07
CA GLY B 67 9.53 10.31 -29.63
C GLY B 67 8.58 9.15 -29.49
N SER B 68 8.70 8.17 -30.40
CA SER B 68 7.88 6.95 -30.43
C SER B 68 6.39 7.19 -30.16
N SER B 69 5.63 7.38 -31.22
CA SER B 69 4.21 7.79 -31.14
C SER B 69 3.28 6.74 -30.52
N ASP B 70 3.39 6.57 -29.21
CA ASP B 70 2.56 5.63 -28.46
C ASP B 70 2.58 4.25 -29.08
N SER B 71 1.55 3.44 -28.78
CA SER B 71 1.39 2.12 -29.37
C SER B 71 2.57 1.20 -29.08
N GLN B 72 3.78 1.72 -29.26
CA GLN B 72 4.98 1.05 -28.79
C GLN B 72 5.31 1.55 -27.38
N ILE B 73 4.78 2.73 -27.03
CA ILE B 73 4.91 3.29 -25.68
C ILE B 73 3.92 2.62 -24.71
N LEU B 74 2.78 2.18 -25.24
CA LEU B 74 1.80 1.45 -24.43
C LEU B 74 2.27 0.00 -24.32
N ASP B 75 2.83 -0.51 -25.42
CA ASP B 75 3.35 -1.86 -25.48
C ASP B 75 4.30 -2.05 -24.32
N LEU B 76 5.41 -1.32 -24.36
CA LEU B 76 6.43 -1.29 -23.32
C LEU B 76 5.89 -1.27 -21.88
N SER B 77 5.15 -0.22 -21.53
CA SER B 77 4.59 -0.10 -20.18
C SER B 77 3.97 -1.41 -19.72
N ASN B 78 3.10 -1.98 -20.54
CA ASN B 78 2.39 -3.18 -20.13
C ASN B 78 3.29 -4.40 -20.01
N ARG B 79 4.45 -4.36 -20.65
CA ARG B 79 5.38 -5.47 -20.56
C ARG B 79 6.05 -5.40 -19.20
N PHE B 80 6.26 -4.17 -18.73
CA PHE B 80 6.82 -3.96 -17.42
C PHE B 80 5.84 -4.40 -16.34
N TYR B 81 4.62 -3.89 -16.41
CA TYR B 81 3.60 -4.19 -15.43
C TYR B 81 3.25 -5.67 -15.46
N THR B 82 3.66 -6.34 -16.53
CA THR B 82 3.53 -7.79 -16.59
C THR B 82 4.65 -8.45 -15.79
N LEU B 83 5.88 -8.01 -15.99
CA LEU B 83 6.99 -8.55 -15.24
C LEU B 83 6.87 -8.25 -13.75
N ILE B 84 6.56 -7.00 -13.41
CA ILE B 84 6.30 -6.60 -12.03
C ILE B 84 4.85 -6.17 -11.84
N PRO B 85 3.95 -7.15 -11.61
CA PRO B 85 2.53 -6.87 -11.45
C PRO B 85 2.26 -5.92 -10.32
N HIS B 86 1.55 -4.86 -10.62
CA HIS B 86 1.11 -3.95 -9.61
C HIS B 86 -0.35 -4.21 -9.31
N ASP B 87 -0.90 -3.45 -8.38
CA ASP B 87 -2.30 -3.57 -8.01
C ASP B 87 -2.72 -2.14 -7.80
N PHE B 88 -3.27 -1.54 -8.84
CA PHE B 88 -3.64 -0.14 -8.79
C PHE B 88 -5.10 0.02 -8.44
N GLY B 89 -5.68 -1.04 -7.88
CA GLY B 89 -7.09 -1.06 -7.58
C GLY B 89 -7.89 -0.83 -8.85
N MET B 90 -8.60 0.29 -8.88
CA MET B 90 -9.49 0.58 -10.00
C MET B 90 -8.79 1.25 -11.18
N LYS B 91 -7.92 2.21 -10.89
CA LYS B 91 -7.31 3.02 -11.95
C LYS B 91 -6.49 2.21 -12.96
N LYS B 92 -6.46 2.70 -14.19
CA LYS B 92 -5.57 2.17 -15.22
C LYS B 92 -4.15 2.30 -14.70
N PRO B 93 -3.27 1.35 -15.07
CA PRO B 93 -1.86 1.46 -14.67
C PRO B 93 -1.26 2.72 -15.27
N PRO B 94 -0.72 3.61 -14.41
CA PRO B 94 -0.04 4.86 -14.81
C PRO B 94 0.91 4.65 -15.99
N LEU B 95 0.76 5.43 -17.05
CA LEU B 95 1.60 5.24 -18.22
C LEU B 95 3.05 5.56 -17.88
N LEU B 96 3.94 4.69 -18.32
CA LEU B 96 5.35 4.96 -18.12
C LEU B 96 5.86 5.73 -19.32
N ASN B 97 5.75 7.06 -19.24
CA ASN B 97 6.13 7.94 -20.35
C ASN B 97 7.17 8.99 -19.94
N ASN B 98 6.86 9.79 -18.92
CA ASN B 98 7.83 10.78 -18.44
C ASN B 98 8.95 10.13 -17.62
N ALA B 99 10.14 10.73 -17.73
CA ALA B 99 11.34 10.18 -17.12
C ALA B 99 11.16 10.14 -15.61
N ASP B 100 10.34 11.04 -15.10
CA ASP B 100 10.01 11.07 -13.68
C ASP B 100 9.45 9.72 -13.26
N SER B 101 8.69 9.09 -14.16
CA SER B 101 8.10 7.78 -13.91
C SER B 101 9.10 6.65 -14.14
N VAL B 102 9.91 6.76 -15.19
CA VAL B 102 10.85 5.67 -15.47
C VAL B 102 11.88 5.53 -14.34
N GLN B 103 12.19 6.64 -13.67
CA GLN B 103 13.20 6.68 -12.62
C GLN B 103 12.60 6.22 -11.30
N ALA B 104 11.31 6.48 -11.12
CA ALA B 104 10.64 6.02 -9.92
C ALA B 104 10.52 4.51 -9.94
N LYS B 105 10.30 3.93 -11.13
CA LYS B 105 10.25 2.48 -11.20
C LYS B 105 11.63 1.85 -11.00
N ALA B 106 12.65 2.47 -11.60
CA ALA B 106 14.02 1.98 -11.48
C ALA B 106 14.51 2.04 -10.04
N GLU B 107 14.16 3.10 -9.34
CA GLU B 107 14.49 3.22 -7.93
C GLU B 107 13.79 2.14 -7.12
N MET B 108 12.59 1.77 -7.52
CA MET B 108 11.87 0.70 -6.87
C MET B 108 12.50 -0.67 -7.12
N LEU B 109 12.92 -0.94 -8.35
CA LEU B 109 13.53 -2.23 -8.61
C LEU B 109 14.82 -2.27 -7.82
N ASP B 110 15.46 -1.11 -7.67
CA ASP B 110 16.70 -1.02 -6.94
C ASP B 110 16.47 -1.52 -5.52
N ASN B 111 15.46 -0.94 -4.88
CA ASN B 111 15.06 -1.36 -3.55
C ASN B 111 14.45 -2.78 -3.52
N LEU B 112 13.72 -3.14 -4.56
CA LEU B 112 13.11 -4.48 -4.59
C LEU B 112 14.15 -5.57 -4.60
N LEU B 113 15.24 -5.32 -5.31
CA LEU B 113 16.34 -6.25 -5.42
C LEU B 113 16.77 -6.69 -4.06
N ASP B 114 17.15 -5.67 -3.27
CA ASP B 114 17.68 -5.84 -1.93
C ASP B 114 16.66 -6.49 -0.97
N ILE B 115 15.39 -6.11 -1.12
CA ILE B 115 14.32 -6.68 -0.33
C ILE B 115 14.28 -8.19 -0.57
N GLU B 116 14.30 -8.62 -1.83
CA GLU B 116 14.31 -10.04 -2.14
C GLU B 116 15.48 -10.75 -1.48
N VAL B 117 16.68 -10.18 -1.63
CA VAL B 117 17.88 -10.73 -1.00
C VAL B 117 17.67 -10.97 0.48
N ALA B 118 17.10 -9.98 1.16
CA ALA B 118 16.84 -10.07 2.58
C ALA B 118 15.81 -11.13 2.89
N TYR B 119 14.75 -11.15 2.08
CA TYR B 119 13.69 -12.10 2.29
C TYR B 119 14.14 -13.51 2.03
N SER B 120 14.88 -13.70 0.94
CA SER B 120 15.38 -15.02 0.63
C SER B 120 16.29 -15.50 1.76
N LEU B 121 17.16 -14.61 2.25
CA LEU B 121 18.04 -14.90 3.39
C LEU B 121 17.24 -15.38 4.59
N LEU B 122 16.17 -14.67 4.86
CA LEU B 122 15.38 -14.87 6.06
C LEU B 122 14.80 -16.27 6.10
N ARG B 123 14.30 -16.70 4.94
CA ARG B 123 13.58 -17.96 4.81
C ARG B 123 14.47 -18.93 4.05
N GLY B 124 15.63 -19.22 4.62
CA GLY B 124 16.63 -19.96 3.86
C GLY B 124 17.55 -20.83 4.69
N GLY B 125 17.64 -20.55 5.98
CA GLY B 125 18.42 -21.40 6.84
C GLY B 125 17.63 -22.64 7.21
N SER B 126 18.30 -23.67 7.69
CA SER B 126 17.59 -24.79 8.30
C SER B 126 17.06 -24.30 9.63
N ASP B 127 15.77 -24.50 9.88
CA ASP B 127 15.10 -23.92 11.06
C ASP B 127 15.38 -24.67 12.38
N ASP B 128 16.66 -24.93 12.63
CA ASP B 128 17.15 -25.40 13.93
C ASP B 128 16.79 -24.34 14.97
N SER B 129 16.08 -24.75 16.03
CA SER B 129 15.59 -23.81 17.03
C SER B 129 16.36 -23.85 18.36
N SER B 130 17.45 -24.64 18.40
CA SER B 130 18.34 -24.65 19.56
C SER B 130 19.14 -23.37 19.63
N LYS B 131 19.08 -22.60 18.53
CA LYS B 131 19.76 -21.32 18.44
C LYS B 131 18.73 -20.23 18.15
N ASP B 132 18.80 -19.12 18.90
CA ASP B 132 17.85 -18.01 18.81
C ASP B 132 17.80 -17.57 17.36
N PRO B 133 16.59 -17.35 16.83
CA PRO B 133 16.46 -16.84 15.46
C PRO B 133 17.28 -15.58 15.23
N ILE B 134 17.45 -14.74 16.26
CA ILE B 134 18.22 -13.53 16.07
C ILE B 134 19.67 -13.86 15.79
N ASP B 135 20.27 -14.70 16.62
CA ASP B 135 21.62 -15.22 16.36
C ASP B 135 21.74 -15.84 14.96
N VAL B 136 20.75 -16.62 14.55
CA VAL B 136 20.83 -17.32 13.28
C VAL B 136 20.81 -16.36 12.08
N ASN B 137 19.98 -15.34 12.14
CA ASN B 137 19.90 -14.40 11.03
C ASN B 137 21.07 -13.47 11.04
N TYR B 138 21.60 -13.19 12.22
CA TYR B 138 22.79 -12.35 12.32
C TYR B 138 23.89 -12.95 11.50
N GLU B 139 24.08 -14.26 11.63
CA GLU B 139 25.20 -14.93 10.98
C GLU B 139 25.03 -15.06 9.49
N LYS B 140 23.79 -14.90 9.02
CA LYS B 140 23.52 -14.96 7.59
C LYS B 140 24.09 -13.74 6.89
N LEU B 141 24.34 -12.69 7.64
CA LEU B 141 24.84 -11.43 7.08
C LEU B 141 26.33 -11.55 6.77
N LYS B 142 26.92 -12.65 7.26
CA LYS B 142 28.34 -12.92 7.17
C LYS B 142 29.18 -11.70 7.42
N THR B 143 28.78 -10.94 8.43
CA THR B 143 29.40 -9.67 8.77
C THR B 143 29.57 -9.68 10.28
N ASP B 144 30.76 -9.36 10.75
CA ASP B 144 30.94 -9.20 12.20
C ASP B 144 30.53 -7.78 12.57
N ILE B 145 29.65 -7.67 13.56
CA ILE B 145 29.11 -6.40 14.01
C ILE B 145 29.41 -6.18 15.49
N LYS B 146 30.29 -5.23 15.77
CA LYS B 146 30.62 -4.88 17.13
C LYS B 146 30.07 -3.50 17.49
N VAL B 147 29.81 -3.27 18.76
CA VAL B 147 29.36 -1.97 19.19
C VAL B 147 30.56 -1.10 19.62
N VAL B 148 30.56 0.14 19.17
CA VAL B 148 31.52 1.12 19.61
C VAL B 148 30.93 1.82 20.84
N ASP B 149 31.74 1.95 21.89
CA ASP B 149 31.32 2.56 23.14
C ASP B 149 31.33 4.08 23.11
N ARG B 150 30.24 4.68 23.57
CA ARG B 150 30.11 6.13 23.63
C ARG B 150 31.38 6.83 24.16
N ASP B 151 32.03 6.16 25.11
CA ASP B 151 33.23 6.64 25.79
C ASP B 151 34.45 6.87 24.89
N SER B 152 34.48 6.18 23.75
CA SER B 152 35.71 6.08 22.95
C SER B 152 36.05 7.33 22.17
N GLU B 153 37.33 7.55 21.94
CA GLU B 153 37.76 8.59 21.03
C GLU B 153 37.18 8.23 19.66
N GLU B 154 37.03 6.92 19.41
CA GLU B 154 36.43 6.40 18.19
C GLU B 154 35.06 7.02 18.02
N ALA B 155 34.18 6.80 18.99
CA ALA B 155 32.84 7.37 19.01
C ALA B 155 32.79 8.90 18.87
N GLU B 156 33.68 9.63 19.55
CA GLU B 156 33.62 11.08 19.44
C GLU B 156 34.04 11.60 18.09
N ILE B 157 34.96 10.90 17.43
CA ILE B 157 35.32 11.30 16.06
C ILE B 157 34.12 11.16 15.13
N ILE B 158 33.45 10.02 15.24
CA ILE B 158 32.29 9.78 14.39
C ILE B 158 31.15 10.77 14.67
N ARG B 159 30.88 11.00 15.94
CA ARG B 159 29.84 11.91 16.35
C ARG B 159 30.10 13.32 15.80
N LYS B 160 31.35 13.77 15.87
CA LYS B 160 31.70 15.07 15.28
C LYS B 160 31.63 15.06 13.75
N TYR B 161 31.74 13.88 13.15
CA TYR B 161 31.61 13.79 11.71
C TYR B 161 30.16 14.11 11.43
N VAL B 162 29.26 13.45 12.16
CA VAL B 162 27.84 13.72 11.97
C VAL B 162 27.52 15.19 12.21
N LYS B 163 27.95 15.72 13.36
CA LYS B 163 27.59 17.06 13.80
C LYS B 163 28.06 18.14 12.85
N ASN B 164 29.35 18.11 12.52
CA ASN B 164 29.96 19.13 11.69
C ASN B 164 29.54 19.15 10.24
N THR B 165 29.11 18.00 9.72
CA THR B 165 28.84 17.91 8.31
C THR B 165 27.37 17.72 8.02
N HIS B 166 26.52 18.20 8.92
CA HIS B 166 25.11 18.37 8.59
C HIS B 166 24.94 19.65 7.74
N ALA B 167 24.46 19.51 6.52
CA ALA B 167 24.38 20.66 5.59
C ALA B 167 23.29 21.68 5.96
N THR B 168 23.59 22.96 5.75
CA THR B 168 22.66 24.06 6.13
C THR B 168 21.37 24.10 5.29
N THR B 169 21.42 23.46 4.13
CA THR B 169 20.33 23.41 3.17
C THR B 169 19.32 22.30 3.46
N HIS B 170 19.72 21.33 4.26
CA HIS B 170 18.83 20.21 4.54
C HIS B 170 17.88 20.59 5.66
N ASN B 171 18.42 20.72 6.87
CA ASN B 171 17.69 21.34 8.00
C ASN B 171 16.16 21.19 8.08
N ALA B 172 15.65 20.14 7.45
CA ALA B 172 14.29 19.66 7.62
C ALA B 172 14.32 18.62 8.74
N TYR B 173 15.48 18.51 9.37
CA TYR B 173 15.67 17.56 10.47
C TYR B 173 17.00 17.78 11.20
N ASP B 174 17.06 17.24 12.41
CA ASP B 174 18.30 17.10 13.13
C ASP B 174 18.65 15.63 13.16
N LEU B 175 19.91 15.36 13.39
CA LEU B 175 20.41 14.02 13.42
C LEU B 175 20.86 13.73 14.84
N GLU B 176 20.43 12.59 15.38
CA GLU B 176 20.88 12.16 16.68
C GLU B 176 21.55 10.79 16.54
N VAL B 177 22.79 10.67 17.01
CA VAL B 177 23.46 9.39 16.94
C VAL B 177 23.05 8.49 18.09
N ILE B 178 22.29 7.46 17.76
CA ILE B 178 21.87 6.48 18.73
C ILE B 178 22.93 5.40 18.97
N ASP B 179 23.26 4.64 17.92
CA ASP B 179 24.23 3.56 18.05
C ASP B 179 25.32 3.69 17.00
N ILE B 180 26.52 3.23 17.32
CA ILE B 180 27.59 3.18 16.35
C ILE B 180 28.13 1.77 16.31
N PHE B 181 28.01 1.09 15.16
CA PHE B 181 28.52 -0.25 15.05
C PHE B 181 29.77 -0.26 14.20
N LYS B 182 30.80 -0.94 14.67
CA LYS B 182 31.95 -1.16 13.80
C LYS B 182 31.69 -2.47 13.08
N ILE B 183 31.80 -2.45 11.76
CA ILE B 183 31.41 -3.62 10.98
C ILE B 183 32.53 -4.12 10.11
N GLU B 184 32.40 -5.37 9.68
CA GLU B 184 33.54 -6.08 9.14
C GLU B 184 33.02 -7.24 8.28
N ARG B 185 32.79 -6.97 7.00
CA ARG B 185 32.19 -7.95 6.11
C ARG B 185 33.17 -9.05 5.76
N GLU B 186 32.67 -10.29 5.76
CA GLU B 186 33.47 -11.45 5.43
C GLU B 186 33.91 -11.39 3.98
N GLY B 187 35.21 -11.47 3.76
CA GLY B 187 35.74 -11.45 2.41
C GLY B 187 36.15 -10.06 1.96
N GLU B 188 35.73 -9.02 2.68
CA GLU B 188 36.04 -7.66 2.22
C GLU B 188 37.52 -7.29 2.33
N CYS B 189 38.16 -7.74 3.39
CA CYS B 189 39.58 -7.52 3.57
C CYS B 189 40.41 -7.98 2.37
N GLN B 190 40.19 -9.21 1.94
CA GLN B 190 40.94 -9.83 0.84
C GLN B 190 40.72 -8.99 -0.38
N ARG B 191 39.45 -8.62 -0.54
CA ARG B 191 38.99 -8.03 -1.77
C ARG B 191 39.58 -6.67 -1.86
N TYR B 192 39.63 -5.99 -0.71
CA TYR B 192 40.12 -4.62 -0.62
C TYR B 192 41.62 -4.56 -0.80
N LYS B 193 42.29 -5.67 -0.49
CA LYS B 193 43.76 -5.77 -0.42
C LYS B 193 44.50 -4.95 -1.50
N PRO B 194 44.21 -5.20 -2.78
CA PRO B 194 44.91 -4.43 -3.83
C PRO B 194 44.82 -2.91 -3.66
N PHE B 195 43.78 -2.43 -3.00
CA PHE B 195 43.61 -0.99 -2.79
C PHE B 195 43.92 -0.55 -1.37
N LYS B 196 44.27 -1.48 -0.49
CA LYS B 196 44.56 -1.14 0.90
C LYS B 196 45.64 -0.09 1.01
N GLN B 197 46.44 0.05 -0.05
CA GLN B 197 47.61 0.92 -0.01
C GLN B 197 47.62 1.95 -1.14
N LEU B 198 46.46 2.20 -1.72
CA LEU B 198 46.33 3.30 -2.66
C LEU B 198 46.36 4.54 -1.80
N HIS B 199 46.79 5.66 -2.35
CA HIS B 199 46.76 6.90 -1.59
C HIS B 199 45.33 7.45 -1.60
N ASN B 200 45.13 8.52 -0.84
CA ASN B 200 43.88 9.25 -0.84
C ASN B 200 42.70 8.34 -0.52
N ARG B 201 42.77 7.73 0.65
CA ARG B 201 41.70 6.90 1.16
C ARG B 201 40.87 7.71 2.16
N ARG B 202 39.55 7.75 1.97
CA ARG B 202 38.71 8.59 2.82
C ARG B 202 37.55 7.81 3.42
N LEU B 203 37.24 8.13 4.67
CA LEU B 203 36.06 7.63 5.33
C LEU B 203 34.91 8.51 4.86
N LEU B 204 33.93 7.91 4.18
CA LEU B 204 32.85 8.67 3.55
C LEU B 204 31.49 8.07 3.85
N TRP B 205 30.45 8.89 3.75
CA TRP B 205 29.10 8.46 4.08
C TRP B 205 28.39 7.83 2.90
N HIS B 206 27.66 6.75 3.18
CA HIS B 206 26.69 6.20 2.23
C HIS B 206 25.35 5.94 2.95
N GLY B 207 24.26 6.52 2.43
CA GLY B 207 22.94 6.29 2.99
C GLY B 207 22.11 5.37 2.13
N SER B 208 21.17 4.68 2.73
CA SER B 208 20.29 3.78 1.98
C SER B 208 19.06 3.41 2.81
N ARG B 209 17.97 3.01 2.19
CA ARG B 209 16.81 2.53 2.93
C ARG B 209 17.19 1.43 3.87
N THR B 210 16.46 1.34 4.98
CA THR B 210 16.76 0.34 5.99
C THR B 210 16.60 -1.05 5.43
N THR B 211 15.55 -1.21 4.61
CA THR B 211 15.23 -2.47 3.98
C THR B 211 16.25 -2.90 2.91
N ASN B 212 17.30 -2.12 2.72
CA ASN B 212 18.40 -2.50 1.83
C ASN B 212 19.60 -3.09 2.59
N PHE B 213 19.64 -2.96 3.91
CA PHE B 213 20.88 -3.29 4.62
C PHE B 213 21.26 -4.77 4.75
N ALA B 214 20.29 -5.66 4.70
CA ALA B 214 20.62 -7.08 4.72
C ALA B 214 21.34 -7.36 3.43
N GLY B 215 20.92 -6.68 2.37
CA GLY B 215 21.51 -6.90 1.07
C GLY B 215 22.89 -6.31 1.11
N ILE B 216 22.96 -5.06 1.57
CA ILE B 216 24.23 -4.34 1.62
C ILE B 216 25.28 -5.01 2.52
N LEU B 217 24.87 -5.53 3.67
CA LEU B 217 25.81 -6.27 4.51
C LEU B 217 26.17 -7.64 3.91
N SER B 218 25.19 -8.37 3.40
CA SER B 218 25.51 -9.69 2.88
C SER B 218 26.35 -9.63 1.60
N GLN B 219 26.11 -8.62 0.75
CA GLN B 219 26.80 -8.55 -0.54
C GLN B 219 27.68 -7.32 -0.77
N GLY B 220 27.60 -6.36 0.15
CA GLY B 220 28.36 -5.14 0.00
C GLY B 220 27.66 -4.17 -0.91
N LEU B 221 28.18 -2.95 -0.92
CA LEU B 221 27.80 -1.94 -1.90
C LEU B 221 28.07 -2.40 -3.31
N ARG B 222 27.01 -2.61 -4.09
CA ARG B 222 27.11 -3.10 -5.45
C ARG B 222 26.87 -1.99 -6.46
N ILE B 223 27.32 -2.23 -7.69
CA ILE B 223 27.11 -1.30 -8.79
C ILE B 223 25.95 -1.76 -9.66
N ALA B 224 25.10 -0.81 -10.08
CA ALA B 224 24.00 -1.09 -11.01
C ALA B 224 24.37 -1.95 -12.20
N PRO B 225 23.51 -2.91 -12.55
CA PRO B 225 23.76 -3.78 -13.72
C PRO B 225 23.70 -2.98 -15.02
N PRO B 226 24.20 -3.57 -16.12
CA PRO B 226 24.15 -2.85 -17.41
C PRO B 226 22.73 -2.55 -17.85
N GLU B 227 21.78 -3.36 -17.39
CA GLU B 227 20.42 -3.33 -17.90
C GLU B 227 19.63 -2.13 -17.39
N ALA B 228 20.09 -1.55 -16.29
CA ALA B 228 19.37 -0.44 -15.64
C ALA B 228 19.47 0.86 -16.44
N PRO B 229 18.42 1.69 -16.38
CA PRO B 229 18.43 3.01 -17.02
C PRO B 229 19.59 3.88 -16.54
N VAL B 230 20.54 4.14 -17.43
CA VAL B 230 21.70 4.98 -17.13
C VAL B 230 21.31 6.38 -16.64
N THR B 231 20.02 6.72 -16.74
CA THR B 231 19.56 8.00 -16.21
C THR B 231 19.58 7.97 -14.70
N GLY B 232 19.64 9.15 -14.08
CA GLY B 232 19.72 9.22 -12.64
C GLY B 232 21.17 9.18 -12.16
N TYR B 233 21.94 8.25 -12.72
CA TYR B 233 23.36 8.19 -12.45
C TYR B 233 24.09 9.40 -13.06
N MET B 234 24.13 10.49 -12.29
CA MET B 234 24.84 11.72 -12.65
C MET B 234 26.28 11.48 -13.10
N PHE B 235 26.96 10.52 -12.46
CA PHE B 235 28.32 10.21 -12.87
C PHE B 235 28.50 8.75 -13.23
N GLY B 236 27.50 8.18 -13.89
CA GLY B 236 27.61 6.80 -14.34
C GLY B 236 27.42 5.75 -13.25
N LYS B 237 27.33 4.50 -13.67
CA LYS B 237 27.12 3.40 -12.76
C LYS B 237 28.35 3.11 -11.92
N GLY B 238 28.37 3.68 -10.72
CA GLY B 238 29.41 3.46 -9.74
C GLY B 238 28.84 3.42 -8.33
N ILE B 239 29.73 3.49 -7.34
CA ILE B 239 29.29 3.53 -5.97
C ILE B 239 29.48 4.91 -5.38
N TYR B 240 28.41 5.47 -4.87
CA TYR B 240 28.40 6.87 -4.47
C TYR B 240 28.54 7.12 -2.97
N PHE B 241 29.27 8.17 -2.64
CA PHE B 241 29.51 8.54 -1.26
C PHE B 241 29.49 10.03 -1.10
N ALA B 242 29.12 10.51 0.07
CA ALA B 242 29.20 11.92 0.34
C ALA B 242 30.15 12.12 1.51
N ASP B 243 30.65 13.33 1.67
CA ASP B 243 31.49 13.66 2.81
C ASP B 243 30.71 14.59 3.71
N MET B 244 29.44 14.82 3.39
CA MET B 244 28.51 15.58 4.23
C MET B 244 27.46 14.58 4.67
N VAL B 245 27.34 14.34 5.97
CA VAL B 245 26.45 13.27 6.43
C VAL B 245 25.01 13.45 5.92
N SER B 246 24.59 14.68 5.73
CA SER B 246 23.19 14.87 5.47
C SER B 246 22.81 14.54 4.03
N LYS B 247 23.72 14.83 3.10
CA LYS B 247 23.58 14.44 1.70
C LYS B 247 23.32 12.96 1.66
N SER B 248 24.08 12.20 2.45
CA SER B 248 23.89 10.76 2.49
C SER B 248 22.65 10.33 3.29
N ALA B 249 22.43 11.01 4.40
CA ALA B 249 21.27 10.76 5.28
C ALA B 249 19.92 10.88 4.56
N ASN B 250 19.81 11.83 3.62
CA ASN B 250 18.60 11.95 2.80
C ASN B 250 18.19 10.64 2.14
N TYR B 251 19.15 9.78 1.83
CA TYR B 251 18.81 8.58 1.08
C TYR B 251 18.42 7.43 1.96
N CYS B 252 18.45 7.66 3.27
CA CYS B 252 17.85 6.74 4.20
C CYS B 252 16.36 6.73 3.98
N HIS B 253 15.86 7.82 3.43
CA HIS B 253 14.44 8.00 3.21
C HIS B 253 13.68 7.73 4.49
N THR B 254 14.02 8.46 5.54
CA THR B 254 13.32 8.35 6.81
C THR B 254 12.21 9.39 6.86
N SER B 255 11.24 9.21 7.74
CA SER B 255 10.07 10.08 7.79
C SER B 255 9.64 10.29 9.22
N GLN B 256 8.61 11.11 9.41
CA GLN B 256 8.17 11.37 10.78
C GLN B 256 7.59 10.09 11.39
N GLY B 257 6.99 9.24 10.55
CA GLY B 257 6.44 7.97 11.01
C GLY B 257 7.48 6.91 11.23
N ASP B 258 8.69 7.23 10.80
CA ASP B 258 9.77 6.26 10.80
C ASP B 258 11.06 7.03 10.80
N PRO B 259 11.41 7.60 11.97
CA PRO B 259 12.52 8.55 12.06
C PRO B 259 13.90 7.91 12.30
N ILE B 260 14.03 6.60 12.15
CA ILE B 260 15.35 6.02 12.34
C ILE B 260 15.94 5.30 11.12
N GLY B 261 17.11 5.78 10.71
CA GLY B 261 17.78 5.22 9.58
C GLY B 261 19.10 4.55 9.89
N LEU B 262 19.68 3.96 8.85
CA LEU B 262 20.97 3.35 8.92
C LEU B 262 21.83 4.09 7.93
N ILE B 263 23.04 4.42 8.32
CA ILE B 263 23.93 5.03 7.38
C ILE B 263 25.31 4.34 7.52
N LEU B 264 26.08 4.28 6.44
CA LEU B 264 27.36 3.60 6.45
C LEU B 264 28.54 4.56 6.46
N LEU B 265 29.60 4.20 7.17
CA LEU B 265 30.87 4.83 6.89
C LEU B 265 31.74 3.79 6.19
N GLY B 266 32.20 4.12 5.00
CA GLY B 266 33.07 3.23 4.28
C GLY B 266 34.38 3.95 4.11
N GLU B 267 35.47 3.19 4.20
CA GLU B 267 36.77 3.68 3.82
C GLU B 267 36.76 3.47 2.32
N VAL B 268 36.93 4.55 1.56
CA VAL B 268 37.03 4.34 0.13
C VAL B 268 38.37 4.77 -0.50
N ALA B 269 38.97 3.87 -1.25
CA ALA B 269 40.29 4.16 -1.84
C ALA B 269 40.11 4.96 -3.12
N LEU B 270 40.30 6.27 -3.01
CA LEU B 270 40.00 7.18 -4.11
C LEU B 270 41.19 7.31 -5.05
N GLY B 271 42.37 7.55 -4.48
CA GLY B 271 43.55 7.65 -5.30
C GLY B 271 43.55 8.93 -6.09
N ASN B 272 43.91 8.83 -7.36
CA ASN B 272 43.84 9.98 -8.26
C ASN B 272 42.42 10.20 -8.68
N MET B 273 41.89 11.35 -8.31
CA MET B 273 40.49 11.65 -8.49
C MET B 273 40.25 12.41 -9.80
N TYR B 274 39.33 11.91 -10.60
CA TYR B 274 38.79 12.65 -11.74
C TYR B 274 37.82 13.71 -11.21
N GLU B 275 38.24 14.97 -11.21
CA GLU B 275 37.39 15.99 -10.63
C GLU B 275 36.43 16.59 -11.65
N LEU B 276 35.15 16.31 -11.48
CA LEU B 276 34.13 16.85 -12.37
C LEU B 276 33.31 17.95 -11.70
N LYS B 277 32.94 18.95 -12.50
CA LYS B 277 32.09 20.02 -12.02
C LYS B 277 30.65 19.76 -12.44
N HIS B 278 30.45 18.81 -13.34
CA HIS B 278 29.14 18.57 -13.94
C HIS B 278 28.95 17.11 -14.30
N ALA B 279 27.73 16.74 -14.67
CA ALA B 279 27.39 15.36 -15.00
C ALA B 279 28.31 14.83 -16.08
N SER B 280 28.46 13.51 -16.12
CA SER B 280 29.33 12.83 -17.06
C SER B 280 29.15 11.34 -16.80
N HIS B 281 28.40 10.64 -17.65
CA HIS B 281 28.07 9.25 -17.33
C HIS B 281 29.27 8.39 -17.67
N ILE B 282 30.19 8.22 -16.73
CA ILE B 282 31.45 7.61 -17.10
C ILE B 282 31.34 6.10 -17.30
N SER B 283 31.92 5.62 -18.40
CA SER B 283 31.99 4.19 -18.66
C SER B 283 33.38 3.61 -18.49
N LYS B 284 34.38 4.48 -18.42
CA LYS B 284 35.73 4.10 -18.03
C LYS B 284 36.51 5.35 -17.69
N LEU B 285 37.09 5.37 -16.48
CA LEU B 285 37.89 6.49 -16.03
C LEU B 285 39.00 6.79 -17.01
N PRO B 286 39.45 8.05 -17.06
CA PRO B 286 40.73 8.33 -17.69
C PRO B 286 41.77 7.35 -17.17
N LYS B 287 42.76 7.01 -17.98
CA LYS B 287 43.81 6.12 -17.53
C LYS B 287 44.53 6.85 -16.43
N GLY B 288 44.70 6.19 -15.28
CA GLY B 288 45.39 6.78 -14.14
C GLY B 288 44.51 7.43 -13.08
N LYS B 289 43.19 7.38 -13.29
CA LYS B 289 42.26 7.85 -12.28
C LYS B 289 41.67 6.64 -11.59
N HIS B 290 41.29 6.78 -10.33
CA HIS B 290 40.68 5.63 -9.65
C HIS B 290 39.25 5.91 -9.20
N SER B 291 38.94 7.20 -9.06
CA SER B 291 37.64 7.63 -8.59
C SER B 291 37.25 8.92 -9.28
N VAL B 292 35.97 9.29 -9.14
CA VAL B 292 35.48 10.61 -9.48
C VAL B 292 35.13 11.36 -8.21
N LYS B 293 35.56 12.60 -8.09
CA LYS B 293 34.99 13.51 -7.11
C LYS B 293 34.16 14.55 -7.85
N GLY B 294 32.86 14.61 -7.55
CA GLY B 294 32.01 15.69 -8.04
C GLY B 294 32.23 16.89 -7.15
N LEU B 295 32.60 18.03 -7.71
CA LEU B 295 32.97 19.18 -6.89
C LEU B 295 31.81 19.99 -6.34
N GLY B 296 31.79 20.19 -5.03
CA GLY B 296 30.73 20.96 -4.41
C GLY B 296 31.07 22.42 -4.18
N LYS B 297 30.04 23.22 -3.93
CA LYS B 297 30.22 24.60 -3.53
C LYS B 297 30.71 24.68 -2.11
N THR B 298 30.17 23.81 -1.26
CA THR B 298 30.60 23.69 0.13
C THR B 298 31.43 22.42 0.30
N THR B 299 32.38 22.46 1.21
CA THR B 299 33.22 21.31 1.45
C THR B 299 33.69 21.42 2.88
N PRO B 300 33.85 20.28 3.58
CA PRO B 300 34.30 20.35 4.97
C PRO B 300 35.67 21.03 5.03
N ASP B 301 35.97 21.73 6.12
CA ASP B 301 37.22 22.48 6.21
C ASP B 301 38.44 21.57 6.33
N PRO B 302 39.26 21.53 5.26
CA PRO B 302 40.40 20.61 5.14
C PRO B 302 41.34 20.69 6.33
N SER B 303 41.50 21.88 6.90
CA SER B 303 42.42 22.06 8.00
C SER B 303 42.00 21.17 9.15
N ALA B 304 40.73 20.77 9.15
CA ALA B 304 40.21 19.95 10.22
C ALA B 304 40.21 18.43 9.92
N ASN B 305 40.88 17.99 8.87
CA ASN B 305 40.92 16.56 8.59
C ASN B 305 41.79 15.74 9.56
N ILE B 306 41.15 14.79 10.24
CA ILE B 306 41.80 13.90 11.20
C ILE B 306 41.91 12.49 10.58
N SER B 307 42.72 11.61 11.16
CA SER B 307 42.87 10.26 10.60
C SER B 307 42.64 9.13 11.58
N LEU B 308 41.45 8.57 11.54
CA LEU B 308 41.14 7.31 12.16
C LEU B 308 41.88 6.21 11.43
N ASP B 309 43.05 5.85 11.95
CA ASP B 309 43.77 4.66 11.53
C ASP B 309 44.20 4.69 10.07
N GLY B 310 44.92 5.73 9.68
CA GLY B 310 45.43 5.82 8.32
C GLY B 310 44.44 6.32 7.28
N VAL B 311 43.25 6.72 7.72
CA VAL B 311 42.20 7.12 6.79
C VAL B 311 41.73 8.55 7.02
N ASP B 312 41.83 9.37 5.98
CA ASP B 312 41.26 10.73 5.98
C ASP B 312 39.82 10.75 6.47
N VAL B 313 39.55 11.54 7.50
CA VAL B 313 38.20 11.76 7.94
C VAL B 313 37.90 13.24 7.80
N PRO B 314 37.20 13.61 6.72
CA PRO B 314 36.92 15.01 6.43
C PRO B 314 35.78 15.50 7.30
N LEU B 315 36.02 15.66 8.60
CA LEU B 315 34.95 16.02 9.52
C LEU B 315 34.91 17.50 9.80
N GLY B 316 35.67 18.29 9.06
CA GLY B 316 35.72 19.71 9.29
C GLY B 316 34.35 20.29 9.13
N THR B 317 34.14 21.50 9.62
CA THR B 317 32.86 22.18 9.46
C THR B 317 32.80 22.75 8.04
N GLY B 318 31.62 22.75 7.43
CA GLY B 318 31.48 23.14 6.04
C GLY B 318 31.90 24.57 5.72
N ILE B 319 33.01 24.72 4.99
CA ILE B 319 33.36 26.00 4.40
C ILE B 319 33.08 25.98 2.90
N SER B 320 33.16 27.15 2.29
CA SER B 320 33.00 27.23 0.87
C SER B 320 34.25 26.71 0.18
N SER B 321 34.06 25.88 -0.84
CA SER B 321 35.15 25.65 -1.78
C SER B 321 35.26 26.93 -2.60
N GLY B 322 36.10 26.94 -3.62
CA GLY B 322 36.15 28.15 -4.45
C GLY B 322 35.49 27.88 -5.77
N VAL B 323 34.41 27.13 -5.73
CA VAL B 323 33.84 26.64 -6.97
C VAL B 323 32.39 27.06 -7.05
N ASN B 324 32.16 28.24 -7.62
CA ASN B 324 30.82 28.72 -7.90
C ASN B 324 30.27 27.99 -9.11
N ASP B 325 31.15 27.70 -10.07
CA ASP B 325 30.77 27.16 -11.37
C ASP B 325 30.52 25.67 -11.37
N THR B 326 29.66 25.18 -10.48
CA THR B 326 29.37 23.74 -10.42
C THR B 326 27.93 23.46 -10.16
N SER B 327 27.44 22.32 -10.62
CA SER B 327 26.02 21.96 -10.46
C SER B 327 25.69 21.26 -9.14
N LEU B 328 26.70 21.10 -8.29
CA LEU B 328 26.59 20.37 -7.04
C LEU B 328 26.69 21.30 -5.83
N LEU B 329 25.84 21.11 -4.82
CA LEU B 329 25.99 21.87 -3.56
C LEU B 329 27.12 21.32 -2.73
N TYR B 330 27.18 20.00 -2.66
CA TYR B 330 28.17 19.31 -1.87
C TYR B 330 28.93 18.28 -2.68
N ASN B 331 30.14 17.97 -2.23
CA ASN B 331 30.96 16.98 -2.90
C ASN B 331 30.24 15.65 -3.07
N GLU B 332 30.82 14.82 -3.90
CA GLU B 332 30.23 13.55 -4.20
C GLU B 332 31.43 12.74 -4.66
N TYR B 333 31.49 11.46 -4.32
CA TYR B 333 32.64 10.68 -4.69
C TYR B 333 32.18 9.35 -5.20
N ILE B 334 32.73 8.94 -6.33
CA ILE B 334 32.29 7.70 -6.93
C ILE B 334 33.45 6.79 -7.25
N VAL B 335 33.30 5.50 -6.97
CA VAL B 335 34.23 4.51 -7.48
C VAL B 335 33.49 3.55 -8.40
N TYR B 336 34.24 2.82 -9.24
CA TYR B 336 33.66 2.01 -10.31
C TYR B 336 34.15 0.59 -10.30
N ASP B 337 34.74 0.20 -9.17
CA ASP B 337 35.09 -1.17 -8.88
C ASP B 337 34.58 -1.36 -7.45
N ILE B 338 33.75 -2.38 -7.22
CA ILE B 338 33.22 -2.62 -5.88
C ILE B 338 34.33 -2.92 -4.87
N ALA B 339 35.50 -3.34 -5.35
CA ALA B 339 36.57 -3.73 -4.44
C ALA B 339 37.30 -2.55 -3.80
N GLN B 340 37.01 -1.33 -4.25
CA GLN B 340 37.66 -0.13 -3.72
C GLN B 340 36.97 0.36 -2.43
N VAL B 341 36.03 -0.43 -1.92
CA VAL B 341 35.27 -0.07 -0.72
C VAL B 341 35.47 -1.07 0.39
N ASN B 342 35.87 -0.54 1.54
CA ASN B 342 35.90 -1.30 2.77
C ASN B 342 34.94 -0.65 3.77
N LEU B 343 33.79 -1.27 3.98
CA LEU B 343 32.83 -0.75 4.93
C LEU B 343 33.38 -0.82 6.35
N LYS B 344 33.24 0.25 7.12
CA LYS B 344 33.90 0.32 8.40
C LYS B 344 32.93 0.41 9.56
N TYR B 345 31.97 1.34 9.44
CA TYR B 345 31.00 1.62 10.50
C TYR B 345 29.57 1.72 9.98
N LEU B 346 28.63 1.35 10.82
CA LEU B 346 27.22 1.49 10.54
C LEU B 346 26.60 2.24 11.72
N LEU B 347 26.01 3.40 11.45
CA LEU B 347 25.37 4.19 12.49
C LEU B 347 23.87 4.01 12.40
N LYS B 348 23.22 3.90 13.56
CA LYS B 348 21.78 3.93 13.67
C LYS B 348 21.45 5.38 13.99
N LEU B 349 20.86 6.12 13.05
CA LEU B 349 20.57 7.54 13.32
C LEU B 349 19.09 7.84 13.56
N LYS B 350 18.78 8.66 14.57
CA LYS B 350 17.41 9.19 14.71
C LYS B 350 17.28 10.55 14.04
N PHE B 351 16.36 10.62 13.09
CA PHE B 351 16.03 11.86 12.38
C PHE B 351 14.98 12.67 13.12
N ASN B 352 15.36 13.78 13.72
CA ASN B 352 14.41 14.66 14.40
C ASN B 352 13.83 15.74 13.49
N PHE B 353 12.67 15.48 12.88
CA PHE B 353 12.09 16.47 11.97
C PHE B 353 11.46 17.65 12.69
N LYS B 354 12.06 18.82 12.56
CA LYS B 354 11.71 19.97 13.42
C LYS B 354 10.25 20.46 13.27
N THR B 355 9.83 20.67 12.02
CA THR B 355 8.43 20.87 11.62
C THR B 355 7.52 21.52 12.68
N LYS C 6 -21.14 -5.25 -19.71
CA LYS C 6 -21.58 -5.61 -18.36
C LYS C 6 -22.43 -6.87 -18.37
N SER C 7 -22.07 -7.83 -17.51
CA SER C 7 -22.52 -9.22 -17.66
C SER C 7 -24.01 -9.52 -17.48
N LYS C 8 -24.54 -10.32 -18.40
CA LYS C 8 -25.89 -10.86 -18.29
C LYS C 8 -26.00 -11.83 -17.11
N LEU C 9 -24.96 -12.67 -16.97
CA LEU C 9 -24.96 -13.81 -16.07
C LEU C 9 -25.35 -13.45 -14.64
N PRO C 10 -26.05 -14.37 -13.96
CA PRO C 10 -26.45 -14.22 -12.56
C PRO C 10 -25.26 -14.10 -11.64
N LYS C 11 -25.50 -13.64 -10.42
CA LYS C 11 -24.48 -13.49 -9.38
C LYS C 11 -23.82 -14.81 -9.00
N PRO C 12 -24.60 -15.89 -8.82
CA PRO C 12 -23.92 -17.13 -8.46
C PRO C 12 -23.07 -17.69 -9.59
N VAL C 13 -23.54 -17.56 -10.82
CA VAL C 13 -22.78 -18.10 -11.95
C VAL C 13 -21.47 -17.36 -12.14
N GLN C 14 -21.51 -16.02 -12.11
CA GLN C 14 -20.30 -15.23 -12.21
C GLN C 14 -19.31 -15.63 -11.12
N ASP C 15 -19.82 -15.87 -9.92
CA ASP C 15 -18.92 -16.22 -8.83
C ASP C 15 -18.21 -17.53 -9.12
N LEU C 16 -18.95 -18.46 -9.71
CA LEU C 16 -18.42 -19.74 -10.15
C LEU C 16 -17.33 -19.55 -11.21
N ILE C 17 -17.65 -18.81 -12.27
CA ILE C 17 -16.68 -18.54 -13.31
C ILE C 17 -15.40 -17.93 -12.74
N LYS C 18 -15.55 -17.07 -11.73
CA LYS C 18 -14.39 -16.43 -11.13
C LYS C 18 -13.58 -17.48 -10.42
N MET C 19 -14.30 -18.37 -9.77
CA MET C 19 -13.73 -19.36 -8.91
C MET C 19 -12.87 -20.39 -9.66
N ILE C 20 -13.40 -20.86 -10.79
CA ILE C 20 -12.71 -21.91 -11.51
C ILE C 20 -11.63 -21.37 -12.44
N PHE C 21 -11.74 -20.11 -12.81
CA PHE C 21 -10.69 -19.47 -13.59
C PHE C 21 -9.78 -18.61 -12.73
N ASP C 22 -9.65 -18.95 -11.45
CA ASP C 22 -8.83 -18.18 -10.54
C ASP C 22 -7.38 -18.57 -10.61
N VAL C 23 -6.61 -17.74 -11.29
CA VAL C 23 -5.18 -17.96 -11.42
C VAL C 23 -4.49 -18.21 -10.07
N GLU C 24 -4.93 -17.53 -9.03
CA GLU C 24 -4.30 -17.76 -7.73
C GLU C 24 -4.48 -19.19 -7.21
N SER C 25 -5.62 -19.81 -7.46
CA SER C 25 -5.85 -21.15 -6.94
C SER C 25 -4.97 -22.14 -7.68
N MET C 26 -4.73 -21.86 -8.96
CA MET C 26 -3.83 -22.67 -9.77
C MET C 26 -2.45 -22.63 -9.13
N LYS C 27 -1.96 -21.41 -8.91
CA LYS C 27 -0.67 -21.14 -8.27
C LYS C 27 -0.56 -21.85 -6.92
N LYS C 28 -1.56 -21.66 -6.05
CA LYS C 28 -1.55 -22.22 -4.70
C LYS C 28 -1.37 -23.73 -4.76
N ALA C 29 -2.07 -24.36 -5.71
CA ALA C 29 -2.13 -25.81 -5.79
C ALA C 29 -0.82 -26.41 -6.31
N MET C 30 -0.13 -25.67 -7.18
CA MET C 30 1.21 -26.03 -7.61
C MET C 30 2.24 -25.90 -6.48
N VAL C 31 2.05 -24.91 -5.63
CA VAL C 31 2.88 -24.79 -4.43
C VAL C 31 2.68 -25.97 -3.50
N GLU C 32 1.42 -26.34 -3.20
CA GLU C 32 1.10 -27.51 -2.38
C GLU C 32 1.84 -28.75 -2.88
N TYR C 33 1.97 -28.84 -4.20
CA TYR C 33 2.59 -29.99 -4.84
C TYR C 33 4.10 -29.84 -4.86
N GLU C 34 4.58 -28.72 -4.32
CA GLU C 34 6.00 -28.46 -4.15
C GLU C 34 6.71 -28.36 -5.47
N ILE C 35 6.05 -27.72 -6.43
CA ILE C 35 6.66 -27.40 -7.69
C ILE C 35 7.43 -26.10 -7.51
N ASP C 36 8.46 -25.91 -8.31
CA ASP C 36 9.23 -24.67 -8.28
C ASP C 36 8.62 -23.66 -9.23
N LEU C 37 7.93 -22.66 -8.69
CA LEU C 37 7.23 -21.69 -9.54
C LEU C 37 8.15 -20.74 -10.35
N GLN C 38 9.35 -20.50 -9.84
CA GLN C 38 10.31 -19.63 -10.54
C GLN C 38 10.79 -20.27 -11.84
N LYS C 39 11.30 -21.50 -11.74
CA LYS C 39 11.75 -22.24 -12.91
C LYS C 39 10.57 -22.61 -13.79
N MET C 40 9.37 -22.49 -13.24
CA MET C 40 8.17 -22.84 -14.01
C MET C 40 6.93 -22.06 -13.60
N PRO C 41 6.60 -21.01 -14.36
CA PRO C 41 5.36 -20.24 -14.20
C PRO C 41 4.19 -20.86 -14.97
N LEU C 42 2.97 -20.50 -14.58
CA LEU C 42 1.75 -20.95 -15.24
C LEU C 42 1.79 -20.78 -16.77
N GLY C 43 2.39 -19.69 -17.24
CA GLY C 43 2.49 -19.42 -18.67
C GLY C 43 3.33 -20.50 -19.37
N LYS C 44 4.47 -20.79 -18.77
CA LYS C 44 5.37 -21.83 -19.26
C LYS C 44 4.75 -23.23 -19.19
N LEU C 45 3.86 -23.43 -18.22
CA LEU C 45 3.12 -24.69 -18.08
C LEU C 45 2.59 -25.17 -19.42
N SER C 46 3.29 -26.12 -20.02
CA SER C 46 3.01 -26.55 -21.37
C SER C 46 2.36 -27.91 -21.37
N LYS C 47 1.42 -28.11 -22.29
CA LYS C 47 0.70 -29.38 -22.41
C LYS C 47 1.68 -30.48 -22.78
N ARG C 48 2.69 -30.09 -23.55
CA ARG C 48 3.62 -31.02 -24.16
C ARG C 48 4.44 -31.76 -23.09
N GLN C 49 5.10 -30.99 -22.23
CA GLN C 49 5.90 -31.57 -21.15
C GLN C 49 5.08 -32.41 -20.17
N ILE C 50 3.87 -31.95 -19.85
CA ILE C 50 3.03 -32.69 -18.91
C ILE C 50 2.76 -34.06 -19.47
N GLN C 51 2.58 -34.16 -20.78
CA GLN C 51 2.42 -35.47 -21.40
C GLN C 51 3.76 -36.24 -21.50
N ALA C 52 4.83 -35.50 -21.75
CA ALA C 52 6.18 -36.07 -21.76
C ALA C 52 6.58 -36.54 -20.37
N ALA C 53 6.22 -35.77 -19.35
CA ALA C 53 6.56 -36.14 -17.99
C ALA C 53 5.76 -37.37 -17.58
N TYR C 54 4.59 -37.53 -18.21
CA TYR C 54 3.76 -38.69 -17.92
C TYR C 54 4.47 -39.94 -18.44
N SER C 55 5.09 -39.81 -19.61
CA SER C 55 5.75 -40.93 -20.25
C SER C 55 6.93 -41.41 -19.41
N ILE C 56 7.67 -40.45 -18.86
CA ILE C 56 8.76 -40.75 -17.96
C ILE C 56 8.24 -41.51 -16.73
N LEU C 57 7.10 -41.08 -16.21
CA LEU C 57 6.48 -41.78 -15.10
C LEU C 57 6.18 -43.22 -15.48
N SER C 58 5.83 -43.41 -16.74
CA SER C 58 5.49 -44.73 -17.25
C SER C 58 6.73 -45.60 -17.45
N GLU C 59 7.86 -44.96 -17.73
CA GLU C 59 9.14 -45.68 -17.86
C GLU C 59 9.60 -46.23 -16.51
N VAL C 60 9.45 -45.42 -15.46
CA VAL C 60 9.44 -45.92 -14.10
C VAL C 60 8.16 -46.78 -13.97
N GLN C 61 7.92 -47.37 -12.81
CA GLN C 61 6.80 -48.32 -12.66
C GLN C 61 7.04 -49.53 -13.56
N GLN C 62 7.23 -49.28 -14.86
CA GLN C 62 8.06 -50.15 -15.69
C GLN C 62 9.44 -50.03 -15.07
N ALA C 63 10.34 -50.95 -15.38
CA ALA C 63 11.49 -51.16 -14.51
C ALA C 63 10.91 -51.42 -13.12
N VAL C 64 11.55 -50.86 -12.10
CA VAL C 64 11.10 -51.08 -10.72
C VAL C 64 11.03 -52.57 -10.35
N SER C 65 9.89 -53.22 -10.64
CA SER C 65 9.75 -54.64 -10.30
C SER C 65 9.81 -55.55 -11.53
N GLN C 66 9.87 -54.93 -12.72
CA GLN C 66 9.99 -55.67 -13.98
C GLN C 66 11.41 -55.60 -14.56
N GLY C 67 12.07 -54.46 -14.34
CA GLY C 67 13.47 -54.32 -14.70
C GLY C 67 14.27 -53.86 -13.49
N SER C 68 14.69 -52.59 -13.54
CA SER C 68 15.32 -51.84 -12.43
C SER C 68 16.84 -51.83 -12.48
N SER C 69 17.39 -50.81 -13.11
CA SER C 69 18.85 -50.64 -13.14
C SER C 69 19.41 -49.87 -11.96
N ASP C 70 18.55 -49.21 -11.20
CA ASP C 70 18.95 -48.52 -9.96
C ASP C 70 19.93 -47.35 -10.20
N SER C 71 20.22 -47.10 -11.46
CA SER C 71 21.04 -45.97 -11.85
C SER C 71 20.36 -45.41 -13.08
N GLN C 72 19.56 -46.25 -13.73
CA GLN C 72 18.69 -45.78 -14.80
C GLN C 72 17.45 -45.17 -14.13
N ILE C 73 17.01 -45.80 -13.03
CA ILE C 73 15.99 -45.23 -12.17
C ILE C 73 16.35 -43.81 -11.73
N LEU C 74 17.62 -43.61 -11.38
CA LEU C 74 18.13 -42.28 -11.02
C LEU C 74 18.06 -41.26 -12.17
N ASP C 75 18.46 -41.69 -13.36
CA ASP C 75 18.42 -40.80 -14.52
C ASP C 75 16.95 -40.43 -14.81
N LEU C 76 16.06 -41.40 -14.63
CA LEU C 76 14.63 -41.21 -14.84
C LEU C 76 14.05 -40.21 -13.85
N SER C 77 14.25 -40.47 -12.56
CA SER C 77 13.91 -39.49 -11.54
C SER C 77 14.52 -38.14 -11.89
N ASN C 78 15.72 -38.13 -12.43
CA ASN C 78 16.33 -36.87 -12.85
C ASN C 78 15.61 -36.20 -14.03
N ARG C 79 15.25 -36.98 -15.07
CA ARG C 79 14.48 -36.43 -16.19
C ARG C 79 13.12 -35.91 -15.72
N PHE C 80 12.62 -36.44 -14.61
CA PHE C 80 11.36 -35.95 -14.10
C PHE C 80 11.46 -34.55 -13.51
N TYR C 81 12.28 -34.39 -12.47
CA TYR C 81 12.39 -33.07 -11.83
C TYR C 81 13.03 -32.02 -12.73
N THR C 82 13.61 -32.47 -13.84
CA THR C 82 14.14 -31.57 -14.85
C THR C 82 12.96 -31.00 -15.59
N LEU C 83 12.10 -31.89 -16.04
CA LEU C 83 10.87 -31.52 -16.71
C LEU C 83 9.96 -30.68 -15.80
N ILE C 84 9.67 -31.20 -14.61
CA ILE C 84 8.80 -30.52 -13.66
C ILE C 84 9.61 -30.07 -12.44
N PRO C 85 10.17 -28.85 -12.48
CA PRO C 85 11.08 -28.35 -11.45
C PRO C 85 10.40 -28.29 -10.10
N HIS C 86 10.92 -29.00 -9.12
CA HIS C 86 10.36 -28.91 -7.78
C HIS C 86 11.21 -27.99 -6.92
N ASP C 87 10.67 -27.63 -5.76
CA ASP C 87 11.33 -26.69 -4.87
C ASP C 87 11.17 -27.19 -3.46
N PHE C 88 11.92 -28.22 -3.12
CA PHE C 88 11.96 -28.72 -1.74
C PHE C 88 12.91 -27.85 -0.94
N GLY C 89 13.62 -26.97 -1.64
CA GLY C 89 14.65 -26.15 -1.04
C GLY C 89 15.88 -26.99 -0.78
N MET C 90 16.33 -27.03 0.46
CA MET C 90 17.47 -27.87 0.82
C MET C 90 16.98 -29.20 1.41
N LYS C 91 16.62 -30.14 0.55
CA LYS C 91 16.13 -31.43 1.03
C LYS C 91 16.23 -32.50 -0.03
N LYS C 92 16.35 -32.07 -1.29
CA LYS C 92 16.38 -32.96 -2.44
C LYS C 92 15.08 -33.74 -2.64
N PRO C 93 14.70 -34.00 -3.90
CA PRO C 93 13.45 -34.68 -4.22
C PRO C 93 13.55 -36.17 -3.99
N PRO C 94 12.42 -36.83 -3.71
CA PRO C 94 12.42 -38.28 -3.46
C PRO C 94 12.59 -39.03 -4.77
N LEU C 95 13.45 -40.04 -4.81
CA LEU C 95 13.63 -40.81 -6.03
C LEU C 95 12.38 -41.63 -6.30
N LEU C 96 12.03 -41.75 -7.56
CA LEU C 96 10.82 -42.44 -7.96
C LEU C 96 11.14 -43.92 -8.12
N ASN C 97 11.08 -44.66 -7.01
CA ASN C 97 11.53 -46.06 -7.00
C ASN C 97 10.53 -47.03 -6.39
N ASN C 98 9.30 -46.59 -6.24
CA ASN C 98 8.24 -47.48 -5.82
C ASN C 98 6.90 -47.03 -6.37
N ALA C 99 5.88 -47.87 -6.23
CA ALA C 99 4.59 -47.61 -6.82
C ALA C 99 3.96 -46.39 -6.14
N ASP C 100 3.85 -46.49 -4.83
CA ASP C 100 3.32 -45.42 -3.99
C ASP C 100 3.98 -44.08 -4.36
N SER C 101 5.26 -44.14 -4.70
CA SER C 101 6.00 -42.95 -5.10
C SER C 101 5.47 -42.35 -6.40
N VAL C 102 5.23 -43.18 -7.41
CA VAL C 102 4.76 -42.67 -8.69
C VAL C 102 3.27 -42.30 -8.67
N GLN C 103 2.47 -42.99 -7.87
CA GLN C 103 1.05 -42.63 -7.70
C GLN C 103 0.96 -41.17 -7.36
N ALA C 104 1.68 -40.76 -6.32
CA ALA C 104 1.70 -39.38 -5.90
C ALA C 104 2.04 -38.40 -7.04
N LYS C 105 3.09 -38.71 -7.81
CA LYS C 105 3.47 -37.82 -8.91
C LYS C 105 2.54 -37.94 -10.12
N ALA C 106 1.85 -39.05 -10.25
CA ALA C 106 0.91 -39.22 -11.36
C ALA C 106 -0.31 -38.35 -11.08
N GLU C 107 -0.79 -38.44 -9.85
CA GLU C 107 -1.95 -37.68 -9.40
C GLU C 107 -1.71 -36.20 -9.54
N MET C 108 -0.47 -35.79 -9.37
CA MET C 108 -0.15 -34.39 -9.51
C MET C 108 -0.20 -33.97 -10.95
N LEU C 109 0.27 -34.82 -11.86
CA LEU C 109 0.25 -34.47 -13.28
C LEU C 109 -1.19 -34.41 -13.76
N ASP C 110 -1.99 -35.36 -13.31
CA ASP C 110 -3.42 -35.33 -13.51
C ASP C 110 -3.97 -33.93 -13.23
N ASN C 111 -3.58 -33.30 -12.11
CA ASN C 111 -3.99 -31.92 -11.81
C ASN C 111 -3.33 -30.82 -12.66
N LEU C 112 -2.02 -30.87 -12.87
CA LEU C 112 -1.37 -29.90 -13.75
C LEU C 112 -1.99 -29.90 -15.14
N LEU C 113 -2.42 -31.08 -15.59
CA LEU C 113 -3.08 -31.21 -16.87
C LEU C 113 -4.30 -30.31 -16.91
N ASP C 114 -5.19 -30.46 -15.93
CA ASP C 114 -6.39 -29.63 -15.88
C ASP C 114 -6.07 -28.18 -15.56
N ILE C 115 -4.96 -27.94 -14.87
CA ILE C 115 -4.55 -26.57 -14.62
C ILE C 115 -4.08 -25.93 -15.92
N GLU C 116 -3.28 -26.66 -16.68
CA GLU C 116 -2.84 -26.20 -18.00
C GLU C 116 -4.05 -25.92 -18.89
N VAL C 117 -5.05 -26.78 -18.82
CA VAL C 117 -6.26 -26.59 -19.59
C VAL C 117 -6.89 -25.26 -19.20
N ALA C 118 -7.02 -25.03 -17.89
CA ALA C 118 -7.64 -23.81 -17.39
C ALA C 118 -6.90 -22.56 -17.84
N TYR C 119 -5.59 -22.53 -17.67
CA TYR C 119 -4.83 -21.33 -17.97
C TYR C 119 -4.76 -21.10 -19.45
N SER C 120 -4.71 -22.20 -20.20
CA SER C 120 -4.72 -22.12 -21.64
C SER C 120 -6.00 -21.43 -22.04
N LEU C 121 -7.12 -22.06 -21.69
CA LEU C 121 -8.44 -21.46 -21.88
C LEU C 121 -8.44 -20.01 -21.52
N LEU C 122 -7.92 -19.71 -20.33
CA LEU C 122 -8.06 -18.38 -19.75
C LEU C 122 -7.33 -17.28 -20.50
N ARG C 123 -6.13 -17.58 -20.97
CA ARG C 123 -5.29 -16.58 -21.63
C ARG C 123 -5.48 -16.66 -23.14
N GLY C 124 -6.41 -17.51 -23.57
CA GLY C 124 -6.74 -17.60 -24.98
C GLY C 124 -7.93 -16.72 -25.39
N GLY C 125 -8.04 -16.47 -26.70
CA GLY C 125 -9.18 -15.76 -27.23
C GLY C 125 -8.93 -14.29 -27.56
N SER C 126 -9.98 -13.63 -28.03
CA SER C 126 -9.90 -12.24 -28.45
C SER C 126 -10.81 -11.36 -27.59
N ASP C 127 -10.46 -10.09 -27.45
CA ASP C 127 -11.24 -9.17 -26.63
C ASP C 127 -12.10 -8.20 -27.46
N ASP C 128 -13.18 -8.74 -28.02
CA ASP C 128 -14.21 -7.92 -28.67
C ASP C 128 -14.74 -6.95 -27.64
N SER C 129 -14.76 -7.41 -26.39
CA SER C 129 -14.86 -6.54 -25.24
C SER C 129 -16.14 -5.71 -25.12
N SER C 130 -17.18 -6.12 -25.84
CA SER C 130 -18.50 -5.55 -25.58
C SER C 130 -19.05 -6.23 -24.34
N LYS C 131 -18.67 -7.51 -24.20
CA LYS C 131 -19.03 -8.34 -23.05
C LYS C 131 -17.85 -8.44 -22.11
N ASP C 132 -18.09 -8.30 -20.81
CA ASP C 132 -16.97 -8.33 -19.88
C ASP C 132 -16.41 -9.73 -19.81
N PRO C 133 -15.14 -9.86 -19.46
CA PRO C 133 -14.46 -11.15 -19.41
C PRO C 133 -15.27 -12.27 -18.77
N ILE C 134 -16.07 -11.94 -17.77
CA ILE C 134 -16.86 -12.97 -17.10
C ILE C 134 -17.79 -13.65 -18.08
N ASP C 135 -18.35 -12.88 -19.01
CA ASP C 135 -19.21 -13.43 -20.06
C ASP C 135 -18.39 -14.28 -21.01
N VAL C 136 -17.24 -13.74 -21.40
CA VAL C 136 -16.28 -14.38 -22.27
C VAL C 136 -15.81 -15.72 -21.69
N ASN C 137 -15.34 -15.68 -20.45
CA ASN C 137 -14.80 -16.88 -19.83
C ASN C 137 -15.87 -17.98 -19.65
N TYR C 138 -17.09 -17.56 -19.36
CA TYR C 138 -18.23 -18.46 -19.32
C TYR C 138 -18.41 -19.18 -20.64
N GLU C 139 -18.29 -18.45 -21.74
CA GLU C 139 -18.49 -19.06 -23.05
C GLU C 139 -17.34 -19.99 -23.42
N LYS C 140 -16.20 -19.84 -22.75
CA LYS C 140 -15.04 -20.69 -23.00
C LYS C 140 -15.27 -22.11 -22.48
N LEU C 141 -16.07 -22.20 -21.40
CA LEU C 141 -16.45 -23.46 -20.78
C LEU C 141 -17.36 -24.36 -21.67
N LYS C 142 -18.01 -23.75 -22.66
CA LYS C 142 -18.97 -24.43 -23.55
C LYS C 142 -19.87 -25.35 -22.73
N THR C 143 -20.72 -24.74 -21.92
CA THR C 143 -21.59 -25.43 -20.98
C THR C 143 -22.69 -24.43 -20.65
N ASP C 144 -23.92 -24.90 -20.53
CA ASP C 144 -24.96 -24.01 -20.03
C ASP C 144 -25.06 -24.15 -18.50
N ILE C 145 -25.18 -23.03 -17.80
CA ILE C 145 -25.21 -23.08 -16.35
C ILE C 145 -26.34 -22.22 -15.83
N LYS C 146 -27.38 -22.88 -15.35
CA LYS C 146 -28.54 -22.21 -14.83
C LYS C 146 -28.54 -22.44 -13.35
N VAL C 147 -28.96 -21.45 -12.58
CA VAL C 147 -29.00 -21.57 -11.14
C VAL C 147 -30.27 -22.33 -10.84
N VAL C 148 -30.21 -23.28 -9.93
CA VAL C 148 -31.40 -24.00 -9.51
C VAL C 148 -31.99 -23.33 -8.28
N ASP C 149 -33.23 -22.84 -8.43
CA ASP C 149 -33.97 -22.13 -7.40
C ASP C 149 -33.93 -22.89 -6.09
N ARG C 150 -33.45 -22.23 -5.03
CA ARG C 150 -33.33 -22.85 -3.72
C ARG C 150 -34.64 -23.43 -3.20
N ASP C 151 -35.77 -22.90 -3.64
CA ASP C 151 -37.05 -23.32 -3.07
C ASP C 151 -37.80 -24.31 -3.94
N SER C 152 -37.11 -24.93 -4.90
CA SER C 152 -37.79 -25.86 -5.77
C SER C 152 -37.70 -27.30 -5.25
N GLU C 153 -38.22 -28.24 -6.03
CA GLU C 153 -38.22 -29.64 -5.63
C GLU C 153 -36.84 -30.25 -5.89
N GLU C 154 -36.23 -29.90 -7.03
CA GLU C 154 -34.86 -30.29 -7.34
C GLU C 154 -33.98 -29.96 -6.15
N ALA C 155 -34.06 -28.70 -5.73
CA ALA C 155 -33.14 -28.18 -4.73
C ALA C 155 -33.30 -28.92 -3.43
N GLU C 156 -34.51 -29.38 -3.16
CA GLU C 156 -34.77 -30.05 -1.90
C GLU C 156 -34.30 -31.51 -1.96
N ILE C 157 -34.44 -32.13 -3.12
CA ILE C 157 -33.95 -33.49 -3.27
C ILE C 157 -32.43 -33.52 -3.27
N ILE C 158 -31.84 -32.53 -3.92
CA ILE C 158 -30.40 -32.42 -3.99
C ILE C 158 -29.84 -32.20 -2.59
N ARG C 159 -30.46 -31.29 -1.83
CA ARG C 159 -30.04 -31.03 -0.45
C ARG C 159 -30.28 -32.24 0.45
N LYS C 160 -31.31 -33.01 0.15
CA LYS C 160 -31.56 -34.22 0.94
C LYS C 160 -30.47 -35.26 0.65
N TYR C 161 -30.11 -35.37 -0.63
CA TYR C 161 -29.02 -36.23 -1.06
C TYR C 161 -27.76 -35.85 -0.30
N VAL C 162 -27.51 -34.55 -0.15
CA VAL C 162 -26.31 -34.11 0.56
C VAL C 162 -26.40 -34.48 2.02
N LYS C 163 -27.53 -34.15 2.64
CA LYS C 163 -27.73 -34.41 4.05
C LYS C 163 -27.68 -35.88 4.41
N ASN C 164 -28.31 -36.73 3.60
CA ASN C 164 -28.52 -38.11 4.02
C ASN C 164 -27.35 -39.04 3.80
N THR C 165 -26.45 -38.67 2.91
CA THR C 165 -25.46 -39.63 2.44
C THR C 165 -24.07 -39.31 2.97
N HIS C 166 -24.03 -38.38 3.92
CA HIS C 166 -22.79 -38.01 4.60
C HIS C 166 -22.35 -39.13 5.54
N ALA C 167 -21.15 -39.66 5.31
CA ALA C 167 -20.72 -40.92 5.93
C ALA C 167 -20.40 -40.83 7.42
N THR C 168 -20.56 -41.95 8.11
CA THR C 168 -20.35 -42.03 9.55
C THR C 168 -18.88 -41.76 9.92
N THR C 169 -17.97 -42.16 9.05
CA THR C 169 -16.54 -42.01 9.27
C THR C 169 -15.89 -40.81 8.58
N HIS C 170 -16.65 -40.02 7.83
CA HIS C 170 -16.08 -38.79 7.25
C HIS C 170 -16.57 -37.60 8.05
N ASN C 171 -16.42 -37.67 9.36
CA ASN C 171 -16.92 -36.58 10.19
C ASN C 171 -15.84 -35.66 10.72
N ALA C 172 -15.10 -35.12 9.77
CA ALA C 172 -14.10 -34.09 10.03
C ALA C 172 -14.67 -32.75 9.62
N TYR C 173 -15.91 -32.75 9.12
CA TYR C 173 -16.60 -31.52 8.68
C TYR C 173 -18.08 -31.75 8.40
N ASP C 174 -18.77 -30.65 8.09
CA ASP C 174 -20.18 -30.65 7.75
C ASP C 174 -20.30 -29.98 6.39
N LEU C 175 -21.37 -30.30 5.66
CA LEU C 175 -21.56 -29.78 4.31
C LEU C 175 -22.83 -28.93 4.22
N GLU C 176 -22.69 -27.71 3.74
CA GLU C 176 -23.82 -26.83 3.48
C GLU C 176 -23.86 -26.47 2.01
N VAL C 177 -24.96 -26.76 1.34
CA VAL C 177 -25.07 -26.39 -0.06
C VAL C 177 -25.27 -24.89 -0.26
N ILE C 178 -24.38 -24.24 -1.02
CA ILE C 178 -24.48 -22.80 -1.21
C ILE C 178 -25.22 -22.48 -2.50
N ASP C 179 -24.88 -23.17 -3.57
CA ASP C 179 -25.52 -22.94 -4.85
C ASP C 179 -25.64 -24.27 -5.60
N ILE C 180 -26.73 -24.43 -6.34
CA ILE C 180 -26.94 -25.61 -7.16
C ILE C 180 -27.10 -25.21 -8.62
N PHE C 181 -26.31 -25.81 -9.50
CA PHE C 181 -26.33 -25.41 -10.90
C PHE C 181 -26.84 -26.54 -11.79
N LYS C 182 -27.83 -26.26 -12.62
CA LYS C 182 -28.18 -27.19 -13.70
C LYS C 182 -27.11 -26.97 -14.77
N ILE C 183 -26.41 -28.03 -15.16
CA ILE C 183 -25.37 -27.89 -16.19
C ILE C 183 -25.59 -28.75 -17.43
N GLU C 184 -25.25 -28.20 -18.59
CA GLU C 184 -25.38 -28.93 -19.84
C GLU C 184 -24.17 -28.70 -20.68
N ARG C 185 -23.25 -29.67 -20.67
CA ARG C 185 -22.10 -29.56 -21.53
C ARG C 185 -22.49 -29.66 -23.01
N GLU C 186 -22.04 -28.67 -23.79
CA GLU C 186 -22.13 -28.66 -25.25
C GLU C 186 -21.80 -30.05 -25.83
N GLY C 187 -22.77 -30.68 -26.49
CA GLY C 187 -22.50 -31.94 -27.13
C GLY C 187 -22.65 -33.19 -26.28
N GLU C 188 -22.90 -33.03 -24.99
CA GLU C 188 -22.82 -34.20 -24.15
C GLU C 188 -24.08 -35.03 -24.27
N CYS C 189 -25.18 -34.36 -24.53
CA CYS C 189 -26.42 -35.05 -24.79
C CYS C 189 -26.28 -36.01 -25.96
N GLN C 190 -25.84 -35.52 -27.12
CA GLN C 190 -25.60 -36.38 -28.26
C GLN C 190 -24.68 -37.54 -27.92
N ARG C 191 -23.55 -37.22 -27.27
CA ARG C 191 -22.60 -38.22 -26.82
C ARG C 191 -23.19 -39.31 -25.93
N TYR C 192 -24.02 -38.88 -24.98
CA TYR C 192 -24.60 -39.79 -24.00
C TYR C 192 -25.73 -40.60 -24.62
N LYS C 193 -26.31 -40.08 -25.72
CA LYS C 193 -27.51 -40.60 -26.38
C LYS C 193 -27.61 -42.12 -26.52
N PRO C 194 -26.55 -42.78 -27.00
CA PRO C 194 -26.68 -44.24 -27.05
C PRO C 194 -26.86 -44.87 -25.67
N PHE C 195 -26.20 -44.34 -24.65
CA PHE C 195 -26.28 -45.00 -23.35
C PHE C 195 -27.56 -44.71 -22.57
N LYS C 196 -28.43 -43.89 -23.15
CA LYS C 196 -29.66 -43.52 -22.46
C LYS C 196 -30.65 -44.70 -22.40
N GLN C 197 -30.52 -45.64 -23.34
CA GLN C 197 -31.42 -46.79 -23.43
C GLN C 197 -30.99 -47.87 -22.47
N LEU C 198 -29.69 -47.88 -22.21
CA LEU C 198 -29.07 -48.79 -21.26
C LEU C 198 -29.71 -48.59 -19.90
N HIS C 199 -29.99 -49.68 -19.21
CA HIS C 199 -30.69 -49.57 -17.94
C HIS C 199 -29.80 -49.23 -16.77
N ASN C 200 -30.44 -49.17 -15.60
CA ASN C 200 -29.76 -48.88 -14.36
C ASN C 200 -28.96 -47.60 -14.45
N ARG C 201 -29.67 -46.47 -14.42
CA ARG C 201 -29.03 -45.17 -14.53
C ARG C 201 -29.18 -44.36 -13.24
N ARG C 202 -28.04 -43.92 -12.73
CA ARG C 202 -27.99 -43.40 -11.39
C ARG C 202 -27.32 -42.02 -11.29
N LEU C 203 -27.91 -41.17 -10.44
CA LEU C 203 -27.39 -39.84 -10.13
C LEU C 203 -26.37 -39.94 -9.01
N LEU C 204 -25.10 -39.77 -9.35
CA LEU C 204 -24.00 -40.14 -8.47
C LEU C 204 -23.03 -38.97 -8.29
N TRP C 205 -22.22 -39.03 -7.22
CA TRP C 205 -21.32 -37.93 -6.89
C TRP C 205 -19.97 -38.03 -7.55
N HIS C 206 -19.46 -36.92 -8.07
CA HIS C 206 -18.06 -36.87 -8.41
C HIS C 206 -17.39 -35.62 -7.84
N GLY C 207 -16.51 -35.83 -6.86
CA GLY C 207 -15.76 -34.74 -6.27
C GLY C 207 -14.41 -34.55 -6.93
N SER C 208 -14.00 -33.29 -7.08
CA SER C 208 -12.70 -32.94 -7.62
C SER C 208 -12.31 -31.54 -7.16
N ARG C 209 -11.06 -31.16 -7.39
CA ARG C 209 -10.61 -29.84 -6.98
C ARG C 209 -11.10 -28.77 -7.92
N THR C 210 -11.25 -27.58 -7.36
CA THR C 210 -11.79 -26.45 -8.08
C THR C 210 -10.97 -26.16 -9.32
N THR C 211 -9.68 -26.43 -9.25
CA THR C 211 -8.83 -26.12 -10.39
C THR C 211 -9.00 -27.09 -11.56
N ASN C 212 -9.75 -28.18 -11.36
CA ASN C 212 -10.04 -29.06 -12.48
C ASN C 212 -11.32 -28.70 -13.25
N PHE C 213 -12.11 -27.76 -12.73
CA PHE C 213 -13.42 -27.53 -13.33
C PHE C 213 -13.45 -26.83 -14.70
N ALA C 214 -12.54 -25.92 -14.97
CA ALA C 214 -12.37 -25.42 -16.34
C ALA C 214 -12.20 -26.63 -17.24
N GLY C 215 -11.40 -27.59 -16.76
CA GLY C 215 -11.14 -28.78 -17.54
C GLY C 215 -12.33 -29.71 -17.58
N ILE C 216 -12.90 -29.97 -16.40
CA ILE C 216 -14.07 -30.84 -16.35
C ILE C 216 -15.27 -30.26 -17.13
N LEU C 217 -15.54 -28.98 -16.99
CA LEU C 217 -16.67 -28.43 -17.71
C LEU C 217 -16.38 -28.32 -19.21
N SER C 218 -15.20 -27.84 -19.57
CA SER C 218 -14.92 -27.68 -20.98
C SER C 218 -14.74 -29.00 -21.70
N GLN C 219 -14.28 -30.04 -21.00
CA GLN C 219 -14.04 -31.33 -21.64
C GLN C 219 -14.69 -32.55 -21.03
N GLY C 220 -15.41 -32.40 -19.92
CA GLY C 220 -16.07 -33.54 -19.31
C GLY C 220 -15.15 -34.36 -18.42
N LEU C 221 -15.73 -35.26 -17.65
CA LEU C 221 -14.93 -36.19 -16.90
C LEU C 221 -14.17 -37.06 -17.89
N ARG C 222 -12.87 -37.18 -17.73
CA ARG C 222 -12.06 -37.90 -18.70
C ARG C 222 -11.46 -39.15 -18.07
N ILE C 223 -10.83 -39.98 -18.91
CA ILE C 223 -10.14 -41.18 -18.45
C ILE C 223 -8.64 -41.02 -18.67
N ALA C 224 -7.83 -41.43 -17.69
CA ALA C 224 -6.37 -41.40 -17.84
C ALA C 224 -5.93 -42.22 -19.05
N PRO C 225 -5.03 -41.67 -19.89
CA PRO C 225 -4.59 -42.34 -21.12
C PRO C 225 -3.60 -43.47 -20.81
N PRO C 226 -3.12 -44.18 -21.85
CA PRO C 226 -2.06 -45.19 -21.66
C PRO C 226 -0.77 -44.68 -21.02
N GLU C 227 -0.28 -43.51 -21.46
CA GLU C 227 0.95 -42.92 -20.91
C GLU C 227 1.02 -42.79 -19.39
N ALA C 228 -0.03 -43.20 -18.70
CA ALA C 228 -0.12 -43.00 -17.27
C ALA C 228 -0.08 -44.32 -16.55
N PRO C 229 0.39 -44.33 -15.30
CA PRO C 229 0.45 -45.51 -14.43
C PRO C 229 -0.90 -46.14 -14.11
N VAL C 230 -0.94 -47.01 -13.10
CA VAL C 230 -2.18 -47.66 -12.68
C VAL C 230 -2.32 -47.68 -11.14
N THR C 231 -1.26 -47.31 -10.43
CA THR C 231 -1.23 -47.39 -8.96
C THR C 231 -2.32 -46.57 -8.27
N GLY C 232 -2.91 -47.18 -7.24
CA GLY C 232 -3.90 -46.51 -6.41
C GLY C 232 -5.28 -46.68 -6.97
N TYR C 233 -5.33 -47.17 -8.21
CA TYR C 233 -6.59 -47.29 -8.92
C TYR C 233 -7.22 -48.64 -8.61
N MET C 234 -8.10 -48.64 -7.61
CA MET C 234 -8.72 -49.86 -7.13
C MET C 234 -9.50 -50.62 -8.20
N PHE C 235 -9.89 -49.94 -9.28
CA PHE C 235 -10.64 -50.60 -10.34
C PHE C 235 -10.25 -50.08 -11.73
N GLY C 236 -9.00 -49.67 -11.88
CA GLY C 236 -8.45 -49.43 -13.20
C GLY C 236 -8.54 -47.99 -13.62
N LYS C 237 -8.20 -47.74 -14.88
CA LYS C 237 -8.35 -46.41 -15.42
C LYS C 237 -9.80 -46.25 -15.92
N GLY C 238 -10.59 -45.51 -15.14
CA GLY C 238 -12.01 -45.31 -15.39
C GLY C 238 -12.46 -43.98 -14.79
N ILE C 239 -13.76 -43.70 -14.83
CA ILE C 239 -14.31 -42.50 -14.21
C ILE C 239 -15.05 -42.99 -13.00
N TYR C 240 -14.65 -42.52 -11.82
CA TYR C 240 -15.19 -43.00 -10.56
C TYR C 240 -16.26 -42.10 -9.97
N PHE C 241 -17.19 -42.71 -9.23
CA PHE C 241 -18.31 -42.02 -8.65
C PHE C 241 -18.65 -42.64 -7.30
N ALA C 242 -19.29 -41.88 -6.42
CA ALA C 242 -19.73 -42.40 -5.15
C ALA C 242 -21.21 -42.09 -4.95
N ASP C 243 -21.90 -42.95 -4.19
CA ASP C 243 -23.29 -42.69 -3.84
C ASP C 243 -23.41 -42.00 -2.48
N MET C 244 -22.26 -41.64 -1.94
CA MET C 244 -22.21 -40.93 -0.68
C MET C 244 -21.46 -39.63 -0.90
N VAL C 245 -22.18 -38.51 -0.76
CA VAL C 245 -21.62 -37.18 -0.96
C VAL C 245 -20.28 -37.03 -0.26
N SER C 246 -20.12 -37.77 0.83
CA SER C 246 -18.95 -37.67 1.68
C SER C 246 -17.70 -38.30 1.07
N LYS C 247 -17.88 -39.49 0.49
CA LYS C 247 -16.81 -40.19 -0.22
C LYS C 247 -16.24 -39.26 -1.29
N SER C 248 -17.14 -38.57 -2.01
CA SER C 248 -16.76 -37.70 -3.10
C SER C 248 -16.25 -36.33 -2.68
N ALA C 249 -16.88 -35.74 -1.66
CA ALA C 249 -16.42 -34.44 -1.16
C ALA C 249 -14.92 -34.44 -0.78
N ASN C 250 -14.48 -35.48 -0.06
CA ASN C 250 -13.07 -35.60 0.33
C ASN C 250 -12.08 -35.37 -0.82
N TYR C 251 -12.51 -35.64 -2.05
CA TYR C 251 -11.65 -35.34 -3.20
C TYR C 251 -11.77 -33.91 -3.73
N CYS C 252 -12.45 -33.02 -3.01
CA CYS C 252 -12.45 -31.61 -3.40
C CYS C 252 -11.15 -30.98 -2.93
N HIS C 253 -10.57 -31.55 -1.88
CA HIS C 253 -9.33 -31.07 -1.27
C HIS C 253 -9.50 -29.64 -0.80
N THR C 254 -10.49 -29.45 0.08
CA THR C 254 -10.73 -28.16 0.68
C THR C 254 -10.16 -28.22 2.07
N SER C 255 -9.71 -27.07 2.54
CA SER C 255 -9.06 -26.99 3.85
C SER C 255 -9.84 -26.01 4.71
N GLN C 256 -9.46 -25.88 5.96
CA GLN C 256 -10.09 -24.87 6.81
C GLN C 256 -9.82 -23.50 6.19
N GLY C 257 -8.68 -23.38 5.49
CA GLY C 257 -8.28 -22.13 4.84
C GLY C 257 -9.06 -21.83 3.57
N ASP C 258 -9.41 -22.87 2.81
CA ASP C 258 -10.40 -22.69 1.75
C ASP C 258 -11.48 -23.76 1.84
N PRO C 259 -12.58 -23.42 2.52
CA PRO C 259 -13.66 -24.32 2.91
C PRO C 259 -14.77 -24.42 1.88
N ILE C 260 -14.57 -23.89 0.68
CA ILE C 260 -15.62 -24.03 -0.33
C ILE C 260 -15.20 -24.91 -1.51
N GLY C 261 -16.06 -25.87 -1.80
CA GLY C 261 -15.77 -26.89 -2.79
C GLY C 261 -16.83 -26.98 -3.86
N LEU C 262 -16.44 -27.52 -5.02
CA LEU C 262 -17.35 -27.82 -6.11
C LEU C 262 -17.48 -29.33 -6.24
N ILE C 263 -18.71 -29.81 -6.33
CA ILE C 263 -18.92 -31.22 -6.57
C ILE C 263 -19.91 -31.40 -7.71
N LEU C 264 -19.88 -32.55 -8.37
CA LEU C 264 -20.77 -32.80 -9.49
C LEU C 264 -21.78 -33.87 -9.16
N LEU C 265 -23.00 -33.67 -9.63
CA LEU C 265 -23.94 -34.77 -9.72
C LEU C 265 -23.94 -35.28 -11.15
N GLY C 266 -23.71 -36.57 -11.33
CA GLY C 266 -23.63 -37.13 -12.66
C GLY C 266 -24.60 -38.27 -12.88
N GLU C 267 -25.33 -38.22 -13.97
CA GLU C 267 -26.12 -39.36 -14.34
C GLU C 267 -25.16 -40.35 -15.00
N VAL C 268 -25.04 -41.54 -14.43
CA VAL C 268 -24.15 -42.51 -15.04
C VAL C 268 -24.86 -43.82 -15.40
N ALA C 269 -24.64 -44.27 -16.63
CA ALA C 269 -25.39 -45.35 -17.21
C ALA C 269 -24.71 -46.62 -16.82
N LEU C 270 -25.11 -47.14 -15.68
CA LEU C 270 -24.36 -48.20 -15.02
C LEU C 270 -24.58 -49.57 -15.65
N GLY C 271 -25.72 -49.77 -16.28
CA GLY C 271 -26.03 -51.03 -16.93
C GLY C 271 -25.91 -52.20 -15.98
N ASN C 272 -25.38 -53.33 -16.47
CA ASN C 272 -25.05 -54.46 -15.60
C ASN C 272 -23.72 -54.21 -14.94
N MET C 273 -23.75 -54.12 -13.62
CA MET C 273 -22.55 -53.81 -12.85
C MET C 273 -21.77 -55.07 -12.52
N TYR C 274 -20.49 -55.03 -12.85
CA TYR C 274 -19.54 -56.05 -12.45
C TYR C 274 -19.22 -55.78 -10.98
N GLU C 275 -19.97 -56.41 -10.07
CA GLU C 275 -19.86 -56.12 -8.63
C GLU C 275 -18.59 -56.71 -7.97
N LEU C 276 -17.74 -55.83 -7.43
CA LEU C 276 -16.46 -56.27 -6.88
C LEU C 276 -16.29 -55.97 -5.41
N LYS C 277 -15.34 -56.67 -4.81
CA LYS C 277 -15.05 -56.53 -3.38
C LYS C 277 -13.59 -56.20 -3.18
N HIS C 278 -12.79 -56.37 -4.24
CA HIS C 278 -11.35 -56.12 -4.19
C HIS C 278 -10.79 -55.65 -5.52
N ALA C 279 -9.67 -54.95 -5.45
CA ALA C 279 -9.01 -54.37 -6.62
C ALA C 279 -8.46 -55.36 -7.64
N SER C 280 -9.30 -55.76 -8.59
CA SER C 280 -8.78 -56.40 -9.79
C SER C 280 -8.75 -55.37 -10.88
N HIS C 281 -7.57 -55.05 -11.38
CA HIS C 281 -7.49 -54.23 -12.57
C HIS C 281 -7.76 -55.13 -13.78
N ILE C 282 -9.04 -55.18 -14.18
CA ILE C 282 -9.41 -55.82 -15.43
C ILE C 282 -9.41 -54.77 -16.54
N SER C 283 -10.13 -53.66 -16.31
CA SER C 283 -10.38 -52.62 -17.32
C SER C 283 -11.23 -53.10 -18.51
N LYS C 284 -10.93 -54.30 -19.03
CA LYS C 284 -11.81 -54.97 -20.01
C LYS C 284 -12.90 -55.82 -19.31
N LEU C 285 -14.11 -55.29 -19.32
CA LEU C 285 -15.23 -55.92 -18.65
C LEU C 285 -15.56 -57.27 -19.29
N PRO C 286 -16.13 -58.17 -18.50
CA PRO C 286 -16.83 -59.32 -19.10
C PRO C 286 -18.02 -58.83 -19.93
N LYS C 287 -18.43 -59.62 -20.93
CA LYS C 287 -19.51 -59.23 -21.84
C LYS C 287 -20.82 -59.09 -21.12
N GLY C 288 -21.57 -58.04 -21.47
CA GLY C 288 -22.87 -57.77 -20.88
C GLY C 288 -22.75 -57.04 -19.57
N LYS C 289 -21.51 -56.70 -19.19
CA LYS C 289 -21.23 -55.86 -18.03
C LYS C 289 -20.75 -54.52 -18.55
N HIS C 290 -21.23 -53.43 -17.95
CA HIS C 290 -20.97 -52.09 -18.49
C HIS C 290 -20.32 -51.14 -17.50
N SER C 291 -20.22 -51.58 -16.25
CA SER C 291 -19.56 -50.83 -15.19
C SER C 291 -19.04 -51.75 -14.07
N VAL C 292 -18.31 -51.18 -13.13
CA VAL C 292 -17.92 -51.88 -11.91
C VAL C 292 -18.55 -51.16 -10.70
N LYS C 293 -19.11 -51.93 -9.77
CA LYS C 293 -19.51 -51.34 -8.50
C LYS C 293 -18.68 -51.94 -7.39
N GLY C 294 -17.80 -51.14 -6.80
CA GLY C 294 -17.06 -51.59 -5.65
C GLY C 294 -18.00 -51.69 -4.45
N LEU C 295 -18.34 -52.91 -4.05
CA LEU C 295 -19.23 -53.12 -2.91
C LEU C 295 -18.62 -52.61 -1.60
N GLY C 296 -19.41 -51.96 -0.77
CA GLY C 296 -18.92 -51.46 0.49
C GLY C 296 -19.68 -51.96 1.70
N LYS C 297 -19.12 -51.74 2.88
CA LYS C 297 -19.77 -52.20 4.11
C LYS C 297 -21.05 -51.43 4.38
N THR C 298 -21.04 -50.13 4.13
CA THR C 298 -22.26 -49.33 4.25
C THR C 298 -22.74 -48.86 2.87
N THR C 299 -24.05 -48.83 2.68
CA THR C 299 -24.64 -48.42 1.40
C THR C 299 -25.76 -47.40 1.64
N PRO C 300 -26.15 -46.63 0.61
CA PRO C 300 -27.35 -45.83 0.84
C PRO C 300 -28.55 -46.75 0.87
N ASP C 301 -29.63 -46.32 1.54
CA ASP C 301 -30.73 -47.23 1.91
C ASP C 301 -31.74 -47.43 0.80
N PRO C 302 -31.77 -48.65 0.24
CA PRO C 302 -32.53 -49.03 -0.97
C PRO C 302 -34.01 -48.68 -0.91
N SER C 303 -34.57 -48.73 0.29
CA SER C 303 -35.97 -48.40 0.46
C SER C 303 -36.24 -46.93 0.18
N ALA C 304 -35.19 -46.13 0.05
CA ALA C 304 -35.39 -44.72 -0.23
C ALA C 304 -34.86 -44.27 -1.60
N ASN C 305 -34.33 -45.19 -2.41
CA ASN C 305 -33.84 -44.84 -3.75
C ASN C 305 -34.98 -44.28 -4.60
N ILE C 306 -35.09 -42.96 -4.59
CA ILE C 306 -36.03 -42.20 -5.38
C ILE C 306 -35.75 -42.31 -6.88
N SER C 307 -36.80 -42.21 -7.70
CA SER C 307 -36.61 -42.30 -9.13
C SER C 307 -37.15 -41.07 -9.82
N LEU C 308 -36.29 -40.37 -10.56
CA LEU C 308 -36.74 -39.21 -11.32
C LEU C 308 -36.24 -39.16 -12.76
N ASP C 309 -37.16 -38.96 -13.69
CA ASP C 309 -36.83 -38.96 -15.10
C ASP C 309 -36.02 -40.21 -15.40
N GLY C 310 -36.55 -41.36 -15.01
CA GLY C 310 -35.89 -42.63 -15.25
C GLY C 310 -34.51 -42.81 -14.63
N VAL C 311 -34.19 -42.02 -13.60
CA VAL C 311 -32.86 -42.04 -12.97
C VAL C 311 -32.88 -42.20 -11.45
N ASP C 312 -32.19 -43.23 -10.94
CA ASP C 312 -32.16 -43.48 -9.50
C ASP C 312 -31.35 -42.47 -8.73
N VAL C 313 -31.98 -41.80 -7.77
CA VAL C 313 -31.24 -41.01 -6.80
C VAL C 313 -31.16 -41.80 -5.49
N PRO C 314 -29.96 -42.22 -5.11
CA PRO C 314 -29.79 -43.05 -3.92
C PRO C 314 -29.63 -42.20 -2.68
N LEU C 315 -30.68 -41.51 -2.31
CA LEU C 315 -30.62 -40.66 -1.13
C LEU C 315 -31.13 -41.37 0.12
N GLY C 316 -31.04 -42.69 0.13
CA GLY C 316 -31.23 -43.41 1.37
C GLY C 316 -30.07 -43.05 2.28
N THR C 317 -30.34 -42.81 3.56
CA THR C 317 -29.27 -42.62 4.52
C THR C 317 -28.49 -43.95 4.63
N GLY C 318 -27.26 -43.88 5.12
CA GLY C 318 -26.40 -45.05 5.15
C GLY C 318 -26.80 -46.13 6.13
N ILE C 319 -26.96 -47.35 5.63
CA ILE C 319 -27.21 -48.50 6.48
C ILE C 319 -26.28 -49.66 6.13
N SER C 320 -26.42 -50.77 6.84
CA SER C 320 -25.54 -51.91 6.62
C SER C 320 -25.87 -52.60 5.30
N SER C 321 -24.91 -52.60 4.40
CA SER C 321 -25.04 -53.39 3.19
C SER C 321 -24.76 -54.80 3.62
N GLY C 322 -25.18 -55.76 2.81
CA GLY C 322 -24.90 -57.14 3.11
C GLY C 322 -23.41 -57.32 3.27
N VAL C 323 -22.68 -56.90 2.24
CA VAL C 323 -21.27 -57.20 2.04
C VAL C 323 -20.42 -57.49 3.25
N ASN C 324 -19.79 -58.66 3.22
CA ASN C 324 -18.84 -59.08 4.23
C ASN C 324 -17.51 -59.36 3.56
N ASP C 325 -16.43 -58.95 4.20
CA ASP C 325 -15.08 -59.19 3.68
C ASP C 325 -14.90 -58.41 2.39
N THR C 326 -15.03 -57.09 2.53
CA THR C 326 -14.68 -56.14 1.48
C THR C 326 -13.74 -55.10 2.10
N SER C 327 -12.85 -54.56 1.28
CA SER C 327 -11.95 -53.49 1.71
C SER C 327 -12.63 -52.11 1.65
N LEU C 328 -13.76 -52.05 0.96
CA LEU C 328 -14.41 -50.77 0.66
C LEU C 328 -15.15 -50.14 1.83
N LEU C 329 -14.63 -48.99 2.23
CA LEU C 329 -15.34 -47.98 2.98
C LEU C 329 -16.81 -48.00 2.57
N TYR C 330 -17.08 -47.42 1.40
CA TYR C 330 -18.43 -47.24 0.89
C TYR C 330 -18.43 -47.62 -0.57
N ASN C 331 -19.59 -47.60 -1.21
CA ASN C 331 -19.70 -48.00 -2.61
C ASN C 331 -18.93 -47.08 -3.53
N GLU C 332 -18.81 -47.49 -4.79
CA GLU C 332 -17.84 -46.92 -5.71
C GLU C 332 -18.21 -47.43 -7.10
N TYR C 333 -18.42 -46.54 -8.05
CA TYR C 333 -18.92 -46.92 -9.34
C TYR C 333 -17.96 -46.43 -10.39
N ILE C 334 -17.66 -47.28 -11.35
CA ILE C 334 -16.63 -46.97 -12.33
C ILE C 334 -17.07 -47.36 -13.75
N VAL C 335 -16.92 -46.45 -14.70
CA VAL C 335 -17.23 -46.77 -16.07
C VAL C 335 -16.00 -46.49 -16.91
N TYR C 336 -15.93 -47.07 -18.10
CA TYR C 336 -14.66 -47.11 -18.82
C TYR C 336 -14.78 -46.46 -20.16
N ASP C 337 -15.93 -45.82 -20.36
CA ASP C 337 -16.22 -45.10 -21.59
C ASP C 337 -16.74 -43.75 -21.15
N ILE C 338 -16.09 -42.67 -21.57
CA ILE C 338 -16.51 -41.35 -21.14
C ILE C 338 -17.95 -40.99 -21.54
N ALA C 339 -18.51 -41.72 -22.49
CA ALA C 339 -19.88 -41.42 -22.94
C ALA C 339 -20.96 -41.93 -21.98
N GLN C 340 -20.57 -42.72 -20.98
CA GLN C 340 -21.59 -43.26 -20.08
C GLN C 340 -21.99 -42.24 -19.03
N VAL C 341 -21.47 -41.03 -19.15
CA VAL C 341 -21.70 -39.99 -18.17
C VAL C 341 -22.29 -38.72 -18.79
N ASN C 342 -23.43 -38.32 -18.23
CA ASN C 342 -24.06 -37.04 -18.52
C ASN C 342 -24.02 -36.21 -17.23
N LEU C 343 -23.21 -35.17 -17.19
CA LEU C 343 -23.26 -34.28 -16.02
C LEU C 343 -24.63 -33.57 -15.93
N LYS C 344 -25.16 -33.46 -14.73
CA LYS C 344 -26.47 -32.87 -14.55
C LYS C 344 -26.38 -31.67 -13.63
N TYR C 345 -25.66 -31.80 -12.52
CA TYR C 345 -25.52 -30.68 -11.60
C TYR C 345 -24.09 -30.38 -11.13
N LEU C 346 -23.85 -29.11 -10.82
CA LEU C 346 -22.62 -28.70 -10.16
C LEU C 346 -23.03 -27.98 -8.88
N LEU C 347 -22.53 -28.43 -7.74
CA LEU C 347 -22.86 -27.81 -6.46
C LEU C 347 -21.67 -27.07 -5.87
N LYS C 348 -21.91 -25.84 -5.42
CA LYS C 348 -20.93 -25.12 -4.60
C LYS C 348 -21.20 -25.54 -3.15
N LEU C 349 -20.24 -26.23 -2.55
CA LEU C 349 -20.37 -26.71 -1.19
C LEU C 349 -19.52 -25.94 -0.17
N LYS C 350 -20.10 -25.63 0.97
CA LYS C 350 -19.33 -25.06 2.06
C LYS C 350 -18.97 -26.19 3.01
N PHE C 351 -17.67 -26.38 3.22
CA PHE C 351 -17.16 -27.36 4.17
C PHE C 351 -16.99 -26.70 5.52
N ASN C 352 -17.84 -27.03 6.48
CA ASN C 352 -17.72 -26.42 7.80
C ASN C 352 -16.97 -27.36 8.69
N PHE C 353 -15.71 -27.03 8.95
CA PHE C 353 -14.78 -27.97 9.55
C PHE C 353 -14.96 -28.20 11.06
N LYS C 354 -14.71 -29.45 11.46
CA LYS C 354 -14.97 -29.92 12.81
C LYS C 354 -14.08 -29.29 13.86
N THR C 355 -14.69 -28.99 15.01
CA THR C 355 -14.01 -28.60 16.25
C THR C 355 -12.89 -27.59 16.11
N SER D 7 -22.66 41.75 -2.89
CA SER D 7 -21.54 41.79 -3.81
C SER D 7 -21.84 41.00 -5.08
N LYS D 8 -21.87 41.68 -6.22
CA LYS D 8 -22.20 41.03 -7.48
C LYS D 8 -20.97 40.42 -8.18
N LEU D 9 -19.77 40.70 -7.65
CA LEU D 9 -18.54 40.08 -8.14
C LEU D 9 -18.67 38.56 -8.19
N PRO D 10 -18.05 37.92 -9.20
CA PRO D 10 -18.23 36.47 -9.36
C PRO D 10 -17.81 35.69 -8.12
N LYS D 11 -18.31 34.47 -8.00
CA LYS D 11 -18.03 33.67 -6.82
C LYS D 11 -16.51 33.43 -6.64
N PRO D 12 -15.82 32.88 -7.66
CA PRO D 12 -14.38 32.66 -7.43
C PRO D 12 -13.54 33.94 -7.20
N VAL D 13 -13.95 35.09 -7.74
CA VAL D 13 -13.28 36.34 -7.40
C VAL D 13 -13.47 36.68 -5.93
N GLN D 14 -14.70 36.54 -5.46
CA GLN D 14 -15.03 36.77 -4.05
C GLN D 14 -14.21 35.87 -3.16
N ASP D 15 -14.09 34.60 -3.57
CA ASP D 15 -13.36 33.62 -2.79
C ASP D 15 -11.86 33.93 -2.79
N LEU D 16 -11.37 34.43 -3.92
CA LEU D 16 -9.99 34.90 -4.02
C LEU D 16 -9.77 35.96 -2.96
N ILE D 17 -10.67 36.96 -2.92
CA ILE D 17 -10.58 38.06 -1.96
C ILE D 17 -10.50 37.57 -0.51
N LYS D 18 -11.32 36.57 -0.19
CA LYS D 18 -11.31 35.95 1.15
C LYS D 18 -9.90 35.53 1.55
N MET D 19 -9.28 34.69 0.71
CA MET D 19 -7.91 34.23 0.89
C MET D 19 -6.90 35.36 1.14
N ILE D 20 -6.84 36.29 0.19
CA ILE D 20 -5.87 37.38 0.23
C ILE D 20 -5.92 38.21 1.51
N PHE D 21 -7.12 38.46 2.04
CA PHE D 21 -7.27 39.28 3.25
C PHE D 21 -7.62 38.50 4.53
N ASP D 22 -7.29 37.20 4.55
CA ASP D 22 -7.61 36.33 5.69
C ASP D 22 -6.68 36.55 6.88
N VAL D 23 -7.17 37.25 7.88
CA VAL D 23 -6.39 37.67 9.03
C VAL D 23 -6.00 36.52 9.98
N GLU D 24 -6.76 35.43 9.97
CA GLU D 24 -6.35 34.26 10.74
C GLU D 24 -5.14 33.59 10.05
N SER D 25 -5.03 33.75 8.74
CA SER D 25 -3.88 33.22 7.99
C SER D 25 -2.60 34.03 8.20
N MET D 26 -2.73 35.31 8.54
CA MET D 26 -1.58 36.15 8.87
C MET D 26 -1.03 35.79 10.25
N LYS D 27 -1.93 35.67 11.23
CA LYS D 27 -1.55 35.26 12.56
C LYS D 27 -0.75 33.95 12.50
N LYS D 28 -1.29 32.96 11.78
CA LYS D 28 -0.60 31.69 11.60
C LYS D 28 0.78 31.90 11.02
N ALA D 29 0.86 32.80 10.04
CA ALA D 29 2.13 33.14 9.41
C ALA D 29 3.07 33.74 10.43
N MET D 30 2.52 34.62 11.27
CA MET D 30 3.30 35.21 12.36
C MET D 30 3.74 34.13 13.32
N VAL D 31 2.79 33.30 13.76
CA VAL D 31 3.09 32.24 14.73
C VAL D 31 4.07 31.21 14.16
N GLU D 32 3.94 30.89 12.88
CA GLU D 32 4.87 29.94 12.24
C GLU D 32 6.30 30.45 12.32
N TYR D 33 6.43 31.77 12.30
CA TYR D 33 7.72 32.43 12.42
C TYR D 33 8.13 32.58 13.87
N GLU D 34 7.23 32.22 14.78
CA GLU D 34 7.44 32.30 16.22
C GLU D 34 7.59 33.74 16.70
N ILE D 35 6.51 34.50 16.59
CA ILE D 35 6.52 35.93 16.89
C ILE D 35 5.46 36.32 17.91
N LYS D 44 -0.48 46.20 14.43
CA LYS D 44 0.63 46.07 15.37
C LYS D 44 1.98 46.31 14.70
N LEU D 45 1.97 46.54 13.39
CA LEU D 45 3.20 46.56 12.58
C LEU D 45 3.48 47.89 11.85
N SER D 46 4.68 48.03 11.29
CA SER D 46 5.07 49.30 10.66
C SER D 46 6.30 49.17 9.76
N LYS D 47 6.89 50.32 9.41
CA LYS D 47 8.14 50.36 8.64
C LYS D 47 9.33 49.99 9.52
N ARG D 48 10.21 49.14 9.00
CA ARG D 48 11.28 48.57 9.80
C ARG D 48 12.69 48.75 9.20
N GLN D 49 13.71 48.53 10.04
CA GLN D 49 15.11 48.35 9.63
C GLN D 49 15.20 47.46 8.37
N ILE D 50 16.22 47.54 7.51
CA ILE D 50 17.66 47.91 7.66
C ILE D 50 18.54 46.74 8.18
N GLN D 51 19.75 47.06 8.62
CA GLN D 51 20.68 46.11 9.25
C GLN D 51 21.45 45.19 8.30
N ALA D 52 21.23 43.88 8.44
CA ALA D 52 22.05 42.87 7.74
C ALA D 52 23.52 42.93 8.16
N ALA D 53 23.78 43.74 9.19
CA ALA D 53 25.12 43.94 9.71
C ALA D 53 25.51 42.76 10.60
N SER D 77 25.82 39.42 19.30
CA SER D 77 26.19 40.83 19.24
C SER D 77 24.95 41.73 19.31
N ASN D 78 24.14 41.71 18.24
CA ASN D 78 23.06 42.69 18.08
C ASN D 78 21.62 42.18 18.17
N ARG D 79 20.78 43.00 18.82
CA ARG D 79 19.36 42.68 19.05
C ARG D 79 18.42 43.26 18.00
N PHE D 80 18.43 42.62 16.84
CA PHE D 80 17.36 42.74 15.85
C PHE D 80 16.12 42.17 16.51
N TYR D 81 16.31 41.09 17.27
CA TYR D 81 15.27 40.39 17.99
C TYR D 81 14.41 41.31 18.87
N THR D 82 15.02 42.35 19.42
CA THR D 82 14.28 43.30 20.24
C THR D 82 13.22 43.96 19.37
N LEU D 83 13.65 44.40 18.19
CA LEU D 83 12.74 45.07 17.24
C LEU D 83 11.55 44.20 16.84
N ILE D 84 11.77 42.90 16.66
CA ILE D 84 10.68 41.98 16.33
C ILE D 84 10.60 40.89 17.41
N PRO D 85 9.62 41.02 18.33
CA PRO D 85 9.43 40.14 19.48
C PRO D 85 9.13 38.68 19.12
N HIS D 86 10.00 37.78 19.54
CA HIS D 86 9.82 36.36 19.30
C HIS D 86 9.44 35.62 20.59
N ASP D 87 9.26 34.30 20.50
CA ASP D 87 9.03 33.47 21.67
C ASP D 87 9.39 32.01 21.40
N ASP D 100 24.03 33.90 6.75
CA ASP D 100 23.13 32.82 6.37
C ASP D 100 21.94 32.77 7.32
N SER D 101 22.23 32.73 8.61
CA SER D 101 21.18 32.80 9.63
C SER D 101 20.35 34.06 9.41
N VAL D 102 21.02 35.14 9.04
CA VAL D 102 20.35 36.41 8.76
C VAL D 102 19.38 36.30 7.58
N GLN D 103 19.74 35.50 6.57
CA GLN D 103 18.89 35.32 5.40
C GLN D 103 17.48 34.84 5.78
N ALA D 104 17.41 33.82 6.63
CA ALA D 104 16.13 33.31 7.11
C ALA D 104 15.26 34.45 7.64
N LYS D 105 15.85 35.28 8.49
CA LYS D 105 15.12 36.39 9.08
C LYS D 105 14.67 37.37 8.01
N ALA D 106 15.47 37.50 6.96
CA ALA D 106 15.16 38.40 5.85
C ALA D 106 14.04 37.85 4.95
N GLU D 107 13.99 36.54 4.74
CA GLU D 107 12.82 35.92 4.11
C GLU D 107 11.56 36.16 4.95
N MET D 108 11.66 35.95 6.26
CA MET D 108 10.60 36.32 7.22
C MET D 108 10.25 37.80 7.08
N LEU D 109 11.28 38.65 7.12
CA LEU D 109 11.14 40.10 7.02
C LEU D 109 10.40 40.51 5.77
N ASP D 110 10.58 39.73 4.70
CA ASP D 110 9.93 40.00 3.42
C ASP D 110 8.42 39.69 3.49
N ASN D 111 8.10 38.53 4.06
CA ASN D 111 6.71 38.14 4.27
C ASN D 111 6.02 39.20 5.10
N LEU D 112 6.70 39.67 6.14
CA LEU D 112 6.19 40.71 7.04
C LEU D 112 5.79 41.99 6.35
N LEU D 113 6.75 42.60 5.66
CA LEU D 113 6.53 43.85 4.92
C LEU D 113 5.26 43.81 4.06
N ASP D 114 4.99 42.66 3.47
CA ASP D 114 3.79 42.50 2.65
C ASP D 114 2.58 42.19 3.51
N ILE D 115 2.82 41.51 4.63
CA ILE D 115 1.77 41.17 5.57
C ILE D 115 1.26 42.43 6.30
N GLU D 116 2.14 43.41 6.48
CA GLU D 116 1.74 44.71 6.99
C GLU D 116 0.82 45.41 5.99
N VAL D 117 1.19 45.36 4.71
CA VAL D 117 0.47 46.06 3.66
C VAL D 117 -0.99 45.60 3.62
N ALA D 118 -1.18 44.30 3.82
CA ALA D 118 -2.52 43.73 3.93
C ALA D 118 -3.27 44.44 5.06
N TYR D 119 -2.84 44.17 6.28
CA TYR D 119 -3.49 44.70 7.49
C TYR D 119 -3.57 46.23 7.52
N SER D 120 -2.76 46.90 6.69
CA SER D 120 -2.85 48.35 6.56
C SER D 120 -4.07 48.78 5.76
N LEU D 121 -4.12 48.38 4.50
CA LEU D 121 -5.22 48.75 3.62
C LEU D 121 -6.55 48.20 4.13
N LEU D 122 -6.49 47.16 4.96
CA LEU D 122 -7.68 46.48 5.46
C LEU D 122 -8.35 47.27 6.59
N ARG D 123 -7.56 48.02 7.35
CA ARG D 123 -8.10 48.84 8.43
C ARG D 123 -8.41 50.26 7.97
N GLY D 124 -7.50 50.85 7.20
CA GLY D 124 -7.68 52.20 6.70
C GLY D 124 -8.57 52.27 5.47
N ILE D 134 -15.63 43.08 2.17
CA ILE D 134 -16.33 42.09 1.35
C ILE D 134 -16.16 42.36 -0.16
N ASP D 135 -16.94 43.28 -0.70
CA ASP D 135 -16.72 43.81 -2.05
C ASP D 135 -15.88 45.05 -1.80
N VAL D 136 -15.98 45.50 -0.55
CA VAL D 136 -15.23 46.63 -0.04
C VAL D 136 -13.73 46.41 -0.24
N ASN D 137 -13.26 45.21 0.15
CA ASN D 137 -11.84 44.86 0.12
C ASN D 137 -11.26 44.76 -1.30
N TYR D 138 -11.97 44.06 -2.19
CA TYR D 138 -11.62 44.00 -3.61
C TYR D 138 -11.24 45.36 -4.21
N GLU D 139 -11.92 46.42 -3.80
CA GLU D 139 -11.66 47.75 -4.33
C GLU D 139 -10.29 48.28 -3.91
N LYS D 140 -9.76 47.76 -2.81
CA LYS D 140 -8.52 48.26 -2.21
C LYS D 140 -7.26 47.73 -2.92
N LEU D 141 -7.47 46.86 -3.90
CA LEU D 141 -6.38 46.20 -4.59
C LEU D 141 -5.97 46.95 -5.86
N LYS D 142 -6.81 47.90 -6.28
CA LYS D 142 -6.51 48.68 -7.49
C LYS D 142 -6.26 47.78 -8.71
N THR D 143 -6.91 46.62 -8.73
CA THR D 143 -6.67 45.62 -9.77
C THR D 143 -7.95 45.02 -10.31
N ASP D 144 -8.19 45.20 -11.61
CA ASP D 144 -9.33 44.58 -12.29
C ASP D 144 -9.18 43.06 -12.35
N ILE D 145 -10.11 42.32 -11.77
CA ILE D 145 -10.02 40.86 -11.76
C ILE D 145 -11.20 40.12 -12.43
N LYS D 146 -10.97 39.60 -13.64
CA LYS D 146 -11.96 38.79 -14.35
C LYS D 146 -11.62 37.30 -14.36
N VAL D 147 -12.55 36.47 -13.90
CA VAL D 147 -12.45 35.02 -14.03
C VAL D 147 -12.52 34.62 -15.49
N VAL D 148 -11.60 33.77 -15.92
CA VAL D 148 -11.55 33.28 -17.29
C VAL D 148 -12.49 32.07 -17.38
N ASP D 149 -13.15 31.90 -18.52
CA ASP D 149 -13.94 30.68 -18.73
C ASP D 149 -13.04 29.47 -18.55
N ARG D 150 -13.43 28.56 -17.67
CA ARG D 150 -12.71 27.31 -17.48
C ARG D 150 -12.73 26.53 -18.79
N ASP D 151 -13.75 26.79 -19.60
CA ASP D 151 -13.97 26.04 -20.83
C ASP D 151 -13.48 26.77 -22.07
N SER D 152 -12.68 27.82 -21.85
CA SER D 152 -12.22 28.66 -22.95
C SER D 152 -10.85 28.25 -23.47
N GLU D 153 -10.43 28.94 -24.52
CA GLU D 153 -9.14 28.70 -25.12
C GLU D 153 -8.03 29.18 -24.19
N GLU D 154 -8.23 30.36 -23.62
CA GLU D 154 -7.31 30.94 -22.63
C GLU D 154 -7.01 29.96 -21.50
N ALA D 155 -8.08 29.35 -20.99
CA ALA D 155 -7.95 28.34 -19.94
C ALA D 155 -7.14 27.15 -20.45
N GLU D 156 -7.41 26.74 -21.69
CA GLU D 156 -6.78 25.55 -22.26
C GLU D 156 -5.27 25.70 -22.43
N ILE D 157 -4.82 26.93 -22.64
CA ILE D 157 -3.38 27.17 -22.74
C ILE D 157 -2.75 27.17 -21.36
N ILE D 158 -3.43 27.74 -20.40
CA ILE D 158 -2.84 27.88 -19.08
C ILE D 158 -2.69 26.55 -18.35
N ARG D 159 -3.71 25.71 -18.40
CA ARG D 159 -3.54 24.37 -17.83
C ARG D 159 -2.42 23.60 -18.54
N LYS D 160 -2.37 23.69 -19.86
CA LYS D 160 -1.32 23.09 -20.66
C LYS D 160 0.01 23.56 -20.10
N TYR D 161 0.05 24.86 -19.75
CA TYR D 161 1.26 25.48 -19.21
C TYR D 161 1.59 24.82 -17.90
N VAL D 162 0.57 24.64 -17.08
CA VAL D 162 0.76 24.03 -15.78
C VAL D 162 1.12 22.55 -15.92
N LYS D 163 0.29 21.84 -16.67
CA LYS D 163 0.44 20.41 -16.94
C LYS D 163 1.86 19.99 -17.32
N ASN D 164 2.42 20.64 -18.35
CA ASN D 164 3.70 20.23 -18.91
C ASN D 164 4.92 20.66 -18.09
N THR D 165 4.89 21.89 -17.58
CA THR D 165 6.08 22.51 -16.99
C THR D 165 6.24 22.20 -15.50
N HIS D 166 5.47 21.25 -15.01
CA HIS D 166 5.76 20.68 -13.70
C HIS D 166 7.06 19.90 -13.86
N ALA D 167 7.84 19.81 -12.79
CA ALA D 167 9.20 19.32 -12.90
C ALA D 167 9.42 17.93 -12.31
N THR D 168 10.41 17.23 -12.86
CA THR D 168 10.81 15.90 -12.39
C THR D 168 11.24 15.91 -10.91
N THR D 169 12.02 16.92 -10.54
CA THR D 169 12.43 17.14 -9.16
C THR D 169 11.23 17.28 -8.23
N HIS D 170 10.45 18.32 -8.46
CA HIS D 170 9.48 18.80 -7.49
C HIS D 170 8.22 17.93 -7.36
N ASN D 171 8.28 16.69 -7.81
CA ASN D 171 7.07 15.86 -7.75
C ASN D 171 6.78 15.32 -6.35
N ALA D 172 7.06 16.15 -5.35
CA ALA D 172 6.49 15.95 -4.03
C ALA D 172 4.97 15.98 -4.17
N TYR D 173 4.50 16.80 -5.11
CA TYR D 173 3.07 17.08 -5.29
C TYR D 173 2.67 17.10 -6.76
N ASP D 174 1.36 17.12 -7.01
CA ASP D 174 0.84 17.38 -8.36
C ASP D 174 0.02 18.68 -8.33
N LEU D 175 0.17 19.46 -9.38
CA LEU D 175 -0.55 20.73 -9.45
C LEU D 175 -1.88 20.57 -10.17
N GLU D 176 -2.93 21.13 -9.59
CA GLU D 176 -4.24 21.10 -10.23
C GLU D 176 -4.90 22.48 -10.14
N VAL D 177 -5.13 23.09 -11.30
CA VAL D 177 -5.58 24.48 -11.36
C VAL D 177 -7.04 24.63 -10.99
N ILE D 178 -7.32 25.36 -9.92
CA ILE D 178 -8.71 25.62 -9.57
C ILE D 178 -9.26 26.77 -10.42
N ASP D 179 -9.00 28.01 -10.02
CA ASP D 179 -9.52 29.20 -10.73
C ASP D 179 -8.45 30.01 -11.49
N ILE D 180 -8.79 30.46 -12.70
CA ILE D 180 -7.90 31.30 -13.50
C ILE D 180 -8.41 32.73 -13.55
N PHE D 181 -7.62 33.66 -13.03
CA PHE D 181 -7.96 35.08 -13.10
C PHE D 181 -7.12 35.83 -14.10
N LYS D 182 -7.74 36.81 -14.77
CA LYS D 182 -7.02 37.74 -15.61
C LYS D 182 -6.98 39.04 -14.84
N ILE D 183 -5.85 39.75 -14.87
CA ILE D 183 -5.72 40.90 -13.99
C ILE D 183 -5.10 42.12 -14.66
N GLU D 184 -5.50 43.29 -14.20
CA GLU D 184 -4.85 44.54 -14.58
C GLU D 184 -4.59 45.39 -13.35
N ARG D 185 -3.37 45.32 -12.84
CA ARG D 185 -2.93 46.27 -11.85
C ARG D 185 -3.12 47.62 -12.48
N GLU D 186 -3.79 48.53 -11.76
CA GLU D 186 -3.98 49.87 -12.25
C GLU D 186 -2.65 50.59 -12.32
N GLY D 187 -2.42 51.25 -13.45
CA GLY D 187 -1.18 51.99 -13.59
C GLY D 187 -0.12 51.15 -14.23
N GLU D 188 -0.41 49.89 -14.52
CA GLU D 188 0.63 49.02 -15.05
C GLU D 188 0.77 49.05 -16.58
N CYS D 189 -0.30 49.38 -17.29
CA CYS D 189 -0.22 49.43 -18.75
C CYS D 189 0.89 50.37 -19.26
N GLN D 190 1.01 51.52 -18.61
CA GLN D 190 2.29 52.23 -18.50
C GLN D 190 2.30 52.41 -17.00
N ARG D 191 3.29 51.92 -16.23
CA ARG D 191 4.70 51.70 -16.58
C ARG D 191 5.11 50.90 -17.79
N TYR D 192 4.32 49.91 -18.19
CA TYR D 192 4.80 48.96 -19.18
C TYR D 192 5.06 49.57 -20.56
N LYS D 193 4.40 50.70 -20.87
CA LYS D 193 4.47 51.38 -22.19
C LYS D 193 5.83 51.22 -22.90
N PRO D 194 6.94 51.65 -22.25
CA PRO D 194 8.23 51.60 -22.95
C PRO D 194 8.67 50.19 -23.37
N PHE D 195 8.29 49.19 -22.58
CA PHE D 195 8.79 47.83 -22.77
C PHE D 195 7.84 46.94 -23.56
N LYS D 196 6.62 47.44 -23.72
CA LYS D 196 5.54 46.78 -24.48
C LYS D 196 5.98 46.35 -25.88
N GLN D 197 7.07 46.95 -26.40
CA GLN D 197 7.59 46.68 -27.75
C GLN D 197 9.02 46.15 -27.80
N LEU D 198 9.56 45.70 -26.67
CA LEU D 198 10.87 45.07 -26.69
C LEU D 198 10.71 43.65 -27.23
N HIS D 199 11.67 43.15 -27.97
CA HIS D 199 11.56 41.78 -28.44
C HIS D 199 11.67 40.78 -27.28
N ASN D 200 11.26 39.53 -27.53
CA ASN D 200 11.40 38.45 -26.55
C ASN D 200 10.63 38.70 -25.24
N ARG D 201 9.34 38.94 -25.38
CA ARG D 201 8.46 39.12 -24.25
C ARG D 201 7.82 37.77 -23.92
N ARG D 202 7.93 37.35 -22.66
CA ARG D 202 7.60 35.98 -22.31
C ARG D 202 6.61 35.93 -21.14
N LEU D 203 5.71 34.96 -21.16
CA LEU D 203 4.75 34.74 -20.07
C LEU D 203 5.30 33.74 -19.06
N LEU D 204 5.69 34.24 -17.90
CA LEU D 204 6.42 33.43 -16.94
C LEU D 204 5.72 33.32 -15.57
N TRP D 205 6.15 32.35 -14.76
CA TRP D 205 5.52 32.12 -13.47
C TRP D 205 6.14 32.97 -12.35
N HIS D 206 5.31 33.44 -11.44
CA HIS D 206 5.83 33.95 -10.18
C HIS D 206 5.05 33.41 -8.98
N GLY D 207 5.71 32.61 -8.16
CA GLY D 207 5.09 32.08 -6.96
C GLY D 207 5.43 32.94 -5.77
N SER D 208 4.58 32.88 -4.75
CA SER D 208 4.82 33.61 -3.51
C SER D 208 3.77 33.13 -2.52
N ARG D 209 3.99 33.38 -1.24
CA ARG D 209 3.02 32.99 -0.22
C ARG D 209 1.77 33.85 -0.31
N THR D 210 0.63 33.26 0.06
CA THR D 210 -0.69 33.87 -0.13
C THR D 210 -0.86 35.18 0.64
N THR D 211 -0.18 35.30 1.78
CA THR D 211 -0.26 36.52 2.57
C THR D 211 0.43 37.70 1.86
N ASN D 212 1.05 37.44 0.72
CA ASN D 212 1.77 38.47 -0.02
C ASN D 212 0.96 39.18 -1.11
N PHE D 213 -0.04 38.48 -1.65
CA PHE D 213 -0.74 38.97 -2.85
C PHE D 213 -1.52 40.28 -2.69
N ALA D 214 -1.90 40.63 -1.47
CA ALA D 214 -2.50 41.93 -1.20
C ALA D 214 -1.50 43.04 -1.51
N GLY D 215 -0.23 42.77 -1.20
CA GLY D 215 0.84 43.70 -1.50
C GLY D 215 1.23 43.63 -2.95
N ILE D 216 1.27 42.43 -3.51
CA ILE D 216 1.71 42.26 -4.88
C ILE D 216 0.74 42.97 -5.80
N LEU D 217 -0.54 42.64 -5.65
CA LEU D 217 -1.58 43.22 -6.49
C LEU D 217 -1.70 44.73 -6.30
N SER D 218 -1.63 45.21 -5.07
CA SER D 218 -1.79 46.65 -4.81
C SER D 218 -0.58 47.49 -5.25
N GLN D 219 0.59 46.84 -5.39
CA GLN D 219 1.84 47.58 -5.62
C GLN D 219 2.76 47.07 -6.73
N GLY D 220 2.49 45.88 -7.23
CA GLY D 220 3.33 45.34 -8.28
C GLY D 220 4.35 44.42 -7.67
N LEU D 221 5.05 43.65 -8.50
CA LEU D 221 6.16 42.88 -7.98
C LEU D 221 7.25 43.87 -7.61
N ARG D 222 7.96 43.59 -6.54
CA ARG D 222 8.89 44.58 -6.03
C ARG D 222 10.32 44.07 -5.97
N ILE D 223 11.27 44.98 -6.10
CA ILE D 223 12.68 44.66 -6.10
C ILE D 223 13.21 44.94 -4.71
N ALA D 224 14.01 44.03 -4.16
CA ALA D 224 14.59 44.16 -2.82
C ALA D 224 15.32 45.50 -2.63
N PRO D 225 15.22 46.08 -1.42
CA PRO D 225 15.81 47.40 -1.13
C PRO D 225 17.28 47.29 -0.69
N PRO D 226 18.03 48.40 -0.79
CA PRO D 226 19.45 48.45 -0.40
C PRO D 226 19.73 47.90 1.00
N GLU D 227 18.80 48.13 1.93
CA GLU D 227 18.91 47.70 3.32
C GLU D 227 19.20 46.21 3.48
N ALA D 228 18.25 45.39 3.03
CA ALA D 228 18.33 43.94 3.20
C ALA D 228 19.60 43.36 2.56
N PRO D 229 20.07 42.22 3.10
CA PRO D 229 21.28 41.55 2.57
C PRO D 229 21.12 41.16 1.11
N VAL D 230 22.16 40.56 0.53
CA VAL D 230 22.10 40.14 -0.87
C VAL D 230 22.19 38.60 -1.01
N THR D 231 22.03 37.90 0.11
CA THR D 231 22.17 36.44 0.14
C THR D 231 20.97 35.75 -0.52
N GLY D 232 21.22 34.61 -1.16
CA GLY D 232 20.17 33.84 -1.80
C GLY D 232 19.81 34.34 -3.19
N TYR D 233 19.88 35.65 -3.38
CA TYR D 233 19.72 36.24 -4.70
C TYR D 233 20.81 35.71 -5.59
N MET D 234 20.52 34.62 -6.27
CA MET D 234 21.51 34.06 -7.14
C MET D 234 21.99 35.12 -8.12
N PHE D 235 21.08 35.99 -8.58
CA PHE D 235 21.44 37.01 -9.57
C PHE D 235 21.09 38.42 -9.11
N GLY D 236 21.44 38.76 -7.87
CA GLY D 236 21.23 40.10 -7.36
C GLY D 236 19.77 40.47 -7.13
N LYS D 237 19.55 41.70 -6.68
CA LYS D 237 18.21 42.19 -6.39
C LYS D 237 17.42 42.53 -7.67
N GLY D 238 16.50 41.64 -8.05
CA GLY D 238 15.60 41.90 -9.15
C GLY D 238 14.30 41.16 -8.94
N ILE D 239 13.50 41.05 -9.99
CA ILE D 239 12.27 40.28 -9.91
C ILE D 239 12.50 38.99 -10.63
N TYR D 240 12.20 37.88 -9.98
CA TYR D 240 12.58 36.56 -10.47
C TYR D 240 11.38 35.80 -11.04
N PHE D 241 11.59 35.12 -12.16
CA PHE D 241 10.54 34.30 -12.74
C PHE D 241 11.07 32.92 -13.14
N ALA D 242 10.15 31.98 -13.34
CA ALA D 242 10.50 30.62 -13.82
C ALA D 242 9.58 30.24 -14.98
N ASP D 243 9.97 29.24 -15.78
CA ASP D 243 9.09 28.75 -16.84
C ASP D 243 8.57 27.37 -16.51
N MET D 244 9.20 26.75 -15.51
CA MET D 244 8.66 25.55 -14.91
C MET D 244 7.74 25.99 -13.80
N VAL D 245 6.44 25.73 -13.93
CA VAL D 245 5.48 26.14 -12.91
C VAL D 245 5.88 25.68 -11.49
N SER D 246 6.46 24.50 -11.41
CA SER D 246 6.85 23.87 -10.15
C SER D 246 7.88 24.71 -9.42
N LYS D 247 8.85 25.21 -10.17
CA LYS D 247 9.98 25.97 -9.63
C LYS D 247 9.44 27.13 -8.85
N SER D 248 8.44 27.78 -9.45
CA SER D 248 7.71 28.91 -8.87
C SER D 248 6.69 28.49 -7.81
N ALA D 249 6.04 27.37 -8.05
CA ALA D 249 5.05 26.84 -7.12
C ALA D 249 5.67 26.67 -5.76
N ASN D 250 6.89 26.16 -5.73
CA ASN D 250 7.59 25.93 -4.48
C ASN D 250 7.58 27.12 -3.49
N TYR D 251 7.50 28.33 -4.01
CA TYR D 251 7.54 29.51 -3.15
C TYR D 251 6.17 29.92 -2.64
N CYS D 252 5.15 29.15 -3.02
CA CYS D 252 3.81 29.34 -2.46
C CYS D 252 3.78 28.91 -1.01
N HIS D 253 4.61 27.93 -0.67
CA HIS D 253 4.67 27.39 0.68
C HIS D 253 3.33 26.85 1.18
N THR D 254 3.03 25.63 0.74
CA THR D 254 1.79 24.95 1.06
C THR D 254 2.14 23.56 1.56
N SER D 255 1.42 23.12 2.59
CA SER D 255 1.58 21.77 3.15
C SER D 255 0.29 20.98 2.95
N GLN D 256 0.26 19.73 3.38
CA GLN D 256 -1.00 18.98 3.32
C GLN D 256 -2.08 19.69 4.14
N GLY D 257 -1.71 20.25 5.29
CA GLY D 257 -2.64 20.94 6.15
C GLY D 257 -3.31 22.13 5.46
N ASP D 258 -2.60 22.75 4.52
CA ASP D 258 -3.15 23.82 3.70
C ASP D 258 -2.55 23.77 2.31
N PRO D 259 -3.33 23.28 1.35
CA PRO D 259 -2.84 22.95 0.00
C PRO D 259 -3.27 23.93 -1.08
N ILE D 260 -3.69 25.14 -0.71
CA ILE D 260 -4.19 26.11 -1.69
C ILE D 260 -3.29 27.35 -1.79
N GLY D 261 -2.59 27.45 -2.93
CA GLY D 261 -1.67 28.55 -3.16
C GLY D 261 -2.04 29.39 -4.37
N LEU D 262 -1.40 30.55 -4.49
CA LEU D 262 -1.63 31.44 -5.61
C LEU D 262 -0.32 31.65 -6.36
N ILE D 263 -0.40 31.67 -7.68
CA ILE D 263 0.77 31.86 -8.50
C ILE D 263 0.46 32.87 -9.59
N LEU D 264 1.47 33.62 -10.00
CA LEU D 264 1.29 34.69 -10.98
C LEU D 264 1.80 34.32 -12.38
N LEU D 265 1.08 34.73 -13.41
CA LEU D 265 1.62 34.69 -14.76
C LEU D 265 1.87 36.12 -15.20
N GLY D 266 3.13 36.49 -15.34
CA GLY D 266 3.46 37.83 -15.77
C GLY D 266 4.04 37.90 -17.16
N GLU D 267 3.64 38.91 -17.93
CA GLU D 267 4.31 39.16 -19.20
C GLU D 267 5.56 39.94 -18.83
N VAL D 268 6.72 39.39 -19.14
CA VAL D 268 7.95 40.09 -18.79
C VAL D 268 8.80 40.33 -20.02
N ALA D 269 9.33 41.54 -20.12
CA ALA D 269 10.06 41.95 -21.32
C ALA D 269 11.55 41.74 -21.14
N LEU D 270 12.06 40.64 -21.64
CA LEU D 270 13.43 40.23 -21.32
C LEU D 270 14.46 40.96 -22.17
N GLY D 271 14.11 41.20 -23.42
CA GLY D 271 15.01 41.91 -24.31
C GLY D 271 16.08 40.93 -24.70
N ASN D 272 17.32 41.42 -24.82
CA ASN D 272 18.46 40.52 -24.97
C ASN D 272 18.93 40.08 -23.60
N MET D 273 18.91 38.77 -23.38
CA MET D 273 19.17 38.20 -22.07
C MET D 273 20.66 38.00 -21.84
N TYR D 274 21.17 38.50 -20.72
CA TYR D 274 22.52 38.18 -20.27
C TYR D 274 22.47 36.76 -19.68
N GLU D 275 22.80 35.78 -20.52
CA GLU D 275 22.71 34.40 -20.14
C GLU D 275 23.84 33.98 -19.19
N LEU D 276 23.45 33.53 -18.00
CA LEU D 276 24.42 33.16 -17.00
C LEU D 276 24.28 31.69 -16.62
N LYS D 277 25.43 31.04 -16.42
CA LYS D 277 25.50 29.62 -16.07
C LYS D 277 25.54 29.46 -14.54
N HIS D 278 26.13 30.43 -13.86
CA HIS D 278 26.31 30.34 -12.42
C HIS D 278 26.05 31.68 -11.76
N ALA D 279 25.89 31.68 -10.44
CA ALA D 279 25.54 32.88 -9.71
C ALA D 279 26.38 34.11 -10.08
N SER D 280 25.74 35.27 -10.07
CA SER D 280 26.41 36.56 -10.25
C SER D 280 25.55 37.69 -9.68
N HIS D 281 26.09 38.50 -8.77
CA HIS D 281 25.29 39.59 -8.20
C HIS D 281 25.27 40.82 -9.11
N ILE D 282 24.34 40.85 -10.05
CA ILE D 282 24.18 41.99 -10.96
C ILE D 282 23.82 43.27 -10.24
N SER D 283 24.69 44.27 -10.30
CA SER D 283 24.34 45.64 -9.91
C SER D 283 23.88 46.40 -11.12
N LYS D 284 24.68 46.32 -12.18
CA LYS D 284 24.40 46.99 -13.45
C LYS D 284 24.66 46.01 -14.58
N LEU D 285 23.59 45.63 -15.25
CA LEU D 285 23.60 44.69 -16.34
C LEU D 285 24.57 45.18 -17.39
N PRO D 286 25.13 44.28 -18.19
CA PRO D 286 25.96 44.75 -19.30
C PRO D 286 25.12 45.63 -20.23
N LYS D 287 25.68 46.74 -20.71
CA LYS D 287 24.95 47.66 -21.58
C LYS D 287 24.41 46.90 -22.79
N GLY D 288 23.15 47.10 -23.11
CA GLY D 288 22.54 46.44 -24.26
C GLY D 288 21.77 45.16 -23.95
N LYS D 289 21.89 44.71 -22.70
CA LYS D 289 21.18 43.53 -22.22
C LYS D 289 20.03 44.09 -21.41
N HIS D 290 18.95 43.33 -21.25
CA HIS D 290 17.82 43.87 -20.45
C HIS D 290 17.37 42.96 -19.28
N SER D 291 17.47 41.66 -19.47
CA SER D 291 17.20 40.74 -18.39
C SER D 291 18.44 39.85 -18.13
N VAL D 292 18.27 38.90 -17.21
CA VAL D 292 19.23 37.85 -16.98
C VAL D 292 18.46 36.55 -17.11
N LYS D 293 19.04 35.60 -17.84
CA LYS D 293 18.51 34.25 -17.87
C LYS D 293 19.49 33.33 -17.12
N GLY D 294 18.99 32.55 -16.16
CA GLY D 294 19.79 31.49 -15.59
C GLY D 294 19.54 30.23 -16.38
N LEU D 295 20.59 29.65 -16.96
CA LEU D 295 20.39 28.46 -17.80
C LEU D 295 20.22 27.24 -16.93
N GLY D 296 19.12 26.53 -17.10
CA GLY D 296 18.88 25.33 -16.32
C GLY D 296 19.29 24.11 -17.12
N LYS D 297 19.62 23.02 -16.43
CA LYS D 297 19.89 21.74 -17.09
C LYS D 297 18.70 21.42 -18.00
N THR D 298 17.50 21.41 -17.42
CA THR D 298 16.28 21.14 -18.16
C THR D 298 15.54 22.42 -18.61
N THR D 299 14.91 22.35 -19.77
CA THR D 299 14.20 23.48 -20.37
C THR D 299 12.83 23.04 -20.92
N PRO D 300 11.83 23.93 -20.89
CA PRO D 300 10.60 23.58 -21.62
C PRO D 300 10.92 23.54 -23.11
N ASP D 301 10.36 22.58 -23.84
CA ASP D 301 10.80 22.31 -25.22
C ASP D 301 10.55 23.46 -26.19
N PRO D 302 11.62 24.14 -26.65
CA PRO D 302 11.50 25.26 -27.59
C PRO D 302 10.70 24.93 -28.85
N SER D 303 10.78 23.70 -29.35
CA SER D 303 9.99 23.35 -30.53
C SER D 303 8.53 23.08 -30.17
N ALA D 304 8.08 23.72 -29.09
CA ALA D 304 6.68 23.67 -28.66
C ALA D 304 6.26 24.96 -27.95
N ASN D 305 7.00 26.03 -28.19
CA ASN D 305 6.58 27.35 -27.75
C ASN D 305 5.27 27.73 -28.42
N ILE D 306 4.48 28.52 -27.72
CA ILE D 306 3.16 28.92 -28.19
C ILE D 306 3.06 30.43 -28.12
N SER D 307 2.26 31.04 -28.99
CA SER D 307 2.10 32.50 -28.97
C SER D 307 0.64 32.93 -28.77
N LEU D 308 0.42 33.84 -27.83
CA LEU D 308 -0.86 34.55 -27.72
C LEU D 308 -0.62 35.97 -27.19
N ASP D 309 -1.33 36.96 -27.75
CA ASP D 309 -1.07 38.38 -27.47
C ASP D 309 0.36 38.73 -27.88
N GLY D 310 0.94 37.91 -28.76
CA GLY D 310 2.32 38.10 -29.20
C GLY D 310 3.37 37.59 -28.21
N VAL D 311 2.92 37.29 -26.99
CA VAL D 311 3.83 36.86 -25.94
C VAL D 311 4.12 35.37 -26.06
N ASP D 312 5.39 35.01 -26.02
CA ASP D 312 5.79 33.62 -26.03
C ASP D 312 5.37 32.92 -24.74
N VAL D 313 4.84 31.71 -24.89
CA VAL D 313 4.52 30.87 -23.75
C VAL D 313 5.14 29.52 -23.92
N PRO D 314 6.20 29.23 -23.14
CA PRO D 314 6.93 27.97 -23.22
C PRO D 314 6.24 26.90 -22.40
N LEU D 315 5.29 26.19 -22.99
CA LEU D 315 4.67 25.07 -22.30
C LEU D 315 5.14 23.77 -22.93
N GLY D 316 6.26 23.85 -23.66
CA GLY D 316 6.94 22.66 -24.13
C GLY D 316 7.32 21.79 -22.93
N THR D 317 7.12 20.49 -23.07
CA THR D 317 7.37 19.53 -21.99
C THR D 317 8.83 19.57 -21.49
N GLY D 318 9.00 19.54 -20.16
CA GLY D 318 10.32 19.60 -19.56
C GLY D 318 11.26 18.51 -20.07
N ILE D 319 12.20 18.92 -20.92
CA ILE D 319 13.19 17.99 -21.47
C ILE D 319 14.58 18.65 -21.58
N SER D 320 15.60 17.93 -21.14
CA SER D 320 16.95 18.49 -20.99
C SER D 320 17.51 19.15 -22.25
N SER D 321 17.95 20.40 -22.10
CA SER D 321 18.57 21.13 -23.21
C SER D 321 20.04 20.77 -23.39
N GLY D 322 20.78 21.66 -24.04
CA GLY D 322 22.17 21.42 -24.37
C GLY D 322 23.17 21.99 -23.36
N VAL D 323 22.82 21.89 -22.09
CA VAL D 323 23.70 22.33 -21.03
C VAL D 323 23.58 21.37 -19.87
N ASN D 324 24.72 21.08 -19.24
CA ASN D 324 24.71 20.73 -17.82
C ASN D 324 25.96 21.22 -17.12
N ASP D 325 26.60 22.24 -17.69
CA ASP D 325 27.61 23.02 -16.97
C ASP D 325 27.01 24.25 -16.27
N THR D 326 25.89 24.04 -15.56
CA THR D 326 25.20 25.11 -14.83
C THR D 326 24.81 24.66 -13.43
N SER D 327 24.81 25.60 -12.48
CA SER D 327 24.28 25.34 -11.12
C SER D 327 22.76 25.36 -11.03
N LEU D 328 22.06 25.60 -12.14
CA LEU D 328 20.59 25.60 -12.13
C LEU D 328 20.00 24.29 -12.63
N LEU D 329 19.08 23.73 -11.86
CA LEU D 329 18.30 22.60 -12.34
C LEU D 329 17.37 23.08 -13.46
N TYR D 330 16.61 24.14 -13.19
CA TYR D 330 15.66 24.70 -14.15
C TYR D 330 15.93 26.16 -14.43
N ASN D 331 15.22 26.70 -15.43
CA ASN D 331 15.46 28.06 -15.89
C ASN D 331 15.03 29.11 -14.87
N GLU D 332 15.49 30.33 -15.08
CA GLU D 332 15.33 31.40 -14.13
C GLU D 332 15.44 32.76 -14.83
N TYR D 333 14.44 33.63 -14.68
CA TYR D 333 14.49 34.94 -15.33
C TYR D 333 14.39 36.11 -14.36
N ILE D 334 15.31 37.05 -14.52
CA ILE D 334 15.41 38.17 -13.58
C ILE D 334 15.34 39.47 -14.38
N VAL D 335 14.69 40.50 -13.84
CA VAL D 335 14.75 41.83 -14.45
C VAL D 335 14.91 42.86 -13.36
N TYR D 336 15.64 43.93 -13.67
CA TYR D 336 16.12 44.85 -12.63
C TYR D 336 15.44 46.22 -12.69
N ASP D 337 14.32 46.29 -13.42
CA ASP D 337 13.39 47.40 -13.39
C ASP D 337 11.98 46.82 -13.29
N ILE D 338 11.18 47.33 -12.36
CA ILE D 338 9.82 46.82 -12.18
C ILE D 338 8.92 47.10 -13.40
N ALA D 339 9.30 48.08 -14.20
CA ALA D 339 8.54 48.44 -15.38
C ALA D 339 8.48 47.35 -16.44
N GLN D 340 9.41 46.39 -16.40
CA GLN D 340 9.50 45.37 -17.45
C GLN D 340 8.52 44.23 -17.26
N VAL D 341 7.68 44.34 -16.24
CA VAL D 341 6.74 43.28 -15.89
C VAL D 341 5.27 43.73 -15.96
N ASN D 342 4.47 43.00 -16.71
CA ASN D 342 3.04 43.25 -16.77
C ASN D 342 2.24 42.01 -16.38
N LEU D 343 1.82 41.96 -15.11
CA LEU D 343 1.06 40.82 -14.58
C LEU D 343 -0.19 40.55 -15.42
N LYS D 344 -0.32 39.33 -15.93
CA LYS D 344 -1.41 39.01 -16.83
C LYS D 344 -2.41 38.04 -16.20
N TYR D 345 -1.90 37.05 -15.48
CA TYR D 345 -2.81 36.09 -14.87
C TYR D 345 -2.49 35.83 -13.42
N LEU D 346 -3.50 35.36 -12.71
CA LEU D 346 -3.33 34.88 -11.34
C LEU D 346 -4.08 33.56 -11.26
N LEU D 347 -3.42 32.54 -10.73
CA LEU D 347 -4.03 31.21 -10.59
C LEU D 347 -4.19 30.77 -9.12
N LYS D 348 -5.31 30.10 -8.81
CA LYS D 348 -5.58 29.50 -7.49
C LYS D 348 -5.23 28.01 -7.57
N LEU D 349 -4.07 27.63 -7.07
CA LEU D 349 -3.56 26.27 -7.30
C LEU D 349 -3.78 25.31 -6.13
N LYS D 350 -4.08 24.05 -6.44
CA LYS D 350 -4.17 23.02 -5.42
C LYS D 350 -2.95 22.12 -5.50
N PHE D 351 -2.41 21.75 -4.34
CA PHE D 351 -1.32 20.79 -4.30
C PHE D 351 -1.85 19.41 -3.82
N ASN D 352 -1.28 18.35 -4.37
CA ASN D 352 -1.65 16.98 -4.01
C ASN D 352 -0.41 16.20 -3.59
N PHE D 353 0.04 16.40 -2.36
CA PHE D 353 1.25 15.75 -1.88
C PHE D 353 1.10 14.23 -1.84
N LYS D 354 2.20 13.52 -2.10
CA LYS D 354 2.19 12.08 -2.23
C LYS D 354 2.94 11.40 -1.09
OAC 15S E . -13.58 5.81 22.33
CAX 15S E . -14.24 4.64 22.53
NAU 15S E . -13.86 3.61 21.46
CAS 15S E . -14.14 2.25 21.89
CBG 15S E . -13.31 1.94 23.13
CBE 15S E . -13.75 2.83 24.27
CBD 15S E . -14.16 4.13 23.95
CAI 15S E . -14.57 5.01 25.06
CAG 15S E . -14.54 4.55 26.35
CAH 15S E . -14.12 3.25 26.66
CBC 15S E . -13.70 2.37 25.57
CAP 15S E . -13.23 1.02 25.90
CAR 15S E . -13.51 0.02 24.85
NBI 15S E . -13.19 0.44 23.47
CAT 15S E . -12.36 -0.48 22.76
CAW 15S E . -13.09 -1.55 21.98
OAB 15S E . -12.47 -2.18 21.13
N 15S E . -14.49 -1.79 22.26
CA 15S E . -15.28 -2.77 21.59
CB 15S E . -16.38 -3.12 22.46
C 15S E . -15.82 -2.18 20.26
O 15S E . -15.52 -1.10 19.93
NBH 15S E . -16.69 -2.91 19.38
CAQ 15S E . -17.16 -2.27 18.14
CAO 15S E . -17.03 -3.13 16.94
CAN 15S E . -17.15 -4.25 19.57
CAF 15S E . -16.47 -5.10 18.55
CAY 15S E . -16.54 -4.52 17.13
CBB 15S E . -17.47 -5.36 16.23
CAL 15S E . -18.87 -5.20 16.30
CAJ 15S E . -19.69 -5.94 15.46
CBA 15S E . -19.15 -6.84 14.54
FAE 15S E . -19.94 -7.54 13.77
CAK 15S E . -17.77 -6.99 14.48
CAM 15S E . -16.92 -6.22 15.32
S SO4 F . -9.18 4.33 32.14
O1 SO4 F . -8.35 4.86 31.02
O2 SO4 F . -9.92 3.14 31.69
O3 SO4 F . -10.16 5.34 32.54
O4 SO4 F . -8.40 3.92 33.31
OAC 15S G . 24.62 8.46 0.35
CAX 15S G . 24.73 7.89 -0.85
NAU 15S G . 23.57 6.90 -1.07
CAS 15S G . 23.41 6.59 -2.50
CBG 15S G . 23.08 7.88 -3.27
CBE 15S G . 24.18 8.90 -3.11
CBD 15S G . 24.94 8.90 -1.93
CAI 15S G . 26.02 9.89 -1.78
CAG 15S G . 26.25 10.81 -2.79
CAH 15S G . 25.48 10.83 -3.98
CBC 15S G . 24.41 9.83 -4.10
CAP 15S G . 23.59 9.83 -5.33
CAR 15S G . 23.28 8.45 -5.75
NBI 15S G . 22.58 7.68 -4.72
CAT 15S G . 21.17 7.68 -4.95
CAW 15S G . 20.64 6.35 -5.45
OAB 15S G . 19.47 5.99 -5.35
N 15S G . 21.65 5.52 -6.03
CA 15S G . 21.21 4.28 -6.51
CB 15S G . 20.62 4.53 -7.81
C 15S G . 22.47 3.39 -6.59
O 15S G . 23.49 3.81 -6.18
NBH 15S G . 22.42 2.05 -7.16
CAQ 15S G . 23.65 1.24 -7.21
CAO 15S G . 23.49 -0.02 -6.46
CAN 15S G . 21.28 1.39 -7.71
CAF 15S G . 20.94 0.24 -6.83
CAY 15S G . 22.13 -0.61 -6.45
CBB 15S G . 22.15 -1.86 -7.33
CAL 15S G . 23.34 -2.60 -7.51
CAJ 15S G . 23.32 -3.74 -8.29
CBA 15S G . 22.14 -4.14 -8.90
FAE 15S G . 22.12 -5.21 -9.65
CAK 15S G . 20.99 -3.40 -8.72
CAM 15S G . 21.00 -2.25 -7.92
S SO4 H . 23.72 18.23 -4.05
O1 SO4 H . 23.90 17.24 -5.12
O2 SO4 H . 25.03 18.54 -3.50
O3 SO4 H . 23.17 19.41 -4.71
O4 SO4 H . 22.84 17.74 -2.95
OAC 15S I . -15.84 -38.43 -6.21
CAX 15S I . -14.94 -39.05 -7.01
NAU 15S I . -13.78 -38.09 -7.24
CAS 15S I . -12.66 -38.75 -7.91
CBG 15S I . -12.14 -39.94 -7.05
CBE 15S I . -13.24 -40.87 -6.58
CBD 15S I . -14.56 -40.43 -6.52
CAI 15S I . -15.59 -41.36 -6.04
CAG 15S I . -15.26 -42.64 -5.63
CAH 15S I . -13.92 -43.08 -5.66
CBC 15S I . -12.90 -42.14 -6.15
CAP 15S I . -11.48 -42.59 -6.19
CAR 15S I . -10.74 -42.07 -7.35
NBI 15S I . -10.87 -40.63 -7.59
CAT 15S I . -9.63 -39.93 -7.54
CAW 15S I . -8.85 -39.85 -8.84
OAB 15S I . -8.02 -38.97 -9.02
N 15S I . -9.13 -40.87 -9.84
CA 15S I . -8.44 -40.93 -11.07
CB 15S I . -8.24 -42.32 -11.34
C 15S I . -9.29 -40.38 -12.23
O 15S I . -10.25 -41.00 -12.51
NBH 15S I . -8.92 -39.17 -12.95
CAQ 15S I . -9.76 -38.69 -14.08
CAO 15S I . -9.02 -38.11 -15.23
CAN 15S I . -7.76 -38.37 -12.66
CAF 15S I . -7.04 -37.85 -13.87
CAY 15S I . -7.60 -38.45 -15.13
CBB 15S I . -6.81 -38.13 -16.42
CAL 15S I . -7.47 -37.95 -17.66
CAJ 15S I . -6.75 -37.68 -18.80
CBA 15S I . -5.38 -37.58 -18.75
FAE 15S I . -4.68 -37.33 -19.82
CAK 15S I . -4.72 -37.76 -17.55
CAM 15S I . -5.46 -38.05 -16.37
OAC 15S J . 8.15 32.13 -8.32
CAX 15S J . 9.04 33.07 -7.96
NAU 15S J . 8.93 33.57 -6.52
CAS 15S J . 10.06 34.41 -6.13
CBG 15S J . 11.28 33.48 -6.15
CBE 15S J . 11.55 32.85 -7.49
CBD 15S J . 10.44 32.64 -8.33
CAI 15S J . 10.68 32.01 -9.62
CAG 15S J . 11.96 31.66 -9.98
CAH 15S J . 13.06 31.87 -9.11
CBC 15S J . 12.82 32.48 -7.82
CAP 15S J . 13.97 32.69 -6.92
CAR 15S J . 13.81 34.01 -6.29
NBI 15S J . 12.55 34.03 -5.52
CAT 15S J . 12.70 33.76 -4.13
CAW 15S J . 12.41 35.06 -3.47
OAB 15S J . 11.37 35.64 -3.70
N 15S J . 13.46 35.55 -2.64
CA 15S J . 13.28 36.80 -2.00
CB 15S J . 14.38 37.02 -1.11
C 15S J . 13.12 37.88 -3.13
O 15S J . 13.74 37.75 -4.14
NBH 15S J . 12.17 39.01 -2.96
CAQ 15S J . 11.95 40.07 -3.97
CAO 15S J . 11.09 41.25 -3.56
CAN 15S J . 11.45 39.14 -1.74
CAF 15S J . 11.63 40.53 -1.24
CAY 15S J . 10.82 41.45 -2.11
CBB 15S J . 10.96 42.91 -1.59
CAL 15S J . 10.84 44.00 -2.47
CAJ 15S J . 10.97 45.29 -1.98
CBA 15S J . 11.19 45.51 -0.62
FAE 15S J . 11.31 46.71 -0.16
CAK 15S J . 11.30 44.43 0.24
CAM 15S J . 11.18 43.11 -0.26
S SO4 K . 16.94 25.22 -9.31
O1 SO4 K . 16.81 25.54 -10.72
O2 SO4 K . 17.96 24.18 -9.16
O3 SO4 K . 17.42 26.40 -8.60
O4 SO4 K . 15.62 24.77 -8.80
#